data_6UR8
#
_entry.id   6UR8
#
_cell.length_a   1.00
_cell.length_b   1.00
_cell.length_c   1.00
_cell.angle_alpha   90.00
_cell.angle_beta   90.00
_cell.angle_gamma   90.00
#
_symmetry.space_group_name_H-M   'P 1'
#
loop_
_entity.id
_entity.type
_entity.pdbx_description
1 polymer 'Chimera of soluble cytochrome b562 (BRIL) and neuronal acetylcholine receptor subunit alpha-4'
2 polymer 'Neuronal acetylcholine receptor subunit beta-2'
3 non-polymer 2-acetamido-2-deoxy-beta-D-glucopyranose
4 non-polymer VARENICLINE
5 non-polymer beta-D-mannopyranose
#
loop_
_entity_poly.entity_id
_entity_poly.type
_entity_poly.pdbx_seq_one_letter_code
_entity_poly.pdbx_strand_id
1 'polypeptide(L)'
;SSHVETRAHAEERLLKKLFSGYNKWSRPVANISDVVLVRFGLSIAQLIDVDEKNQMMTTNVWVKQEWHDYKLRWDPADYE
NVTSIRIPSELIWRPDIVLYNNADGDFAVTHLTKAHLFHDGRVQWTPPAIYKSSCSIDVTFFPFDQQNCTMKFGSWTYDK
AKIDLVNMHSRVDQLDFWESGEWVIVDAVGTYNTRKYECCAEIYPDITYAFVIRRLPLFYTINLIIPCLLISCLTVLVFY
LPSECGEKITLCISVLLSLTVFLLLITEIIPSTSLVIPLIGEYLLFTMIFVTLSIVITVFVLNVHHRSPRTHTMPTWVRR
VFLDIVPRLLLMKRPSVVDTDFADLEDNWETLNDNLKVIEKADNAAQVKDALTKMRAAALDAQKATPPKLEDKSPDSPEM
KDFRHGFDILVGQIDDALKLANEGKVKEAQAAAEQLKTTRNAYIQKYLEDWKYVAMVIDRIFLWMFIIVCLLGTVGLFLP
PWLAGMI
;
A,D
2 'polypeptide(L)'
;TDTEERLVEHLLDPSRYNKLIRPATNGSELVTVQLMVSLAQLISVHEREQIMTTNVWLTQEWEDYRLTWKPEEFDNMKKV
RLPSKHIWLPDVVLYNNADGMYEVSFYSNAVVSYDGSIFWLPPAIYKSACKIEVKHFPFDQQNCTMKFRSWTYDRTEIDL
VLKSEVASLDDFTPSGEWDIVALPGRRNENPDDSTYVDITYDFIIRRKPLFYTINLIIPCVLITSLAILVFYLPSDCGEK
MTLCISVLLALTVFLLLISKIVPPTSLDVPLVGKYLMFTMVLVTFSIVTSVCVLNVHHRSPTTHTMAPWVKVVFLEKLPA
LLFMQQDDDQSVSEDWKYVAMVIDRLFLWIFVFVCVFGTIGMFLQPLFQNYTTTTFLHSDHSAPSSKSAWSHPQFEK
;
B,C,E
#
# COMPACT_ATOMS: atom_id res chain seq x y z
N GLU A 5 -2.42 56.13 25.84
CA GLU A 5 -3.72 56.50 25.30
C GLU A 5 -4.34 55.33 24.55
N THR A 6 -3.64 54.85 23.52
CA THR A 6 -4.15 53.76 22.72
C THR A 6 -4.18 52.47 23.51
N ARG A 7 -5.23 51.67 23.31
CA ARG A 7 -5.35 50.38 23.98
C ARG A 7 -4.10 49.55 23.75
N ALA A 8 -3.51 49.63 22.56
CA ALA A 8 -2.34 48.82 22.24
C ALA A 8 -1.15 49.19 23.11
N HIS A 9 -0.98 50.51 23.37
CA HIS A 9 0.14 51.03 24.19
C HIS A 9 0.06 50.53 25.64
N ALA A 10 -1.13 50.59 26.25
CA ALA A 10 -1.36 50.04 27.58
C ALA A 10 -1.18 48.54 27.59
N GLU A 11 -1.64 47.88 26.52
CA GLU A 11 -1.47 46.44 26.40
C GLU A 11 0.01 46.06 26.41
N GLU A 12 0.84 46.80 25.68
CA GLU A 12 2.28 46.57 25.75
C GLU A 12 2.80 46.74 27.16
N ARG A 13 2.49 47.87 27.79
CA ARG A 13 3.04 48.15 29.11
C ARG A 13 2.71 47.03 30.07
N LEU A 14 1.46 46.56 30.04
CA LEU A 14 1.06 45.44 30.87
C LEU A 14 1.87 44.19 30.56
N LEU A 15 1.85 43.77 29.29
CA LEU A 15 2.55 42.56 28.89
C LEU A 15 4.02 42.60 29.25
N LYS A 16 4.62 43.79 29.22
CA LYS A 16 6.03 43.95 29.56
C LYS A 16 6.24 43.90 31.07
N LYS A 17 5.26 44.36 31.85
CA LYS A 17 5.39 44.29 33.29
C LYS A 17 5.23 42.85 33.80
N LEU A 18 4.35 42.07 33.15
CA LEU A 18 4.05 40.74 33.68
C LEU A 18 5.24 39.80 33.55
N PHE A 19 5.94 39.83 32.42
CA PHE A 19 6.98 38.85 32.10
C PHE A 19 8.37 39.39 32.40
N SER A 20 8.52 40.17 33.48
CA SER A 20 9.83 40.63 33.88
C SER A 20 10.55 39.58 34.72
N GLY A 21 9.91 39.10 35.79
CA GLY A 21 10.52 38.14 36.68
C GLY A 21 9.77 36.83 36.77
N TYR A 22 9.30 36.32 35.63
CA TYR A 22 8.53 35.08 35.60
C TYR A 22 9.42 33.91 35.21
N ASN A 23 9.13 32.74 35.77
CA ASN A 23 9.87 31.52 35.51
C ASN A 23 8.87 30.43 35.14
N LYS A 24 8.95 29.96 33.89
CA LYS A 24 8.01 28.95 33.41
C LYS A 24 7.99 27.73 34.33
N TRP A 25 9.16 27.16 34.57
CA TRP A 25 9.29 25.87 35.26
C TRP A 25 8.98 25.96 36.74
N SER A 26 8.50 27.09 37.25
CA SER A 26 8.10 27.22 38.64
C SER A 26 6.59 27.06 38.76
N ARG A 27 6.15 26.23 39.69
CA ARG A 27 4.72 26.00 39.85
C ARG A 27 4.04 27.26 40.37
N PRO A 28 2.86 27.61 39.84
CA PRO A 28 2.18 28.86 40.20
C PRO A 28 1.29 28.73 41.45
N VAL A 29 1.93 28.77 42.61
CA VAL A 29 1.22 28.66 43.88
C VAL A 29 1.98 29.47 44.93
N ALA A 30 1.23 30.10 45.83
CA ALA A 30 1.84 30.93 46.87
C ALA A 30 2.27 30.11 48.07
N ASN A 31 1.44 29.15 48.48
CA ASN A 31 1.75 28.28 49.61
C ASN A 31 1.91 26.85 49.10
N ILE A 32 3.04 26.23 49.44
CA ILE A 32 3.45 24.98 48.80
C ILE A 32 2.38 23.91 48.95
N SER A 33 1.69 23.94 50.10
CA SER A 33 0.60 22.98 50.40
C SER A 33 -0.56 23.15 49.41
N ASP A 34 -0.86 24.40 49.03
CA ASP A 34 -1.99 24.73 48.12
C ASP A 34 -1.78 24.07 46.75
N VAL A 35 -2.88 23.59 46.15
CA VAL A 35 -2.87 22.94 44.84
C VAL A 35 -3.66 23.78 43.84
N VAL A 36 -3.39 23.50 42.56
CA VAL A 36 -4.13 24.11 41.46
C VAL A 36 -5.15 23.10 40.96
N LEU A 37 -6.23 23.61 40.37
CA LEU A 37 -7.33 22.80 39.87
C LEU A 37 -7.40 22.94 38.36
N VAL A 38 -7.08 21.87 37.66
CA VAL A 38 -6.98 21.88 36.20
C VAL A 38 -8.30 21.36 35.65
N ARG A 39 -9.21 22.27 35.35
CA ARG A 39 -10.47 21.85 34.72
C ARG A 39 -10.18 21.38 33.30
N PHE A 40 -10.78 20.25 32.95
CA PHE A 40 -10.39 19.48 31.79
C PHE A 40 -11.63 19.05 31.00
N GLY A 41 -11.47 18.93 29.70
CA GLY A 41 -12.58 18.48 28.86
C GLY A 41 -12.13 18.29 27.43
N LEU A 42 -13.02 17.69 26.64
CA LEU A 42 -12.77 17.41 25.23
C LEU A 42 -13.92 17.89 24.37
N SER A 43 -13.68 17.86 23.07
CA SER A 43 -14.72 18.12 22.08
C SER A 43 -14.27 17.49 20.77
N ILE A 44 -14.92 16.38 20.38
CA ILE A 44 -14.54 15.71 19.15
C ILE A 44 -14.69 16.66 17.97
N ALA A 45 -13.99 16.35 16.89
CA ALA A 45 -14.24 16.99 15.61
C ALA A 45 -14.51 15.98 14.50
N GLN A 46 -13.89 14.80 14.55
CA GLN A 46 -14.27 13.68 13.70
C GLN A 46 -13.53 12.45 14.18
N LEU A 47 -13.91 11.32 13.60
CA LEU A 47 -13.38 10.01 13.95
C LEU A 47 -12.77 9.43 12.67
N ILE A 48 -11.50 9.77 12.43
CA ILE A 48 -10.91 9.55 11.12
C ILE A 48 -10.98 8.07 10.73
N ASP A 49 -10.41 7.20 11.55
CA ASP A 49 -10.32 5.79 11.20
C ASP A 49 -10.29 4.94 12.46
N VAL A 50 -10.82 3.73 12.31
CA VAL A 50 -10.76 2.70 13.34
C VAL A 50 -10.22 1.45 12.67
N ASP A 51 -8.91 1.22 12.79
CA ASP A 51 -8.25 0.12 12.11
C ASP A 51 -8.39 -1.13 12.97
N GLU A 52 -9.27 -2.03 12.54
CA GLU A 52 -9.47 -3.29 13.26
C GLU A 52 -8.26 -4.19 13.13
N LYS A 53 -7.73 -4.32 11.91
CA LYS A 53 -6.64 -5.26 11.67
C LYS A 53 -5.43 -4.96 12.55
N ASN A 54 -5.20 -3.69 12.88
CA ASN A 54 -4.08 -3.30 13.73
C ASN A 54 -4.53 -2.85 15.11
N GLN A 55 -5.83 -2.78 15.38
CA GLN A 55 -6.37 -2.37 16.68
C GLN A 55 -5.88 -0.96 17.04
N MET A 56 -6.33 0.00 16.25
CA MET A 56 -5.99 1.40 16.48
C MET A 56 -7.19 2.28 16.20
N MET A 57 -7.14 3.49 16.75
CA MET A 57 -8.23 4.45 16.67
C MET A 57 -7.64 5.85 16.55
N THR A 58 -7.96 6.54 15.46
CA THR A 58 -7.48 7.89 15.21
C THR A 58 -8.60 8.89 15.51
N THR A 59 -8.27 9.95 16.23
CA THR A 59 -9.24 10.98 16.57
C THR A 59 -8.63 12.36 16.40
N ASN A 60 -9.44 13.29 15.92
CA ASN A 60 -9.11 14.71 15.92
C ASN A 60 -9.96 15.38 17.00
N VAL A 61 -9.29 15.95 17.98
CA VAL A 61 -9.93 16.31 19.24
C VAL A 61 -9.41 17.65 19.72
N TRP A 62 -10.30 18.47 20.26
CA TRP A 62 -9.99 19.82 20.73
C TRP A 62 -9.92 19.78 22.25
N VAL A 63 -8.73 19.46 22.78
CA VAL A 63 -8.50 19.46 24.21
C VAL A 63 -8.91 20.81 24.79
N LYS A 64 -9.37 20.81 26.03
CA LYS A 64 -9.75 22.03 26.74
C LYS A 64 -9.24 21.95 28.16
N GLN A 65 -8.38 22.90 28.54
CA GLN A 65 -7.86 23.01 29.88
C GLN A 65 -8.07 24.43 30.39
N GLU A 66 -8.20 24.56 31.71
CA GLU A 66 -8.14 25.89 32.29
C GLU A 66 -7.74 25.77 33.76
N TRP A 67 -7.00 26.76 34.22
CA TRP A 67 -6.52 26.80 35.60
C TRP A 67 -6.36 28.24 36.02
N HIS A 68 -5.66 28.46 37.13
CA HIS A 68 -5.48 29.79 37.68
C HIS A 68 -4.11 29.90 38.33
N ASP A 69 -3.40 30.98 38.03
CA ASP A 69 -2.11 31.29 38.62
C ASP A 69 -2.20 32.59 39.39
N TYR A 70 -1.20 32.82 40.25
CA TYR A 70 -1.25 33.93 41.20
C TYR A 70 -0.34 35.08 40.82
N LYS A 71 0.43 34.96 39.74
CA LYS A 71 1.30 36.03 39.29
C LYS A 71 0.73 36.81 38.12
N LEU A 72 -0.11 36.17 37.30
CA LEU A 72 -0.68 36.81 36.13
C LEU A 72 -2.00 37.51 36.49
N ARG A 73 -1.89 38.43 37.44
CA ARG A 73 -3.02 39.24 37.89
C ARG A 73 -2.64 40.71 37.82
N TRP A 74 -3.63 41.56 37.66
CA TRP A 74 -3.41 43.00 37.59
C TRP A 74 -4.71 43.72 37.94
N ASP A 75 -4.76 45.02 37.67
CA ASP A 75 -5.93 45.83 37.89
C ASP A 75 -6.34 46.50 36.57
N PRO A 76 -7.60 46.43 36.17
CA PRO A 76 -7.96 46.86 34.82
C PRO A 76 -8.15 48.36 34.69
N ALA A 77 -8.59 49.01 35.77
CA ALA A 77 -8.82 50.44 35.73
C ALA A 77 -7.55 51.23 35.52
N ASP A 78 -6.40 50.64 35.84
CA ASP A 78 -5.13 51.34 35.66
C ASP A 78 -4.57 51.20 34.26
N TYR A 79 -5.04 50.22 33.49
CA TYR A 79 -4.55 49.97 32.14
C TYR A 79 -5.68 50.10 31.12
N GLU A 80 -6.53 51.10 31.30
CA GLU A 80 -7.55 51.45 30.31
C GLU A 80 -8.59 50.35 30.13
N ASN A 81 -8.90 49.63 31.20
CA ASN A 81 -10.04 48.73 31.24
C ASN A 81 -9.85 47.53 30.31
N VAL A 82 -8.65 46.94 30.33
CA VAL A 82 -8.38 45.67 29.67
C VAL A 82 -8.38 44.59 30.73
N THR A 83 -9.19 43.55 30.52
CA THR A 83 -9.18 42.38 31.38
C THR A 83 -8.63 41.13 30.71
N SER A 84 -8.88 40.95 29.42
CA SER A 84 -8.48 39.74 28.73
C SER A 84 -7.40 40.06 27.71
N ILE A 85 -6.31 39.29 27.73
CA ILE A 85 -5.29 39.39 26.69
C ILE A 85 -4.96 37.98 26.20
N ARG A 86 -4.18 37.92 25.12
CA ARG A 86 -3.88 36.67 24.47
C ARG A 86 -2.38 36.58 24.24
N ILE A 87 -1.77 35.51 24.75
CA ILE A 87 -0.33 35.33 24.69
C ILE A 87 -0.06 33.89 24.27
N PRO A 88 1.12 33.61 23.72
CA PRO A 88 1.42 32.23 23.33
C PRO A 88 1.58 31.33 24.54
N SER A 89 1.30 30.06 24.33
CA SER A 89 1.50 29.05 25.36
C SER A 89 2.94 28.61 25.45
N GLU A 90 3.84 29.42 24.88
CA GLU A 90 5.29 29.08 24.89
C GLU A 90 6.07 29.98 25.86
N LEU A 91 5.39 30.84 26.64
CA LEU A 91 6.11 31.71 27.54
C LEU A 91 5.63 31.65 28.97
N ILE A 92 4.67 30.78 29.28
CA ILE A 92 4.04 30.71 30.58
C ILE A 92 4.09 29.27 31.06
N TRP A 93 3.49 29.03 32.22
CA TRP A 93 3.39 27.67 32.71
C TRP A 93 2.38 26.88 31.88
N ARG A 94 2.66 25.60 31.74
CA ARG A 94 1.86 24.74 30.88
C ARG A 94 1.97 23.31 31.39
N PRO A 95 0.90 22.73 31.91
CA PRO A 95 1.03 21.46 32.64
C PRO A 95 1.31 20.30 31.70
N ASP A 96 1.87 19.24 32.28
CA ASP A 96 2.19 18.02 31.55
C ASP A 96 0.98 17.10 31.59
N ILE A 97 0.30 16.98 30.47
CA ILE A 97 -0.90 16.16 30.34
C ILE A 97 -0.65 15.15 29.23
N VAL A 98 -0.67 13.87 29.58
CA VAL A 98 -0.29 12.80 28.68
C VAL A 98 -1.38 11.73 28.67
N LEU A 99 -1.41 10.95 27.59
CA LEU A 99 -2.21 9.74 27.52
C LEU A 99 -1.27 8.54 27.51
N TYR A 100 -1.45 7.65 28.48
CA TYR A 100 -0.60 6.47 28.62
C TYR A 100 -0.87 5.41 27.56
N ASN A 101 -1.85 5.63 26.69
CA ASN A 101 -2.36 4.59 25.79
C ASN A 101 -1.98 4.84 24.33
N ASN A 102 -0.84 5.49 24.10
CA ASN A 102 -0.50 5.88 22.74
C ASN A 102 0.00 4.67 21.94
N ALA A 103 -0.04 4.83 20.62
CA ALA A 103 0.46 3.81 19.71
C ALA A 103 0.80 4.52 18.40
N ASP A 104 2.09 4.77 18.18
CA ASP A 104 2.54 5.52 17.01
C ASP A 104 1.99 6.94 17.05
N GLY A 105 2.30 7.66 18.12
CA GLY A 105 1.79 9.01 18.29
C GLY A 105 2.81 9.95 18.90
N ASP A 106 2.33 11.00 19.56
CA ASP A 106 3.20 12.07 20.04
C ASP A 106 3.12 12.34 21.54
N PHE A 107 2.16 11.74 22.25
CA PHE A 107 2.12 11.78 23.71
C PHE A 107 1.72 13.15 24.26
N ALA A 108 1.59 14.15 23.40
CA ALA A 108 1.24 15.48 23.86
C ALA A 108 0.94 16.35 22.65
N VAL A 109 0.32 17.52 22.90
CA VAL A 109 -0.06 18.48 21.82
C VAL A 109 1.21 19.13 21.25
N THR A 110 1.33 19.20 19.92
CA THR A 110 2.51 19.80 19.26
C THR A 110 2.11 21.03 18.42
N HIS A 111 0.89 21.55 18.60
CA HIS A 111 0.44 22.67 17.80
C HIS A 111 0.60 23.98 18.55
N LEU A 112 0.42 23.96 19.87
CA LEU A 112 0.75 25.08 20.76
C LEU A 112 0.00 26.35 20.34
N THR A 113 -1.32 26.27 20.43
CA THR A 113 -2.19 27.42 20.21
C THR A 113 -2.09 28.38 21.40
N LYS A 114 -2.44 29.64 21.15
CA LYS A 114 -2.31 30.69 22.15
C LYS A 114 -3.26 30.45 23.33
N ALA A 115 -3.19 31.36 24.28
CA ALA A 115 -3.89 31.26 25.56
C ALA A 115 -4.46 32.62 25.93
N HIS A 116 -5.53 32.58 26.73
CA HIS A 116 -6.35 33.75 27.03
C HIS A 116 -6.31 34.01 28.53
N LEU A 117 -5.63 35.08 28.92
CA LEU A 117 -5.64 35.54 30.30
C LEU A 117 -6.86 36.40 30.55
N PHE A 118 -7.47 36.23 31.74
CA PHE A 118 -8.82 36.70 32.04
C PHE A 118 -8.87 37.70 33.19
N HIS A 119 -7.74 38.30 33.56
CA HIS A 119 -7.60 39.39 34.52
C HIS A 119 -7.69 38.94 35.98
N ASP A 120 -8.06 37.69 36.26
CA ASP A 120 -8.11 37.20 37.63
C ASP A 120 -7.17 36.02 37.83
N GLY A 121 -6.10 35.94 37.04
CA GLY A 121 -5.21 34.82 37.04
C GLY A 121 -5.71 33.62 36.28
N ARG A 122 -7.02 33.55 36.02
CA ARG A 122 -7.55 32.43 35.26
C ARG A 122 -6.97 32.41 33.86
N VAL A 123 -6.62 31.22 33.39
CA VAL A 123 -6.08 31.04 32.05
C VAL A 123 -6.75 29.83 31.44
N GLN A 124 -6.91 29.88 30.11
CA GLN A 124 -7.72 28.93 29.36
C GLN A 124 -6.98 28.58 28.09
N TRP A 125 -6.92 27.29 27.77
CA TRP A 125 -6.09 26.76 26.70
C TRP A 125 -6.87 25.69 25.96
N THR A 126 -6.79 25.71 24.62
CA THR A 126 -7.56 24.81 23.78
C THR A 126 -6.74 24.44 22.55
N PRO A 127 -5.72 23.63 22.71
CA PRO A 127 -4.94 23.17 21.56
C PRO A 127 -5.58 21.97 20.90
N PRO A 128 -5.58 21.90 19.58
CA PRO A 128 -6.10 20.70 18.90
C PRO A 128 -5.14 19.54 19.01
N ALA A 129 -5.53 18.37 18.52
CA ALA A 129 -4.63 17.24 18.57
C ALA A 129 -5.18 16.11 17.71
N ILE A 130 -4.25 15.31 17.18
CA ILE A 130 -4.57 14.07 16.50
C ILE A 130 -3.98 12.95 17.33
N TYR A 131 -4.83 12.10 17.87
CA TYR A 131 -4.43 11.07 18.82
C TYR A 131 -4.70 9.68 18.24
N LYS A 132 -3.74 8.79 18.42
CA LYS A 132 -3.83 7.41 17.95
C LYS A 132 -3.82 6.49 19.18
N SER A 133 -4.99 6.06 19.60
CA SER A 133 -5.11 5.16 20.73
C SER A 133 -5.19 3.70 20.25
N SER A 134 -5.03 2.78 21.19
CA SER A 134 -5.10 1.35 20.93
C SER A 134 -6.20 0.76 21.81
N CYS A 135 -7.32 0.39 21.21
CA CYS A 135 -8.45 -0.18 21.92
C CYS A 135 -8.68 -1.61 21.46
N SER A 136 -8.86 -2.51 22.42
CA SER A 136 -9.10 -3.92 22.10
C SER A 136 -10.41 -4.08 21.35
N ILE A 137 -10.38 -4.85 20.27
CA ILE A 137 -11.52 -5.02 19.38
C ILE A 137 -12.09 -6.42 19.63
N ASP A 138 -13.36 -6.47 20.02
CA ASP A 138 -14.09 -7.71 20.17
C ASP A 138 -14.97 -7.91 18.95
N VAL A 139 -14.80 -9.05 18.27
CA VAL A 139 -15.47 -9.33 17.01
C VAL A 139 -16.07 -10.73 17.11
N THR A 140 -17.34 -10.80 17.51
CA THR A 140 -18.13 -12.03 17.39
C THR A 140 -19.36 -11.84 16.54
N PHE A 141 -20.12 -10.78 16.77
CA PHE A 141 -21.35 -10.50 16.03
C PHE A 141 -21.09 -9.60 14.83
N PHE A 142 -20.14 -10.01 14.00
CA PHE A 142 -19.77 -9.24 12.83
C PHE A 142 -20.85 -9.35 11.77
N PRO A 143 -21.24 -8.23 11.13
CA PRO A 143 -20.82 -6.83 11.33
C PRO A 143 -21.60 -6.06 12.40
N PHE A 144 -22.66 -6.64 12.96
CA PHE A 144 -23.45 -5.96 13.98
C PHE A 144 -22.65 -5.93 15.27
N ASP A 145 -21.79 -4.92 15.38
CA ASP A 145 -20.78 -4.86 16.41
C ASP A 145 -20.87 -3.53 17.16
N GLN A 146 -20.70 -3.60 18.48
CA GLN A 146 -20.61 -2.42 19.33
C GLN A 146 -19.21 -2.38 19.93
N GLN A 147 -18.40 -1.43 19.47
CA GLN A 147 -17.03 -1.33 19.93
C GLN A 147 -16.91 -0.32 21.06
N ASN A 148 -15.83 -0.46 21.83
CA ASN A 148 -15.65 0.25 23.09
C ASN A 148 -14.18 0.64 23.19
N CYS A 149 -13.87 1.88 22.85
CA CYS A 149 -12.49 2.34 22.81
C CYS A 149 -12.23 3.39 23.86
N THR A 150 -11.04 3.35 24.44
CA THR A 150 -10.71 4.12 25.64
C THR A 150 -9.61 5.14 25.35
N MET A 151 -9.51 6.11 26.25
CA MET A 151 -8.42 7.08 26.22
C MET A 151 -8.16 7.53 27.66
N LYS A 152 -6.95 7.30 28.13
CA LYS A 152 -6.58 7.51 29.52
C LYS A 152 -5.62 8.69 29.63
N PHE A 153 -6.18 9.86 29.90
CA PHE A 153 -5.38 11.05 30.16
C PHE A 153 -4.97 11.11 31.62
N GLY A 154 -3.95 11.91 31.88
CA GLY A 154 -3.47 12.05 33.23
C GLY A 154 -2.15 12.77 33.25
N SER A 155 -1.70 13.09 34.46
CA SER A 155 -0.45 13.80 34.65
C SER A 155 0.71 12.81 34.78
N TRP A 156 1.91 13.33 34.61
CA TRP A 156 3.11 12.52 34.59
C TRP A 156 3.93 12.63 35.87
N THR A 157 4.33 13.85 36.25
CA THR A 157 5.27 14.05 37.34
C THR A 157 4.68 14.87 38.48
N TYR A 158 3.36 14.90 38.61
CA TYR A 158 2.70 15.67 39.64
C TYR A 158 1.67 14.79 40.32
N ASP A 159 1.78 14.68 41.65
CA ASP A 159 0.90 13.81 42.42
C ASP A 159 -0.43 14.53 42.66
N LYS A 160 -1.25 13.96 43.55
CA LYS A 160 -2.56 14.52 43.84
C LYS A 160 -2.53 15.67 44.84
N ALA A 161 -1.40 15.89 45.52
CA ALA A 161 -1.25 16.99 46.44
C ALA A 161 -0.58 18.20 45.82
N LYS A 162 -0.38 18.18 44.51
CA LYS A 162 0.09 19.34 43.75
C LYS A 162 -0.83 19.66 42.58
N ILE A 163 -1.41 18.64 41.95
CA ILE A 163 -2.35 18.81 40.86
C ILE A 163 -3.54 17.89 41.10
N ASP A 164 -4.73 18.35 40.73
CA ASP A 164 -5.94 17.56 40.91
C ASP A 164 -6.88 17.89 39.75
N LEU A 165 -7.11 16.92 38.88
CA LEU A 165 -7.97 17.13 37.74
C LEU A 165 -9.41 17.33 38.17
N VAL A 166 -10.22 17.85 37.25
CA VAL A 166 -11.65 18.04 37.45
C VAL A 166 -12.32 17.94 36.09
N ASN A 167 -13.30 17.06 35.97
CA ASN A 167 -14.01 16.90 34.71
C ASN A 167 -15.07 17.99 34.58
N MET A 168 -15.02 18.73 33.47
CA MET A 168 -15.92 19.85 33.28
C MET A 168 -17.34 19.36 32.96
N HIS A 169 -17.49 18.66 31.85
CA HIS A 169 -18.76 18.08 31.44
C HIS A 169 -18.61 16.57 31.41
N SER A 170 -19.50 15.88 32.11
CA SER A 170 -19.44 14.42 32.20
C SER A 170 -19.67 13.73 30.87
N ARG A 171 -19.93 14.48 29.79
CA ARG A 171 -20.10 13.92 28.46
C ARG A 171 -19.21 14.69 27.49
N VAL A 172 -18.82 14.00 26.42
CA VAL A 172 -17.96 14.57 25.40
C VAL A 172 -18.82 15.41 24.46
N ASP A 173 -18.47 16.68 24.30
CA ASP A 173 -19.20 17.57 23.43
C ASP A 173 -19.15 17.07 21.99
N GLN A 174 -20.24 17.27 21.26
CA GLN A 174 -20.35 16.86 19.86
C GLN A 174 -21.05 17.92 19.04
N LEU A 175 -20.70 19.19 19.25
CA LEU A 175 -21.36 20.27 18.52
C LEU A 175 -20.81 20.44 17.12
N ASP A 176 -19.55 20.09 16.90
CA ASP A 176 -18.93 20.17 15.58
C ASP A 176 -18.53 18.79 15.06
N PHE A 177 -19.09 17.73 15.62
CA PHE A 177 -18.82 16.40 15.13
C PHE A 177 -19.12 16.33 13.63
N TRP A 178 -18.30 15.57 12.92
CA TRP A 178 -18.40 15.41 11.47
C TRP A 178 -18.71 13.95 11.19
N GLU A 179 -19.93 13.69 10.72
CA GLU A 179 -20.39 12.32 10.54
C GLU A 179 -19.47 11.55 9.61
N SER A 180 -18.79 10.53 10.15
CA SER A 180 -17.86 9.76 9.34
C SER A 180 -18.58 8.90 8.31
N GLY A 181 -19.77 8.40 8.64
CA GLY A 181 -20.57 7.64 7.70
C GLY A 181 -20.78 6.20 8.10
N GLU A 182 -19.74 5.55 8.61
CA GLU A 182 -19.79 4.13 8.97
C GLU A 182 -19.99 3.91 10.45
N TRP A 183 -19.35 4.71 11.29
CA TRP A 183 -19.40 4.54 12.73
C TRP A 183 -20.17 5.68 13.38
N VAL A 184 -21.05 5.35 14.31
CA VAL A 184 -21.81 6.34 15.06
C VAL A 184 -21.50 6.19 16.54
N ILE A 185 -21.48 7.32 17.23
CA ILE A 185 -21.15 7.34 18.65
C ILE A 185 -22.45 7.25 19.44
N VAL A 186 -22.71 6.07 20.00
CA VAL A 186 -23.85 5.93 20.90
C VAL A 186 -23.68 6.87 22.09
N ASP A 187 -22.63 6.65 22.87
CA ASP A 187 -22.32 7.51 24.01
C ASP A 187 -20.83 7.53 24.30
N ALA A 188 -20.44 8.54 25.07
CA ALA A 188 -19.04 8.84 25.34
C ALA A 188 -18.97 9.46 26.73
N VAL A 189 -18.51 8.69 27.71
CA VAL A 189 -18.50 9.13 29.09
C VAL A 189 -17.08 9.39 29.52
N GLY A 190 -16.94 10.17 30.60
CA GLY A 190 -15.65 10.50 31.16
C GLY A 190 -15.58 10.25 32.65
N THR A 191 -14.72 9.33 33.06
CA THR A 191 -14.60 8.91 34.44
C THR A 191 -13.34 9.48 35.07
N TYR A 192 -13.40 9.72 36.37
CA TYR A 192 -12.26 10.10 37.18
C TYR A 192 -11.77 8.88 37.96
N ASN A 193 -10.46 8.83 38.22
CA ASN A 193 -9.91 7.68 38.92
C ASN A 193 -8.57 8.05 39.52
N THR A 194 -8.12 7.20 40.44
CA THR A 194 -6.79 7.32 41.04
C THR A 194 -6.10 5.97 40.95
N ARG A 195 -4.78 5.98 41.13
CA ARG A 195 -4.02 4.75 41.12
C ARG A 195 -2.71 4.97 41.86
N LYS A 196 -2.03 3.86 42.15
CA LYS A 196 -0.70 3.88 42.73
C LYS A 196 0.20 2.97 41.91
N TYR A 197 1.40 3.43 41.61
CA TYR A 197 2.33 2.73 40.74
C TYR A 197 3.55 2.27 41.54
N GLU A 198 4.33 1.38 40.92
CA GLU A 198 5.47 0.77 41.60
C GLU A 198 6.61 1.75 41.77
N CYS A 199 6.80 2.67 40.82
CA CYS A 199 7.90 3.63 40.90
C CYS A 199 7.97 4.28 42.26
N CYS A 200 6.83 4.68 42.80
CA CYS A 200 6.76 5.73 43.80
C CYS A 200 5.77 5.34 44.88
N ALA A 201 5.58 6.25 45.83
CA ALA A 201 4.68 6.04 46.96
C ALA A 201 3.38 6.83 46.85
N GLU A 202 3.47 8.07 46.37
CA GLU A 202 2.27 8.90 46.23
C GLU A 202 1.31 8.26 45.24
N ILE A 203 0.07 8.76 45.26
CA ILE A 203 -0.96 8.32 44.33
C ILE A 203 -1.07 9.32 43.22
N TYR A 204 -1.43 8.85 42.03
CA TYR A 204 -1.58 9.70 40.87
C TYR A 204 -2.98 9.58 40.30
N PRO A 205 -3.61 10.69 39.94
CA PRO A 205 -4.97 10.62 39.37
C PRO A 205 -4.92 10.27 37.90
N ASP A 206 -6.10 10.24 37.30
CA ASP A 206 -6.23 9.97 35.87
C ASP A 206 -7.68 10.12 35.48
N ILE A 207 -7.90 10.32 34.19
CA ILE A 207 -9.24 10.44 33.62
C ILE A 207 -9.34 9.48 32.46
N THR A 208 -10.50 8.84 32.33
CA THR A 208 -10.70 7.77 31.37
C THR A 208 -11.95 8.07 30.56
N TYR A 209 -11.77 8.38 29.28
CA TYR A 209 -12.87 8.64 28.37
C TYR A 209 -13.16 7.37 27.58
N ALA A 210 -14.41 6.93 27.61
CA ALA A 210 -14.84 5.71 26.95
C ALA A 210 -15.86 6.05 25.88
N PHE A 211 -15.56 5.65 24.65
CA PHE A 211 -16.45 5.83 23.50
C PHE A 211 -17.07 4.48 23.17
N VAL A 212 -18.39 4.39 23.27
CA VAL A 212 -19.16 3.24 22.82
C VAL A 212 -19.83 3.61 21.51
N ILE A 213 -19.47 2.87 20.45
CA ILE A 213 -19.85 3.22 19.08
C ILE A 213 -20.38 1.98 18.37
N ARG A 214 -21.19 2.23 17.35
CA ARG A 214 -21.84 1.20 16.55
C ARG A 214 -21.44 1.32 15.10
N ARG A 215 -21.60 0.22 14.38
CA ARG A 215 -21.28 0.11 12.96
C ARG A 215 -22.57 0.00 12.16
N LEU A 216 -22.68 0.80 11.12
CA LEU A 216 -23.82 0.70 10.20
C LEU A 216 -23.62 -0.52 9.31
N PRO A 217 -24.46 -1.55 9.39
CA PRO A 217 -24.15 -2.84 8.77
C PRO A 217 -24.58 -3.00 7.32
N LEU A 218 -25.02 -1.95 6.63
CA LEU A 218 -25.56 -2.15 5.29
C LEU A 218 -24.49 -2.62 4.31
N PHE A 219 -23.29 -2.06 4.40
CA PHE A 219 -22.28 -2.32 3.38
C PHE A 219 -21.86 -3.79 3.37
N TYR A 220 -21.38 -4.27 4.51
CA TYR A 220 -20.93 -5.66 4.58
C TYR A 220 -22.10 -6.62 4.46
N THR A 221 -23.31 -6.17 4.78
CA THR A 221 -24.48 -7.01 4.57
C THR A 221 -24.81 -7.12 3.09
N ILE A 222 -24.43 -6.13 2.29
CA ILE A 222 -24.81 -6.10 0.89
C ILE A 222 -23.70 -6.70 0.01
N ASN A 223 -22.46 -6.66 0.46
CA ASN A 223 -21.33 -7.02 -0.37
C ASN A 223 -20.57 -8.25 0.09
N LEU A 224 -20.79 -8.73 1.30
CA LEU A 224 -19.99 -9.81 1.85
C LEU A 224 -20.80 -11.03 2.26
N ILE A 225 -21.88 -10.86 3.02
CA ILE A 225 -22.57 -12.03 3.55
C ILE A 225 -23.66 -12.54 2.62
N ILE A 226 -24.30 -11.67 1.84
CA ILE A 226 -25.36 -12.13 0.95
C ILE A 226 -24.85 -13.12 -0.07
N PRO A 227 -23.64 -12.98 -0.63
CA PRO A 227 -23.19 -13.97 -1.61
C PRO A 227 -22.76 -15.28 -0.97
N CYS A 228 -22.13 -15.20 0.21
CA CYS A 228 -21.74 -16.41 0.92
C CYS A 228 -22.96 -17.17 1.42
N LEU A 229 -24.06 -16.45 1.66
CA LEU A 229 -25.32 -17.07 2.02
C LEU A 229 -26.06 -17.58 0.77
N LEU A 230 -25.79 -16.96 -0.37
CA LEU A 230 -26.45 -17.31 -1.61
C LEU A 230 -25.80 -18.50 -2.30
N ILE A 231 -24.52 -18.74 -2.06
CA ILE A 231 -23.84 -19.93 -2.57
C ILE A 231 -23.76 -21.02 -1.51
N SER A 232 -24.52 -20.90 -0.42
CA SER A 232 -24.66 -22.02 0.51
C SER A 232 -25.93 -22.81 0.28
N CYS A 233 -26.95 -22.23 -0.38
CA CYS A 233 -28.10 -23.02 -0.80
C CYS A 233 -27.68 -24.18 -1.71
N LEU A 234 -26.56 -24.02 -2.42
CA LEU A 234 -26.07 -25.00 -3.37
C LEU A 234 -25.16 -26.05 -2.73
N THR A 235 -25.12 -26.12 -1.41
CA THR A 235 -24.26 -27.10 -0.75
C THR A 235 -24.89 -28.48 -0.74
N VAL A 236 -26.20 -28.54 -0.52
CA VAL A 236 -26.91 -29.81 -0.40
C VAL A 236 -27.54 -30.25 -1.71
N LEU A 237 -27.53 -29.40 -2.72
CA LEU A 237 -28.35 -29.61 -3.90
C LEU A 237 -27.76 -30.63 -4.87
N VAL A 238 -26.43 -30.78 -4.89
CA VAL A 238 -25.79 -31.66 -5.87
C VAL A 238 -26.40 -33.05 -5.85
N PHE A 239 -26.99 -33.46 -4.73
CA PHE A 239 -27.51 -34.82 -4.64
C PHE A 239 -28.75 -35.00 -5.51
N TYR A 240 -29.56 -33.96 -5.65
CA TYR A 240 -30.69 -34.02 -6.57
C TYR A 240 -30.26 -33.98 -8.02
N LEU A 241 -28.96 -34.01 -8.28
CA LEU A 241 -28.39 -34.04 -9.62
C LEU A 241 -27.98 -35.46 -9.95
N PRO A 242 -28.35 -35.99 -11.12
CA PRO A 242 -28.07 -37.40 -11.42
C PRO A 242 -26.59 -37.66 -11.67
N SER A 243 -26.27 -38.90 -12.02
CA SER A 243 -24.90 -39.31 -12.27
C SER A 243 -24.56 -39.47 -13.74
N GLU A 244 -25.57 -39.56 -14.61
CA GLU A 244 -25.30 -39.70 -16.04
C GLU A 244 -24.77 -38.42 -16.67
N CYS A 245 -24.96 -37.28 -16.01
CA CYS A 245 -24.57 -36.00 -16.59
C CYS A 245 -23.06 -35.84 -16.56
N GLY A 246 -22.48 -35.82 -15.37
CA GLY A 246 -21.07 -35.55 -15.19
C GLY A 246 -20.75 -34.15 -14.70
N GLU A 247 -21.66 -33.52 -13.97
CA GLU A 247 -21.49 -32.15 -13.50
C GLU A 247 -21.71 -32.02 -12.00
N LYS A 248 -21.51 -33.10 -11.24
CA LYS A 248 -21.68 -33.05 -9.80
C LYS A 248 -20.45 -32.48 -9.11
N ILE A 249 -19.31 -33.13 -9.30
CA ILE A 249 -18.10 -32.68 -8.62
C ILE A 249 -17.69 -31.31 -9.09
N THR A 250 -18.01 -30.95 -10.33
CA THR A 250 -17.76 -29.59 -10.79
C THR A 250 -18.43 -28.58 -9.86
N LEU A 251 -19.74 -28.72 -9.68
CA LEU A 251 -20.49 -27.86 -8.79
C LEU A 251 -19.89 -27.87 -7.38
N CYS A 252 -19.63 -29.07 -6.86
CA CYS A 252 -19.12 -29.19 -5.50
C CYS A 252 -17.79 -28.45 -5.32
N ILE A 253 -16.86 -28.70 -6.24
CA ILE A 253 -15.54 -28.07 -6.18
C ILE A 253 -15.66 -26.57 -6.27
N SER A 254 -16.50 -26.08 -7.19
CA SER A 254 -16.69 -24.65 -7.31
C SER A 254 -17.15 -24.04 -6.00
N VAL A 255 -18.17 -24.64 -5.38
CA VAL A 255 -18.68 -24.12 -4.12
C VAL A 255 -17.60 -24.13 -3.05
N LEU A 256 -16.87 -25.24 -2.95
CA LEU A 256 -15.83 -25.35 -1.93
C LEU A 256 -14.80 -24.25 -2.09
N LEU A 257 -14.27 -24.09 -3.30
CA LEU A 257 -13.24 -23.09 -3.52
C LEU A 257 -13.77 -21.68 -3.27
N SER A 258 -15.02 -21.42 -3.66
CA SER A 258 -15.58 -20.09 -3.44
C SER A 258 -15.67 -19.78 -1.95
N LEU A 259 -16.18 -20.73 -1.16
CA LEU A 259 -16.27 -20.49 0.28
C LEU A 259 -14.89 -20.32 0.90
N THR A 260 -13.93 -21.14 0.48
CA THR A 260 -12.57 -20.99 0.99
C THR A 260 -12.04 -19.59 0.70
N VAL A 261 -12.32 -19.08 -0.51
CA VAL A 261 -11.86 -17.74 -0.86
C VAL A 261 -12.52 -16.70 0.04
N PHE A 262 -13.83 -16.82 0.27
CA PHE A 262 -14.52 -15.82 1.07
C PHE A 262 -13.98 -15.80 2.50
N LEU A 263 -13.67 -16.98 3.04
CA LEU A 263 -13.10 -17.03 4.39
C LEU A 263 -11.69 -16.43 4.40
N LEU A 264 -10.85 -16.88 3.49
CA LEU A 264 -9.49 -16.38 3.36
C LEU A 264 -9.44 -14.90 3.01
N LEU A 265 -10.57 -14.33 2.60
CA LEU A 265 -10.66 -12.90 2.31
C LEU A 265 -11.17 -12.12 3.51
N ILE A 266 -12.11 -12.68 4.26
CA ILE A 266 -12.59 -11.98 5.45
C ILE A 266 -11.51 -11.98 6.53
N THR A 267 -10.62 -12.97 6.53
CA THR A 267 -9.54 -12.94 7.51
C THR A 267 -8.67 -11.70 7.37
N GLU A 268 -8.84 -10.91 6.31
CA GLU A 268 -8.08 -9.69 6.12
C GLU A 268 -8.70 -8.50 6.85
N ILE A 269 -9.99 -8.55 7.16
CA ILE A 269 -10.69 -7.41 7.74
C ILE A 269 -10.77 -7.47 9.26
N ILE A 270 -10.57 -8.64 9.86
CA ILE A 270 -10.67 -8.78 11.30
C ILE A 270 -9.29 -9.01 11.88
N PRO A 271 -9.06 -8.69 13.15
CA PRO A 271 -7.73 -8.92 13.74
C PRO A 271 -7.41 -10.39 13.85
N SER A 272 -6.22 -10.71 14.36
CA SER A 272 -5.79 -12.09 14.55
C SER A 272 -5.87 -12.51 16.01
N THR A 273 -6.73 -11.86 16.78
CA THR A 273 -6.94 -12.26 18.17
C THR A 273 -7.49 -13.68 18.21
N SER A 274 -7.03 -14.46 19.19
CA SER A 274 -7.45 -15.83 19.34
C SER A 274 -8.40 -16.06 20.49
N LEU A 275 -8.54 -15.08 21.39
CA LEU A 275 -9.50 -15.19 22.48
C LEU A 275 -10.87 -15.63 21.97
N VAL A 276 -11.36 -14.96 20.92
CA VAL A 276 -12.70 -15.21 20.40
C VAL A 276 -12.60 -15.54 18.91
N ILE A 277 -13.76 -15.83 18.31
CA ILE A 277 -13.83 -16.07 16.87
C ILE A 277 -15.13 -15.44 16.35
N PRO A 278 -15.15 -14.90 15.14
CA PRO A 278 -16.41 -14.37 14.62
C PRO A 278 -17.46 -15.45 14.48
N LEU A 279 -18.67 -15.05 14.07
CA LEU A 279 -19.74 -16.00 13.84
C LEU A 279 -19.85 -16.38 12.37
N ILE A 280 -19.19 -15.65 11.48
CA ILE A 280 -19.24 -15.96 10.05
C ILE A 280 -18.18 -16.99 9.69
N GLY A 281 -16.96 -16.79 10.17
CA GLY A 281 -15.90 -17.75 9.89
C GLY A 281 -16.28 -19.16 10.31
N GLU A 282 -16.91 -19.29 11.48
CA GLU A 282 -17.28 -20.60 11.98
C GLU A 282 -18.32 -21.27 11.08
N TYR A 283 -19.33 -20.51 10.66
CA TYR A 283 -20.36 -21.05 9.77
C TYR A 283 -19.75 -21.47 8.44
N LEU A 284 -18.90 -20.62 7.87
CA LEU A 284 -18.24 -20.97 6.62
C LEU A 284 -17.39 -22.22 6.77
N LEU A 285 -16.75 -22.38 7.93
CA LEU A 285 -15.93 -23.56 8.17
C LEU A 285 -16.78 -24.82 8.20
N PHE A 286 -17.88 -24.79 8.95
CA PHE A 286 -18.78 -25.94 8.98
C PHE A 286 -19.27 -26.28 7.57
N THR A 287 -19.60 -25.24 6.80
CA THR A 287 -20.09 -25.47 5.44
C THR A 287 -19.04 -26.15 4.58
N MET A 288 -17.79 -25.67 4.65
CA MET A 288 -16.72 -26.30 3.88
C MET A 288 -16.52 -27.75 4.28
N ILE A 289 -16.59 -28.02 5.58
CA ILE A 289 -16.49 -29.39 6.07
C ILE A 289 -17.55 -30.26 5.39
N PHE A 290 -18.81 -29.84 5.48
CA PHE A 290 -19.88 -30.67 4.97
C PHE A 290 -19.81 -30.82 3.45
N VAL A 291 -19.31 -29.81 2.74
CA VAL A 291 -19.26 -29.92 1.29
C VAL A 291 -18.12 -30.85 0.85
N THR A 292 -16.99 -30.86 1.56
CA THR A 292 -15.97 -31.84 1.19
C THR A 292 -16.44 -33.26 1.53
N LEU A 293 -17.15 -33.41 2.64
CA LEU A 293 -17.78 -34.71 2.89
C LEU A 293 -18.72 -35.08 1.76
N SER A 294 -19.43 -34.09 1.21
CA SER A 294 -20.34 -34.36 0.09
C SER A 294 -19.58 -34.82 -1.13
N ILE A 295 -18.43 -34.22 -1.42
CA ILE A 295 -17.68 -34.66 -2.60
C ILE A 295 -17.22 -36.10 -2.40
N VAL A 296 -16.82 -36.45 -1.18
CA VAL A 296 -16.42 -37.83 -0.91
C VAL A 296 -17.58 -38.78 -1.18
N ILE A 297 -18.75 -38.49 -0.60
CA ILE A 297 -19.85 -39.43 -0.74
C ILE A 297 -20.31 -39.51 -2.20
N THR A 298 -20.24 -38.41 -2.94
CA THR A 298 -20.72 -38.44 -4.32
C THR A 298 -19.73 -39.13 -5.25
N VAL A 299 -18.43 -39.09 -4.94
CA VAL A 299 -17.52 -39.93 -5.72
C VAL A 299 -17.79 -41.40 -5.45
N PHE A 300 -18.06 -41.75 -4.18
CA PHE A 300 -18.45 -43.12 -3.88
C PHE A 300 -19.66 -43.53 -4.72
N VAL A 301 -20.67 -42.66 -4.75
CA VAL A 301 -21.85 -42.92 -5.56
C VAL A 301 -21.45 -43.15 -7.02
N LEU A 302 -20.82 -42.15 -7.64
CA LEU A 302 -20.42 -42.26 -9.03
C LEU A 302 -19.73 -43.58 -9.31
N ASN A 303 -18.90 -44.06 -8.37
CA ASN A 303 -18.27 -45.36 -8.55
C ASN A 303 -19.31 -46.46 -8.55
N VAL A 304 -20.27 -46.39 -7.64
CA VAL A 304 -21.32 -47.41 -7.59
C VAL A 304 -22.08 -47.47 -8.90
N HIS A 305 -22.56 -46.32 -9.37
CA HIS A 305 -23.42 -46.29 -10.55
C HIS A 305 -22.73 -46.92 -11.76
N HIS A 306 -21.52 -46.47 -12.07
CA HIS A 306 -20.83 -46.93 -13.27
C HIS A 306 -20.32 -48.37 -13.14
N ARG A 307 -20.67 -49.11 -12.10
CA ARG A 307 -20.25 -50.50 -12.01
C ARG A 307 -21.03 -51.34 -13.02
N SER A 308 -20.73 -52.63 -13.03
CA SER A 308 -21.24 -53.56 -14.04
C SER A 308 -21.21 -54.96 -13.45
N PRO A 309 -22.12 -55.84 -13.87
CA PRO A 309 -22.19 -57.15 -13.21
C PRO A 309 -20.98 -58.04 -13.47
N ARG A 310 -20.39 -57.94 -14.66
CA ARG A 310 -19.21 -58.77 -14.95
C ARG A 310 -18.01 -58.30 -14.14
N THR A 311 -17.70 -57.01 -14.20
CA THR A 311 -16.56 -56.48 -13.45
C THR A 311 -16.77 -56.66 -11.96
N HIS A 312 -17.91 -56.21 -11.45
CA HIS A 312 -18.18 -56.19 -10.02
C HIS A 312 -19.42 -57.02 -9.69
N THR A 313 -19.51 -57.39 -8.43
CA THR A 313 -20.53 -58.33 -7.96
C THR A 313 -20.89 -58.03 -6.50
N MET A 314 -21.39 -59.06 -5.80
CA MET A 314 -21.78 -59.06 -4.39
C MET A 314 -22.94 -58.11 -4.11
N PRO A 315 -24.05 -58.20 -4.86
CA PRO A 315 -25.33 -57.67 -4.40
C PRO A 315 -26.11 -58.72 -3.60
N THR A 316 -25.46 -59.27 -2.57
CA THR A 316 -26.03 -60.42 -1.86
C THR A 316 -27.22 -60.00 -1.00
N TRP A 317 -26.98 -59.12 -0.03
CA TRP A 317 -28.03 -58.67 0.88
C TRP A 317 -28.60 -57.31 0.51
N VAL A 318 -27.86 -56.50 -0.25
CA VAL A 318 -28.32 -55.16 -0.60
C VAL A 318 -29.67 -55.21 -1.28
N ARG A 319 -29.98 -56.30 -1.98
CA ARG A 319 -31.28 -56.42 -2.62
C ARG A 319 -32.40 -56.22 -1.61
N ARG A 320 -32.45 -57.08 -0.59
CA ARG A 320 -33.49 -56.96 0.43
C ARG A 320 -33.47 -55.58 1.08
N VAL A 321 -32.27 -55.13 1.48
CA VAL A 321 -32.17 -53.91 2.27
C VAL A 321 -32.73 -52.73 1.50
N PHE A 322 -32.31 -52.57 0.24
CA PHE A 322 -32.72 -51.38 -0.50
C PHE A 322 -34.12 -51.51 -1.07
N LEU A 323 -34.58 -52.72 -1.39
CA LEU A 323 -35.97 -52.87 -1.78
C LEU A 323 -36.92 -52.75 -0.60
N ASP A 324 -36.39 -52.85 0.62
CA ASP A 324 -37.15 -52.53 1.82
C ASP A 324 -37.03 -51.07 2.22
N ILE A 325 -35.97 -50.39 1.80
CA ILE A 325 -35.80 -48.97 2.08
C ILE A 325 -36.64 -48.13 1.13
N VAL A 326 -36.69 -48.51 -0.15
CA VAL A 326 -37.32 -47.65 -1.15
C VAL A 326 -38.77 -47.33 -0.81
N PRO A 327 -39.56 -48.21 -0.20
CA PRO A 327 -40.94 -47.83 0.10
C PRO A 327 -41.04 -46.76 1.18
N ARG A 328 -40.27 -46.90 2.27
CA ARG A 328 -40.27 -45.86 3.30
C ARG A 328 -39.95 -44.51 2.71
N LEU A 329 -39.11 -44.51 1.67
CA LEU A 329 -38.64 -43.24 1.02
C LEU A 329 -39.73 -42.72 0.08
N LEU A 330 -40.84 -43.46 -0.02
CA LEU A 330 -42.02 -43.15 -0.89
C LEU A 330 -41.57 -43.20 -2.35
N LEU A 331 -40.54 -44.01 -2.61
CA LEU A 331 -39.99 -44.27 -3.94
C LEU A 331 -40.18 -45.74 -4.26
N MET A 332 -41.37 -46.06 -4.77
CA MET A 332 -41.67 -47.40 -5.27
C MET A 332 -41.15 -48.51 -4.36
N GLU A 449 -30.00 -57.05 -11.24
CA GLU A 449 -29.02 -56.09 -10.66
C GLU A 449 -29.25 -54.70 -11.27
N ASP A 450 -29.35 -53.67 -10.43
CA ASP A 450 -29.57 -52.27 -10.90
C ASP A 450 -28.54 -51.35 -10.24
N TRP A 451 -27.31 -51.30 -10.73
CA TRP A 451 -26.36 -50.42 -9.99
C TRP A 451 -26.94 -49.00 -9.93
N LYS A 452 -27.69 -48.61 -10.96
CA LYS A 452 -28.32 -47.26 -11.06
C LYS A 452 -29.39 -46.98 -10.00
N TYR A 453 -30.27 -47.95 -9.67
CA TYR A 453 -31.37 -47.65 -8.77
C TYR A 453 -30.90 -47.51 -7.33
N VAL A 454 -30.00 -48.40 -6.89
CA VAL A 454 -29.48 -48.28 -5.55
C VAL A 454 -28.67 -46.99 -5.39
N ALA A 455 -27.99 -46.56 -6.46
CA ALA A 455 -27.31 -45.28 -6.42
C ALA A 455 -28.31 -44.14 -6.18
N MET A 456 -29.39 -44.12 -6.97
CA MET A 456 -30.44 -43.14 -6.75
C MET A 456 -30.91 -43.15 -5.30
N VAL A 457 -31.13 -44.36 -4.77
CA VAL A 457 -31.65 -44.50 -3.41
C VAL A 457 -30.71 -43.87 -2.40
N ILE A 458 -29.45 -44.30 -2.43
CA ILE A 458 -28.48 -43.81 -1.45
C ILE A 458 -28.32 -42.30 -1.57
N ASP A 459 -28.36 -41.79 -2.80
CA ASP A 459 -28.29 -40.35 -3.02
C ASP A 459 -29.43 -39.64 -2.29
N ARG A 460 -30.66 -40.11 -2.49
CA ARG A 460 -31.82 -39.48 -1.85
C ARG A 460 -31.69 -39.51 -0.34
N ILE A 461 -31.30 -40.65 0.22
CA ILE A 461 -31.26 -40.78 1.67
C ILE A 461 -30.19 -39.88 2.26
N PHE A 462 -29.10 -39.65 1.54
CA PHE A 462 -28.12 -38.68 2.04
C PHE A 462 -28.59 -37.25 1.85
N LEU A 463 -29.34 -36.98 0.78
CA LEU A 463 -29.86 -35.64 0.56
C LEU A 463 -30.73 -35.20 1.72
N TRP A 464 -31.63 -36.07 2.16
CA TRP A 464 -32.52 -35.71 3.26
C TRP A 464 -31.72 -35.36 4.52
N MET A 465 -30.76 -36.22 4.86
CA MET A 465 -29.97 -35.99 6.06
C MET A 465 -29.17 -34.70 5.97
N PHE A 466 -28.65 -34.37 4.78
CA PHE A 466 -27.81 -33.18 4.68
C PHE A 466 -28.64 -31.91 4.71
N ILE A 467 -29.83 -31.93 4.10
CA ILE A 467 -30.69 -30.76 4.23
C ILE A 467 -31.05 -30.57 5.71
N ILE A 468 -31.36 -31.67 6.40
CA ILE A 468 -31.66 -31.57 7.82
C ILE A 468 -30.47 -30.96 8.57
N VAL A 469 -29.26 -31.40 8.25
CA VAL A 469 -28.09 -30.98 9.03
C VAL A 469 -27.78 -29.52 8.76
N CYS A 470 -27.77 -29.10 7.49
CA CYS A 470 -27.53 -27.70 7.17
C CYS A 470 -28.58 -26.82 7.84
N LEU A 471 -29.85 -27.19 7.70
CA LEU A 471 -30.92 -26.49 8.41
C LEU A 471 -30.60 -26.34 9.88
N LEU A 472 -30.36 -27.47 10.56
CA LEU A 472 -30.21 -27.48 12.00
C LEU A 472 -28.99 -26.68 12.44
N GLY A 473 -27.91 -26.72 11.67
CA GLY A 473 -26.72 -25.98 12.06
C GLY A 473 -26.87 -24.49 11.86
N THR A 474 -27.19 -24.08 10.61
CA THR A 474 -27.48 -22.68 10.35
C THR A 474 -28.46 -22.15 11.38
N VAL A 475 -29.37 -22.99 11.84
CA VAL A 475 -30.33 -22.53 12.84
C VAL A 475 -29.63 -22.45 14.20
N GLY A 476 -29.33 -23.58 14.82
CA GLY A 476 -28.86 -23.60 16.19
C GLY A 476 -27.60 -22.79 16.43
N LEU A 477 -26.99 -22.24 15.38
CA LEU A 477 -25.84 -21.38 15.61
C LEU A 477 -26.23 -19.93 15.93
N PHE A 478 -27.22 -19.37 15.23
CA PHE A 478 -27.54 -17.96 15.34
C PHE A 478 -28.62 -17.65 16.37
N LEU A 479 -29.10 -18.63 17.13
CA LEU A 479 -30.27 -18.42 17.99
C LEU A 479 -29.95 -17.74 19.31
N PRO A 480 -28.95 -18.21 20.06
CA PRO A 480 -28.71 -17.64 21.39
C PRO A 480 -28.52 -16.14 21.34
N PRO A 481 -27.84 -15.59 20.32
CA PRO A 481 -27.71 -14.14 20.22
C PRO A 481 -29.03 -13.41 20.22
N TRP A 482 -29.90 -13.71 19.24
CA TRP A 482 -31.19 -13.03 19.12
C TRP A 482 -32.14 -13.46 20.23
N ASP B 2 6.94 30.55 46.36
CA ASP B 2 7.83 31.49 45.69
C ASP B 2 9.28 31.03 45.76
N THR B 3 9.63 30.33 46.84
CA THR B 3 11.00 29.87 46.99
C THR B 3 11.43 29.01 45.82
N GLU B 4 10.58 28.07 45.41
CA GLU B 4 10.89 27.21 44.27
C GLU B 4 11.55 27.98 43.14
N GLU B 5 11.01 29.15 42.83
CA GLU B 5 11.62 29.99 41.80
C GLU B 5 13.07 30.31 42.12
N ARG B 6 13.32 30.79 43.34
CA ARG B 6 14.68 31.18 43.72
C ARG B 6 15.62 29.98 43.69
N LEU B 7 15.18 28.87 44.27
CA LEU B 7 15.99 27.66 44.28
C LEU B 7 16.36 27.24 42.86
N VAL B 8 15.36 27.08 41.99
CA VAL B 8 15.63 26.66 40.62
C VAL B 8 16.58 27.63 39.94
N GLU B 9 16.22 28.91 39.91
CA GLU B 9 17.04 29.93 39.24
C GLU B 9 18.40 30.09 39.89
N HIS B 10 18.62 29.48 41.06
CA HIS B 10 19.96 29.37 41.63
C HIS B 10 20.69 28.12 41.16
N LEU B 11 19.97 27.02 40.94
CA LEU B 11 20.61 25.77 40.54
C LEU B 11 21.05 25.81 39.09
N LEU B 12 20.13 26.12 38.18
CA LEU B 12 20.39 26.08 36.76
C LEU B 12 21.06 27.35 36.23
N ASP B 13 21.71 28.12 37.10
CA ASP B 13 22.40 29.31 36.64
C ASP B 13 23.39 28.96 35.55
N PRO B 14 23.36 29.64 34.39
CA PRO B 14 24.27 29.26 33.30
C PRO B 14 25.75 29.36 33.67
N SER B 15 26.09 30.33 34.52
CA SER B 15 27.48 30.55 35.01
C SER B 15 27.95 29.44 35.97
N ARG B 16 27.11 29.02 36.92
CA ARG B 16 27.46 28.02 37.91
C ARG B 16 27.35 26.60 37.37
N TYR B 17 26.48 26.38 36.40
CA TYR B 17 26.16 25.04 35.93
C TYR B 17 26.26 25.00 34.41
N ASN B 18 27.11 24.12 33.90
CA ASN B 18 27.19 23.85 32.46
C ASN B 18 26.71 22.43 32.19
N LYS B 19 26.03 22.26 31.05
CA LYS B 19 25.38 21.01 30.70
C LYS B 19 26.23 20.12 29.82
N LEU B 20 27.08 20.69 28.97
CA LEU B 20 27.83 19.91 28.00
C LEU B 20 28.88 19.03 28.63
N ILE B 21 29.12 19.14 29.94
CA ILE B 21 30.09 18.32 30.63
C ILE B 21 29.35 17.38 31.58
N ARG B 22 30.11 16.47 32.20
CA ARG B 22 29.55 15.46 33.08
C ARG B 22 30.15 15.58 34.47
N PRO B 23 29.44 15.14 35.51
CA PRO B 23 29.89 15.37 36.89
C PRO B 23 30.99 14.38 37.26
N ALA B 24 32.11 14.92 37.74
CA ALA B 24 33.27 14.09 38.07
C ALA B 24 34.08 14.77 39.16
N THR B 25 34.74 13.96 39.98
CA THR B 25 35.71 14.47 40.95
C THR B 25 36.57 13.30 41.44
N ASN B 26 37.63 13.64 42.17
CA ASN B 26 38.56 12.67 42.74
C ASN B 26 39.06 11.69 41.68
N GLY B 27 39.56 12.22 40.57
CA GLY B 27 40.30 11.42 39.61
C GLY B 27 39.46 10.80 38.52
N SER B 28 38.50 11.55 37.99
CA SER B 28 37.68 11.10 36.87
C SER B 28 36.97 9.79 37.21
N GLU B 29 36.26 9.80 38.34
CA GLU B 29 35.51 8.62 38.75
C GLU B 29 34.26 8.46 37.89
N LEU B 30 33.90 7.20 37.63
CA LEU B 30 32.74 6.91 36.84
C LEU B 30 31.46 7.29 37.57
N VAL B 31 30.47 7.74 36.81
CA VAL B 31 29.13 8.01 37.33
C VAL B 31 28.25 6.82 36.98
N THR B 32 27.73 6.15 38.00
CA THR B 32 26.88 4.99 37.76
C THR B 32 25.53 5.43 37.22
N VAL B 33 24.93 4.56 36.42
CA VAL B 33 23.63 4.83 35.81
C VAL B 33 22.76 3.59 35.94
N GLN B 34 21.90 3.57 36.94
CA GLN B 34 21.04 2.41 37.20
C GLN B 34 19.76 2.58 36.40
N LEU B 35 19.56 1.74 35.39
CA LEU B 35 18.37 1.82 34.56
C LEU B 35 17.64 0.49 34.55
N MET B 36 16.32 0.56 34.56
CA MET B 36 15.46 -0.60 34.41
C MET B 36 14.24 -0.22 33.60
N VAL B 37 13.78 -1.13 32.76
CA VAL B 37 12.70 -0.87 31.83
C VAL B 37 11.39 -1.39 32.40
N SER B 38 10.30 -0.77 31.98
CA SER B 38 8.95 -1.17 32.38
C SER B 38 8.08 -1.15 31.14
N LEU B 39 7.61 -2.32 30.73
CA LEU B 39 6.77 -2.46 29.55
C LEU B 39 5.37 -1.92 29.82
N ALA B 40 4.68 -1.54 28.76
CA ALA B 40 3.26 -1.17 28.88
C ALA B 40 2.37 -1.99 28.00
N GLN B 41 2.77 -2.25 26.76
CA GLN B 41 2.07 -3.18 25.89
C GLN B 41 2.94 -3.50 24.70
N LEU B 42 2.68 -4.65 24.10
CA LEU B 42 3.41 -5.15 22.93
C LEU B 42 2.54 -4.89 21.72
N ILE B 43 2.69 -3.70 21.12
CA ILE B 43 1.78 -3.26 20.08
C ILE B 43 1.74 -4.27 18.95
N SER B 44 2.88 -4.52 18.30
CA SER B 44 2.82 -5.35 17.10
C SER B 44 4.12 -6.10 16.89
N VAL B 45 4.03 -7.17 16.12
CA VAL B 45 5.17 -7.95 15.64
C VAL B 45 4.95 -8.19 14.16
N HIS B 46 5.60 -7.39 13.32
CA HIS B 46 5.48 -7.48 11.88
C HIS B 46 6.54 -8.47 11.39
N GLU B 47 6.10 -9.69 11.05
CA GLU B 47 7.01 -10.72 10.61
C GLU B 47 7.61 -10.38 9.24
N ARG B 48 6.74 -10.08 8.27
CA ARG B 48 7.19 -9.85 6.90
C ARG B 48 8.38 -8.88 6.83
N GLU B 49 8.51 -8.00 7.81
CA GLU B 49 9.61 -7.04 7.85
C GLU B 49 10.53 -7.25 9.04
N GLN B 50 10.25 -8.21 9.91
CA GLN B 50 11.09 -8.47 11.08
C GLN B 50 11.21 -7.23 11.96
N ILE B 51 10.07 -6.81 12.51
CA ILE B 51 10.02 -5.62 13.34
C ILE B 51 9.08 -5.85 14.51
N MET B 52 9.35 -5.16 15.62
CA MET B 52 8.51 -5.24 16.81
C MET B 52 8.29 -3.84 17.37
N THR B 53 7.03 -3.50 17.60
CA THR B 53 6.63 -2.18 18.09
C THR B 53 6.09 -2.32 19.50
N THR B 54 6.77 -1.67 20.45
CA THR B 54 6.38 -1.70 21.87
C THR B 54 6.31 -0.29 22.44
N ASN B 55 5.70 -0.19 23.62
CA ASN B 55 5.65 1.03 24.42
C ASN B 55 6.31 0.76 25.76
N VAL B 56 7.19 1.68 26.16
CA VAL B 56 8.18 1.41 27.20
C VAL B 56 8.39 2.66 28.05
N TRP B 57 8.61 2.45 29.35
CA TRP B 57 9.08 3.50 30.26
C TRP B 57 10.36 3.00 30.90
N LEU B 58 11.50 3.59 30.54
CA LEU B 58 12.79 3.17 31.09
C LEU B 58 13.22 4.18 32.15
N THR B 59 13.29 3.72 33.39
CA THR B 59 13.68 4.55 34.51
C THR B 59 15.19 4.53 34.66
N GLN B 60 15.82 5.69 34.57
CA GLN B 60 17.22 5.88 34.85
C GLN B 60 17.39 6.59 36.18
N GLU B 61 18.48 6.30 36.86
CA GLU B 61 18.83 6.98 38.09
C GLU B 61 20.33 7.17 38.14
N TRP B 62 20.75 8.31 38.68
CA TRP B 62 22.17 8.59 38.83
C TRP B 62 22.34 9.69 39.86
N GLU B 63 23.56 10.22 39.96
CA GLU B 63 23.93 11.14 41.01
C GLU B 63 24.76 12.28 40.44
N ASP B 64 24.44 13.51 40.89
CA ASP B 64 25.16 14.70 40.48
C ASP B 64 25.47 15.52 41.73
N TYR B 65 26.71 15.98 41.84
CA TYR B 65 27.20 16.62 43.06
C TYR B 65 27.02 18.13 43.05
N ARG B 66 26.55 18.72 41.95
CA ARG B 66 26.38 20.16 41.85
C ARG B 66 24.92 20.56 41.77
N LEU B 67 24.01 19.65 42.11
CA LEU B 67 22.58 19.94 42.18
C LEU B 67 22.06 19.70 43.58
N THR B 68 22.83 20.13 44.58
CA THR B 68 22.47 19.98 45.98
C THR B 68 22.26 21.36 46.61
N TRP B 69 21.56 21.36 47.74
CA TRP B 69 21.22 22.59 48.44
C TRP B 69 21.01 22.29 49.92
N LYS B 70 20.71 23.34 50.68
CA LYS B 70 20.42 23.22 52.10
C LYS B 70 18.91 23.28 52.30
N PRO B 71 18.25 22.19 52.69
CA PRO B 71 16.78 22.21 52.75
C PRO B 71 16.23 23.26 53.69
N GLU B 72 16.83 23.42 54.88
CA GLU B 72 16.27 24.35 55.86
C GLU B 72 16.31 25.79 55.35
N GLU B 73 17.32 26.14 54.55
CA GLU B 73 17.37 27.47 53.98
C GLU B 73 16.17 27.72 53.08
N PHE B 74 15.89 26.79 52.17
CA PHE B 74 14.82 26.95 51.19
C PHE B 74 13.52 26.35 51.71
N ASP B 75 13.13 26.80 52.90
CA ASP B 75 11.81 26.52 53.48
C ASP B 75 11.55 25.02 53.57
N ASN B 76 12.60 24.24 53.78
CA ASN B 76 12.49 22.78 53.95
C ASN B 76 11.88 22.13 52.70
N MET B 77 12.62 22.20 51.60
CA MET B 77 12.24 21.57 50.35
C MET B 77 13.21 20.43 50.06
N LYS B 78 12.73 19.20 50.15
CA LYS B 78 13.54 18.02 49.91
C LYS B 78 13.49 17.54 48.47
N LYS B 79 12.67 18.14 47.63
CA LYS B 79 12.40 17.58 46.32
C LYS B 79 11.89 18.66 45.39
N VAL B 80 12.30 18.59 44.12
CA VAL B 80 11.85 19.53 43.10
C VAL B 80 11.73 18.81 41.76
N ARG B 81 11.01 19.45 40.86
CA ARG B 81 10.96 19.06 39.46
C ARG B 81 11.88 19.96 38.65
N LEU B 82 12.35 19.44 37.54
CA LEU B 82 13.20 20.20 36.65
C LEU B 82 12.94 19.78 35.21
N PRO B 83 13.31 20.61 34.24
CA PRO B 83 13.24 20.18 32.85
C PRO B 83 14.46 19.36 32.48
N SER B 84 14.25 18.37 31.63
CA SER B 84 15.30 17.43 31.29
C SER B 84 16.06 17.81 30.02
N LYS B 85 15.92 19.05 29.57
CA LYS B 85 16.79 19.57 28.51
C LYS B 85 17.96 20.33 29.09
N HIS B 86 17.75 21.02 30.20
CA HIS B 86 18.76 21.94 30.74
C HIS B 86 19.78 21.22 31.61
N ILE B 87 19.35 20.21 32.35
CA ILE B 87 20.27 19.46 33.20
C ILE B 87 21.07 18.49 32.35
N TRP B 88 22.13 17.94 32.92
CA TRP B 88 22.86 16.87 32.28
C TRP B 88 21.96 15.64 32.17
N LEU B 89 22.33 14.74 31.27
CA LEU B 89 21.66 13.45 31.19
C LEU B 89 22.46 12.51 30.31
N PRO B 90 22.57 11.23 30.65
CA PRO B 90 23.37 10.31 29.85
C PRO B 90 22.57 9.73 28.70
N ASP B 91 23.12 9.83 27.49
CA ASP B 91 22.41 9.37 26.31
C ASP B 91 22.29 7.85 26.33
N VAL B 92 21.08 7.33 26.14
CA VAL B 92 20.83 5.90 26.20
C VAL B 92 19.72 5.52 25.22
N VAL B 93 20.04 4.69 24.22
CA VAL B 93 19.08 4.28 23.21
C VAL B 93 19.33 2.85 22.73
N LEU B 94 18.49 2.41 21.80
CA LEU B 94 18.69 1.17 21.06
C LEU B 94 19.93 1.26 20.18
N TYR B 95 20.28 0.15 19.53
CA TYR B 95 21.25 0.17 18.44
C TYR B 95 20.68 -0.54 17.22
N ASN B 96 19.80 -1.51 17.47
CA ASN B 96 19.18 -2.31 16.42
C ASN B 96 17.93 -1.66 15.88
N ASN B 97 17.83 -0.34 15.98
CA ASN B 97 16.60 0.37 15.67
C ASN B 97 16.43 0.57 14.17
N ALA B 98 15.28 0.16 13.66
CA ALA B 98 14.81 0.65 12.38
C ALA B 98 14.13 2.01 12.57
N ASP B 99 13.87 2.70 11.47
CA ASP B 99 13.37 4.07 11.44
C ASP B 99 14.47 5.09 11.73
N GLY B 100 15.67 4.67 12.12
CA GLY B 100 16.73 5.61 12.42
C GLY B 100 16.39 6.54 13.56
N MET B 101 15.31 6.25 14.29
CA MET B 101 14.90 7.06 15.43
C MET B 101 15.36 6.38 16.72
N TYR B 102 16.29 7.02 17.42
CA TYR B 102 16.92 6.43 18.60
C TYR B 102 16.35 6.98 19.90
N GLU B 103 16.43 8.30 20.09
CA GLU B 103 16.13 8.88 21.39
C GLU B 103 14.63 8.81 21.70
N VAL B 104 14.28 9.23 22.91
CA VAL B 104 12.92 9.13 23.42
C VAL B 104 12.08 10.29 22.90
N SER B 105 10.77 10.21 23.13
CA SER B 105 9.83 11.15 22.52
C SER B 105 9.54 12.37 23.40
N PHE B 106 9.01 12.16 24.61
CA PHE B 106 8.45 13.28 25.36
C PHE B 106 9.49 14.16 26.04
N TYR B 107 10.57 13.57 26.56
CA TYR B 107 11.56 14.32 27.35
C TYR B 107 10.90 14.93 28.58
N SER B 108 10.43 14.05 29.47
CA SER B 108 9.64 14.43 30.62
C SER B 108 10.48 15.20 31.63
N ASN B 109 9.81 15.67 32.68
CA ASN B 109 10.48 16.33 33.78
C ASN B 109 11.39 15.34 34.51
N ALA B 110 12.17 15.87 35.45
CA ALA B 110 13.13 15.10 36.21
C ALA B 110 13.01 15.47 37.68
N VAL B 111 12.90 14.46 38.52
CA VAL B 111 12.88 14.67 39.97
C VAL B 111 14.30 14.96 40.45
N VAL B 112 14.39 15.71 41.55
CA VAL B 112 15.69 16.00 42.16
C VAL B 112 15.51 16.11 43.66
N SER B 113 16.33 15.37 44.39
CA SER B 113 16.38 15.46 45.85
C SER B 113 17.51 16.41 46.25
N TYR B 114 17.81 16.46 47.55
CA TYR B 114 18.86 17.34 48.05
C TYR B 114 20.22 16.65 48.17
N ASP B 115 20.25 15.32 48.19
CA ASP B 115 21.51 14.59 48.13
C ASP B 115 22.14 14.61 46.75
N GLY B 116 21.43 15.08 45.73
CA GLY B 116 21.96 15.15 44.39
C GLY B 116 21.48 14.05 43.48
N SER B 117 20.77 13.06 44.00
CA SER B 117 20.29 11.97 43.18
C SER B 117 19.32 12.48 42.12
N ILE B 118 19.09 11.67 41.10
CA ILE B 118 18.19 12.00 40.02
C ILE B 118 17.53 10.73 39.54
N PHE B 119 16.23 10.84 39.25
CA PHE B 119 15.36 9.71 38.90
C PHE B 119 14.46 10.18 37.76
N TRP B 120 14.74 9.69 36.55
CA TRP B 120 14.15 10.21 35.33
C TRP B 120 13.62 9.04 34.51
N LEU B 121 12.33 9.02 34.23
CA LEU B 121 11.74 8.02 33.35
C LEU B 121 10.86 8.71 32.31
N PRO B 122 11.29 8.77 31.06
CA PRO B 122 10.41 9.22 29.99
C PRO B 122 9.75 8.03 29.32
N PRO B 123 8.70 8.28 28.54
CA PRO B 123 8.08 7.18 27.78
C PRO B 123 8.72 7.01 26.43
N ALA B 124 8.29 6.01 25.68
CA ALA B 124 8.82 5.80 24.34
C ALA B 124 8.03 4.73 23.63
N ILE B 125 7.97 4.83 22.31
CA ILE B 125 7.57 3.74 21.44
C ILE B 125 8.79 3.32 20.65
N TYR B 126 9.12 2.03 20.70
CA TYR B 126 10.34 1.53 20.12
C TYR B 126 10.03 0.48 19.06
N LYS B 127 10.73 0.62 17.93
CA LYS B 127 10.63 -0.29 16.79
C LYS B 127 11.93 -1.08 16.71
N SER B 128 11.97 -2.18 17.45
CA SER B 128 13.13 -3.04 17.45
C SER B 128 13.10 -3.98 16.26
N ALA B 129 14.26 -4.59 15.99
CA ALA B 129 14.42 -5.51 14.87
C ALA B 129 14.87 -6.86 15.44
N CYS B 130 13.94 -7.80 15.53
CA CYS B 130 14.23 -9.14 16.02
C CYS B 130 14.02 -10.14 14.90
N LYS B 131 14.96 -11.08 14.79
CA LYS B 131 14.92 -12.06 13.71
C LYS B 131 13.95 -13.18 14.07
N ILE B 132 13.16 -13.58 13.08
CA ILE B 132 12.05 -14.51 13.29
C ILE B 132 12.53 -15.91 12.94
N GLU B 133 12.46 -16.81 13.91
CA GLU B 133 12.78 -18.22 13.70
C GLU B 133 11.47 -18.93 13.35
N VAL B 134 11.28 -19.21 12.07
CA VAL B 134 10.00 -19.68 11.57
C VAL B 134 10.12 -21.10 11.03
N LYS B 135 9.89 -22.08 11.89
CA LYS B 135 9.80 -23.47 11.46
C LYS B 135 8.53 -24.15 11.95
N HIS B 136 8.11 -23.90 13.18
CA HIS B 136 6.88 -24.46 13.74
C HIS B 136 5.75 -23.45 13.66
N PHE B 137 5.39 -23.11 12.44
CA PHE B 137 4.34 -22.12 12.21
C PHE B 137 2.97 -22.79 12.26
N PRO B 138 2.01 -22.26 13.02
CA PRO B 138 2.04 -21.06 13.89
C PRO B 138 2.50 -21.32 15.32
N PHE B 139 2.64 -22.57 15.72
CA PHE B 139 3.03 -22.88 17.09
C PHE B 139 4.51 -22.57 17.30
N ASP B 140 4.86 -21.29 17.31
CA ASP B 140 6.25 -20.86 17.35
C ASP B 140 6.50 -20.01 18.59
N GLN B 141 7.74 -20.06 19.06
CA GLN B 141 8.20 -19.25 20.19
C GLN B 141 9.25 -18.28 19.68
N GLN B 142 8.84 -17.05 19.46
CA GLN B 142 9.76 -16.04 18.96
C GLN B 142 10.55 -15.42 20.11
N ASN B 143 11.61 -14.70 19.74
CA ASN B 143 12.61 -14.25 20.68
C ASN B 143 13.14 -12.91 20.19
N CYS B 144 12.67 -11.83 20.79
CA CYS B 144 13.00 -10.49 20.32
C CYS B 144 13.90 -9.79 21.33
N THR B 145 14.99 -9.22 20.82
CA THR B 145 16.05 -8.64 21.61
C THR B 145 15.92 -7.12 21.63
N MET B 146 16.42 -6.52 22.70
CA MET B 146 16.44 -5.06 22.84
C MET B 146 17.73 -4.65 23.50
N LYS B 147 18.53 -3.86 22.79
CA LYS B 147 19.78 -3.34 23.29
C LYS B 147 19.57 -2.04 24.05
N PHE B 148 20.59 -1.66 24.81
CA PHE B 148 20.62 -0.36 25.47
C PHE B 148 22.06 -0.02 25.79
N ARG B 149 22.53 1.10 25.24
CA ARG B 149 23.89 1.59 25.46
C ARG B 149 23.98 3.00 24.93
N SER B 150 24.83 3.80 25.56
CA SER B 150 25.04 5.17 25.11
C SER B 150 25.82 5.17 23.80
N TRP B 151 25.75 6.31 23.10
CA TRP B 151 26.47 6.48 21.84
C TRP B 151 27.20 7.82 21.80
N THR B 152 27.60 8.32 22.97
CA THR B 152 28.52 9.44 23.06
C THR B 152 29.67 9.13 24.02
N TYR B 153 29.39 8.34 25.06
CA TYR B 153 30.33 8.02 26.10
C TYR B 153 30.76 6.57 26.01
N ASP B 154 31.72 6.20 26.86
CA ASP B 154 32.23 4.84 26.91
C ASP B 154 32.32 4.35 28.36
N ARG B 155 32.96 3.20 28.56
CA ARG B 155 32.99 2.59 29.90
C ARG B 155 33.92 3.34 30.85
N THR B 156 34.88 4.10 30.34
CA THR B 156 35.79 4.84 31.19
C THR B 156 35.23 6.18 31.64
N GLU B 157 33.95 6.43 31.38
CA GLU B 157 33.27 7.63 31.86
C GLU B 157 31.91 7.36 32.48
N ILE B 158 31.25 6.26 32.15
CA ILE B 158 30.04 5.82 32.83
C ILE B 158 30.04 4.31 32.90
N ASP B 159 29.22 3.78 33.81
CA ASP B 159 29.07 2.34 34.00
C ASP B 159 27.60 2.05 34.25
N LEU B 160 26.96 1.38 33.30
CA LEU B 160 25.55 1.05 33.44
C LEU B 160 25.35 -0.13 34.37
N VAL B 161 24.17 -0.20 34.97
CA VAL B 161 23.86 -1.22 35.97
C VAL B 161 22.38 -1.54 35.90
N LEU B 162 22.03 -2.76 36.29
CA LEU B 162 20.66 -3.20 36.40
C LEU B 162 20.19 -3.09 37.85
N LYS B 163 18.88 -2.90 38.02
CA LYS B 163 18.26 -2.88 39.33
C LYS B 163 17.45 -4.14 39.62
N SER B 164 16.76 -4.66 38.61
CA SER B 164 16.03 -5.92 38.72
C SER B 164 16.31 -6.72 37.46
N GLU B 165 16.62 -8.01 37.63
CA GLU B 165 17.02 -8.80 36.48
C GLU B 165 15.87 -9.01 35.50
N VAL B 166 14.65 -8.65 35.88
CA VAL B 166 13.46 -8.89 35.09
C VAL B 166 12.79 -7.55 34.79
N ALA B 167 12.21 -7.44 33.59
CA ALA B 167 11.49 -6.25 33.20
C ALA B 167 10.10 -6.25 33.84
N SER B 168 9.78 -5.17 34.56
CA SER B 168 8.50 -5.09 35.25
C SER B 168 7.34 -5.23 34.26
N LEU B 169 6.19 -5.65 34.79
CA LEU B 169 5.02 -5.86 33.95
C LEU B 169 3.71 -5.43 34.60
N ASP B 170 3.80 -4.67 35.70
CA ASP B 170 2.62 -4.27 36.51
C ASP B 170 1.61 -3.44 35.71
N ASP B 171 2.06 -2.52 34.85
CA ASP B 171 1.13 -1.66 34.07
C ASP B 171 0.78 -2.31 32.73
N PHE B 172 1.27 -3.53 32.48
CA PHE B 172 1.05 -4.24 31.20
C PHE B 172 -0.44 -4.56 30.98
N THR B 173 -0.87 -4.41 29.73
CA THR B 173 -2.22 -4.72 29.26
C THR B 173 -2.13 -5.90 28.28
N PRO B 174 -2.96 -6.93 28.43
CA PRO B 174 -2.85 -8.09 27.53
C PRO B 174 -2.84 -7.68 26.07
N SER B 175 -2.21 -8.50 25.22
CA SER B 175 -1.99 -8.14 23.83
C SER B 175 -2.90 -8.88 22.86
N GLY B 176 -3.57 -9.94 23.28
CA GLY B 176 -4.41 -10.69 22.37
C GLY B 176 -3.65 -11.82 21.70
N GLU B 177 -3.17 -11.55 20.49
CA GLU B 177 -2.40 -12.53 19.73
C GLU B 177 -1.22 -13.07 20.52
N TRP B 178 -0.28 -12.20 20.84
CA TRP B 178 1.00 -12.61 21.39
C TRP B 178 0.96 -12.62 22.92
N ASP B 179 1.61 -13.61 23.51
CA ASP B 179 1.61 -13.84 24.95
C ASP B 179 3.04 -14.01 25.43
N ILE B 180 3.41 -13.26 26.48
CA ILE B 180 4.79 -13.29 26.96
C ILE B 180 5.02 -14.52 27.82
N VAL B 181 6.28 -14.87 27.98
CA VAL B 181 6.69 -15.98 28.82
C VAL B 181 7.74 -15.49 29.81
N ALA B 182 8.78 -14.85 29.29
CA ALA B 182 9.86 -14.36 30.13
C ALA B 182 10.46 -13.10 29.54
N LEU B 183 10.99 -12.26 30.42
CA LEU B 183 11.59 -10.97 30.05
C LEU B 183 12.93 -10.80 30.77
N PRO B 184 13.87 -11.71 30.55
CA PRO B 184 15.18 -11.58 31.19
C PRO B 184 15.96 -10.38 30.67
N GLY B 185 16.86 -9.89 31.51
CA GLY B 185 17.72 -8.79 31.17
C GLY B 185 19.14 -9.01 31.66
N ARG B 186 20.12 -8.90 30.76
CA ARG B 186 21.49 -9.25 31.06
C ARG B 186 22.44 -8.12 30.70
N ARG B 187 23.40 -7.87 31.58
CA ARG B 187 24.49 -6.97 31.28
C ARG B 187 25.57 -7.71 30.49
N ASN B 188 26.18 -7.02 29.53
CA ASN B 188 27.17 -7.62 28.65
C ASN B 188 28.37 -6.70 28.52
N GLU B 189 29.55 -7.32 28.47
CA GLU B 189 30.83 -6.63 28.42
C GLU B 189 31.77 -7.42 27.54
N ASN B 190 32.77 -6.74 26.99
CA ASN B 190 33.73 -7.34 26.07
C ASN B 190 35.13 -7.27 26.66
N PRO B 191 35.83 -8.41 26.84
CA PRO B 191 37.20 -8.33 27.37
C PRO B 191 38.21 -7.84 26.33
N ASP B 192 38.07 -8.27 25.08
CA ASP B 192 39.01 -7.86 24.05
C ASP B 192 38.96 -6.36 23.80
N ASP B 193 37.79 -5.75 23.97
CA ASP B 193 37.57 -4.34 23.69
C ASP B 193 37.71 -3.50 24.95
N SER B 194 37.07 -3.92 26.03
CA SER B 194 37.07 -3.34 27.36
C SER B 194 36.43 -1.96 27.37
N THR B 195 35.81 -1.52 26.27
CA THR B 195 35.06 -0.27 26.20
C THR B 195 33.71 -0.51 25.55
N TYR B 196 33.01 -1.55 25.98
CA TYR B 196 31.73 -1.94 25.39
C TYR B 196 30.84 -2.50 26.50
N VAL B 197 30.00 -1.64 27.06
CA VAL B 197 29.02 -2.02 28.07
C VAL B 197 27.64 -1.94 27.44
N ASP B 198 26.83 -2.98 27.62
CA ASP B 198 25.49 -2.94 27.07
C ASP B 198 24.53 -3.69 27.98
N ILE B 199 23.26 -3.38 27.83
CA ILE B 199 22.18 -4.09 28.52
C ILE B 199 21.26 -4.66 27.46
N THR B 200 20.99 -5.96 27.54
CA THR B 200 20.17 -6.65 26.56
C THR B 200 18.99 -7.31 27.25
N TYR B 201 17.79 -6.89 26.89
CA TYR B 201 16.57 -7.53 27.36
C TYR B 201 16.04 -8.46 26.26
N ASP B 202 15.69 -9.67 26.64
CA ASP B 202 15.35 -10.73 25.69
C ASP B 202 13.91 -11.17 25.92
N PHE B 203 12.97 -10.51 25.27
CA PHE B 203 11.57 -10.90 25.38
C PHE B 203 11.36 -12.24 24.68
N ILE B 204 10.72 -13.18 25.37
CA ILE B 204 10.37 -14.46 24.80
C ILE B 204 8.86 -14.49 24.63
N ILE B 205 8.40 -14.70 23.40
CA ILE B 205 6.99 -14.59 23.07
C ILE B 205 6.51 -15.90 22.48
N ARG B 206 5.23 -16.20 22.73
CA ARG B 206 4.57 -17.33 22.09
C ARG B 206 3.29 -16.85 21.44
N ARG B 207 3.01 -17.37 20.25
CA ARG B 207 1.82 -16.99 19.51
C ARG B 207 0.64 -17.86 19.93
N LYS B 208 -0.54 -17.27 19.95
CA LYS B 208 -1.76 -18.02 20.14
C LYS B 208 -2.24 -18.55 18.80
N PRO B 209 -2.44 -19.86 18.65
CA PRO B 209 -2.53 -20.44 17.30
C PRO B 209 -3.91 -20.43 16.67
N LEU B 210 -4.94 -20.31 17.49
CA LEU B 210 -6.31 -20.59 17.03
C LEU B 210 -6.63 -19.89 15.72
N PHE B 211 -6.36 -18.60 15.63
CA PHE B 211 -6.80 -17.83 14.46
C PHE B 211 -6.23 -18.41 13.18
N TYR B 212 -4.90 -18.42 13.05
CA TYR B 212 -4.29 -18.94 11.85
C TYR B 212 -4.60 -20.42 11.66
N THR B 213 -4.72 -21.16 12.75
CA THR B 213 -5.16 -22.55 12.64
C THR B 213 -6.45 -22.63 11.82
N ILE B 214 -7.51 -22.02 12.34
CA ILE B 214 -8.80 -22.04 11.65
C ILE B 214 -8.66 -21.58 10.21
N ASN B 215 -8.02 -20.43 10.00
CA ASN B 215 -8.11 -19.79 8.70
C ASN B 215 -7.22 -20.42 7.65
N LEU B 216 -6.17 -21.15 8.03
CA LEU B 216 -5.24 -21.74 7.08
C LEU B 216 -5.20 -23.26 7.15
N ILE B 217 -4.97 -23.82 8.33
CA ILE B 217 -4.67 -25.25 8.43
C ILE B 217 -5.87 -26.07 7.98
N ILE B 218 -7.02 -25.85 8.62
CA ILE B 218 -8.20 -26.67 8.34
C ILE B 218 -8.50 -26.75 6.84
N PRO B 219 -8.68 -25.62 6.14
CA PRO B 219 -8.83 -25.73 4.67
C PRO B 219 -7.70 -26.51 4.01
N CYS B 220 -6.46 -26.29 4.46
CA CYS B 220 -5.30 -26.92 3.83
C CYS B 220 -5.39 -28.43 3.89
N VAL B 221 -5.49 -28.98 5.10
CA VAL B 221 -5.56 -30.43 5.27
C VAL B 221 -6.83 -30.97 4.62
N LEU B 222 -7.94 -30.24 4.79
CA LEU B 222 -9.21 -30.67 4.23
C LEU B 222 -9.11 -30.86 2.72
N ILE B 223 -8.41 -29.95 2.03
CA ILE B 223 -8.28 -30.06 0.59
C ILE B 223 -7.29 -31.16 0.22
N THR B 224 -6.10 -31.14 0.82
CA THR B 224 -5.10 -32.15 0.47
C THR B 224 -5.60 -33.56 0.76
N SER B 225 -6.65 -33.69 1.57
CA SER B 225 -7.26 -35.00 1.82
C SER B 225 -8.00 -35.55 0.61
N LEU B 226 -7.99 -34.86 -0.53
CA LEU B 226 -8.67 -35.32 -1.74
C LEU B 226 -7.70 -35.75 -2.82
N ALA B 227 -6.41 -35.85 -2.52
CA ALA B 227 -5.43 -36.23 -3.51
C ALA B 227 -5.30 -37.74 -3.66
N ILE B 228 -5.72 -38.51 -2.66
CA ILE B 228 -5.61 -39.96 -2.68
C ILE B 228 -6.93 -40.60 -3.13
N LEU B 229 -7.80 -39.83 -3.77
CA LEU B 229 -9.17 -40.24 -4.01
C LEU B 229 -9.54 -40.32 -5.47
N VAL B 230 -8.95 -39.50 -6.34
CA VAL B 230 -9.31 -39.50 -7.75
C VAL B 230 -9.15 -40.89 -8.36
N PHE B 231 -8.32 -41.75 -7.75
CA PHE B 231 -8.15 -43.09 -8.27
C PHE B 231 -9.40 -43.93 -8.09
N TYR B 232 -10.15 -43.69 -7.02
CA TYR B 232 -11.41 -44.39 -6.79
C TYR B 232 -12.53 -43.90 -7.69
N LEU B 233 -12.25 -42.97 -8.60
CA LEU B 233 -13.22 -42.41 -9.53
C LEU B 233 -13.16 -43.18 -10.85
N PRO B 234 -14.32 -43.49 -11.47
CA PRO B 234 -14.29 -44.29 -12.69
C PRO B 234 -13.99 -43.43 -13.92
N SER B 235 -13.24 -44.02 -14.85
CA SER B 235 -12.74 -43.28 -16.00
C SER B 235 -13.82 -42.99 -17.04
N ASP B 236 -14.99 -43.64 -16.96
CA ASP B 236 -16.09 -43.31 -17.86
C ASP B 236 -16.73 -41.97 -17.55
N CYS B 237 -16.60 -41.47 -16.32
CA CYS B 237 -17.24 -40.20 -16.00
C CYS B 237 -16.61 -39.04 -16.77
N GLY B 238 -15.34 -39.17 -17.13
CA GLY B 238 -14.66 -38.08 -17.81
C GLY B 238 -14.42 -36.88 -16.92
N GLU B 239 -14.03 -37.10 -15.67
CA GLU B 239 -13.97 -36.04 -14.68
C GLU B 239 -12.71 -36.02 -13.83
N LYS B 240 -11.85 -37.04 -13.89
CA LYS B 240 -10.66 -37.06 -13.05
C LYS B 240 -9.84 -35.79 -13.25
N MET B 241 -9.67 -35.37 -14.49
CA MET B 241 -8.85 -34.20 -14.79
C MET B 241 -9.34 -32.97 -14.04
N THR B 242 -10.64 -32.74 -14.07
CA THR B 242 -11.22 -31.57 -13.40
C THR B 242 -10.81 -31.52 -11.94
N LEU B 243 -11.10 -32.61 -11.20
CA LEU B 243 -10.82 -32.64 -9.77
C LEU B 243 -9.34 -32.46 -9.51
N CYS B 244 -8.49 -33.25 -10.19
CA CYS B 244 -7.06 -33.16 -9.94
C CYS B 244 -6.54 -31.75 -10.18
N ILE B 245 -6.93 -31.15 -11.31
CA ILE B 245 -6.47 -29.82 -11.66
C ILE B 245 -6.89 -28.82 -10.60
N SER B 246 -8.16 -28.87 -10.21
CA SER B 246 -8.66 -27.93 -9.21
C SER B 246 -7.87 -28.05 -7.92
N VAL B 247 -7.59 -29.28 -7.48
CA VAL B 247 -6.84 -29.47 -6.26
C VAL B 247 -5.45 -28.86 -6.39
N LEU B 248 -4.77 -29.14 -7.50
CA LEU B 248 -3.43 -28.62 -7.69
C LEU B 248 -3.42 -27.09 -7.65
N LEU B 249 -4.41 -26.46 -8.27
CA LEU B 249 -4.42 -25.00 -8.32
C LEU B 249 -4.69 -24.40 -6.94
N ALA B 250 -5.70 -24.93 -6.23
CA ALA B 250 -5.93 -24.47 -4.87
C ALA B 250 -4.68 -24.62 -4.02
N LEU B 251 -3.95 -25.71 -4.24
CA LEU B 251 -2.73 -25.98 -3.48
C LEU B 251 -1.67 -24.91 -3.75
N THR B 252 -1.40 -24.65 -5.03
CA THR B 252 -0.43 -23.61 -5.38
C THR B 252 -0.83 -22.27 -4.77
N VAL B 253 -2.13 -21.97 -4.78
CA VAL B 253 -2.59 -20.70 -4.21
C VAL B 253 -2.24 -20.62 -2.72
N PHE B 254 -2.61 -21.66 -1.97
CA PHE B 254 -2.31 -21.65 -0.55
C PHE B 254 -0.81 -21.52 -0.32
N LEU B 255 -0.01 -22.13 -1.19
CA LEU B 255 1.43 -22.06 -1.03
C LEU B 255 1.94 -20.64 -1.18
N LEU B 256 1.58 -19.99 -2.30
CA LEU B 256 1.98 -18.60 -2.49
C LEU B 256 1.55 -17.74 -1.32
N LEU B 257 0.33 -17.95 -0.84
CA LEU B 257 -0.19 -17.13 0.25
C LEU B 257 0.66 -17.30 1.51
N ILE B 258 0.87 -18.54 1.93
CA ILE B 258 1.67 -18.77 3.14
C ILE B 258 3.07 -18.21 2.97
N SER B 259 3.61 -18.23 1.74
CA SER B 259 4.93 -17.65 1.56
C SER B 259 4.88 -16.14 1.64
N LYS B 260 3.73 -15.55 1.36
CA LYS B 260 3.57 -14.11 1.56
C LYS B 260 3.55 -13.77 3.05
N ILE B 261 2.80 -14.53 3.83
CA ILE B 261 2.61 -14.18 5.24
C ILE B 261 3.92 -14.26 6.03
N VAL B 262 4.88 -15.06 5.61
CA VAL B 262 6.13 -15.23 6.34
C VAL B 262 7.24 -14.45 5.65
N PRO B 263 8.31 -14.10 6.35
CA PRO B 263 9.36 -13.28 5.73
C PRO B 263 10.14 -14.07 4.70
N PRO B 264 10.84 -13.39 3.79
CA PRO B 264 11.60 -14.06 2.73
C PRO B 264 13.02 -14.44 3.16
N THR B 265 13.13 -15.07 4.33
CA THR B 265 14.41 -15.55 4.82
C THR B 265 14.66 -16.93 4.26
N SER B 266 15.65 -17.03 3.36
CA SER B 266 16.03 -18.29 2.75
C SER B 266 16.91 -19.14 3.67
N LEU B 267 17.04 -18.75 4.93
CA LEU B 267 17.89 -19.49 5.85
C LEU B 267 17.23 -20.78 6.31
N ASP B 268 15.92 -20.71 6.56
CA ASP B 268 15.11 -21.87 7.05
C ASP B 268 13.78 -21.91 6.30
N VAL B 269 13.16 -23.09 6.22
CA VAL B 269 11.89 -23.26 5.53
C VAL B 269 10.86 -23.79 6.52
N PRO B 270 9.63 -23.30 6.51
CA PRO B 270 8.63 -23.82 7.43
C PRO B 270 8.17 -25.21 7.03
N LEU B 271 7.34 -25.79 7.90
CA LEU B 271 6.89 -27.16 7.71
C LEU B 271 5.73 -27.25 6.73
N VAL B 272 4.86 -26.24 6.75
CA VAL B 272 3.63 -26.30 5.96
C VAL B 272 3.95 -26.24 4.46
N GLY B 273 4.77 -25.27 4.06
CA GLY B 273 5.17 -25.19 2.67
C GLY B 273 5.85 -26.46 2.20
N LYS B 274 6.61 -27.10 3.08
CA LYS B 274 7.28 -28.35 2.75
C LYS B 274 6.27 -29.45 2.45
N TYR B 275 5.36 -29.69 3.40
CA TYR B 275 4.31 -30.69 3.20
C TYR B 275 3.52 -30.41 1.92
N LEU B 276 3.23 -29.14 1.67
CA LEU B 276 2.38 -28.79 0.53
C LEU B 276 3.12 -29.04 -0.78
N MET B 277 4.40 -28.67 -0.86
CA MET B 277 5.18 -28.96 -2.05
C MET B 277 5.23 -30.46 -2.31
N PHE B 278 5.42 -31.26 -1.26
CA PHE B 278 5.49 -32.70 -1.43
C PHE B 278 4.18 -33.25 -1.99
N THR B 279 3.05 -32.88 -1.40
CA THR B 279 1.78 -33.41 -1.88
C THR B 279 1.44 -32.87 -3.27
N MET B 280 1.95 -31.69 -3.62
CA MET B 280 1.77 -31.19 -4.99
C MET B 280 2.49 -32.09 -5.99
N VAL B 281 3.74 -32.43 -5.69
CA VAL B 281 4.47 -33.37 -6.54
C VAL B 281 3.67 -34.66 -6.67
N LEU B 282 3.13 -35.13 -5.55
CA LEU B 282 2.33 -36.36 -5.55
C LEU B 282 1.16 -36.24 -6.53
N VAL B 283 0.42 -35.14 -6.44
CA VAL B 283 -0.80 -35.03 -7.25
C VAL B 283 -0.48 -34.87 -8.73
N THR B 284 0.67 -34.28 -9.08
CA THR B 284 1.00 -34.22 -10.50
C THR B 284 1.41 -35.61 -11.02
N PHE B 285 2.16 -36.37 -10.22
CA PHE B 285 2.38 -37.76 -10.60
C PHE B 285 1.05 -38.47 -10.80
N SER B 286 0.07 -38.15 -9.95
CA SER B 286 -1.26 -38.74 -10.08
C SER B 286 -1.90 -38.38 -11.41
N ILE B 287 -1.82 -37.11 -11.80
CA ILE B 287 -2.48 -36.69 -13.04
C ILE B 287 -1.88 -37.44 -14.23
N VAL B 288 -0.56 -37.59 -14.25
CA VAL B 288 0.07 -38.24 -15.40
C VAL B 288 -0.29 -39.73 -15.45
N THR B 289 -0.20 -40.41 -14.31
CA THR B 289 -0.57 -41.82 -14.32
C THR B 289 -2.06 -42.00 -14.64
N SER B 290 -2.89 -41.02 -14.26
CA SER B 290 -4.32 -41.12 -14.53
C SER B 290 -4.62 -40.95 -16.01
N VAL B 291 -3.92 -40.05 -16.68
CA VAL B 291 -4.12 -39.94 -18.12
C VAL B 291 -3.68 -41.22 -18.82
N CYS B 292 -2.58 -41.82 -18.35
CA CYS B 292 -2.19 -43.11 -18.92
C CYS B 292 -3.30 -44.15 -18.76
N VAL B 293 -3.87 -44.22 -17.55
CA VAL B 293 -4.97 -45.15 -17.31
C VAL B 293 -6.13 -44.87 -18.25
N LEU B 294 -6.50 -43.60 -18.38
CA LEU B 294 -7.64 -43.24 -19.22
C LEU B 294 -7.39 -43.68 -20.66
N ASN B 295 -6.19 -43.43 -21.18
CA ASN B 295 -5.89 -43.83 -22.54
C ASN B 295 -6.02 -45.34 -22.70
N VAL B 296 -5.42 -46.11 -21.78
CA VAL B 296 -5.51 -47.55 -21.93
C VAL B 296 -6.96 -48.03 -21.81
N HIS B 297 -7.79 -47.27 -21.10
CA HIS B 297 -9.19 -47.64 -20.98
C HIS B 297 -9.94 -47.41 -22.29
N HIS B 298 -9.68 -46.29 -22.96
CA HIS B 298 -10.42 -45.94 -24.17
C HIS B 298 -9.82 -46.55 -25.43
N ARG B 299 -9.03 -47.61 -25.31
CA ARG B 299 -8.54 -48.31 -26.47
C ARG B 299 -9.59 -49.29 -26.98
N SER B 300 -9.56 -49.56 -28.28
CA SER B 300 -10.54 -50.46 -28.90
C SER B 300 -9.83 -51.69 -29.46
N PRO B 301 -10.57 -52.73 -29.86
CA PRO B 301 -9.90 -53.93 -30.37
C PRO B 301 -9.23 -53.73 -31.71
N THR B 302 -9.86 -52.99 -32.63
CA THR B 302 -9.29 -52.82 -33.96
C THR B 302 -7.94 -52.12 -33.91
N THR B 303 -7.79 -51.14 -33.00
CA THR B 303 -6.60 -50.31 -33.00
C THR B 303 -5.41 -51.01 -32.37
N HIS B 304 -5.63 -51.80 -31.32
CA HIS B 304 -4.55 -52.49 -30.63
C HIS B 304 -4.95 -53.94 -30.38
N THR B 305 -3.94 -54.81 -30.24
CA THR B 305 -4.17 -56.22 -29.99
C THR B 305 -3.91 -56.64 -28.55
N MET B 306 -3.17 -55.82 -27.78
CA MET B 306 -2.86 -56.15 -26.38
C MET B 306 -2.40 -57.60 -26.26
N ALA B 307 -1.33 -57.92 -26.96
CA ALA B 307 -0.84 -59.29 -27.10
C ALA B 307 -0.27 -59.78 -25.77
N PRO B 308 0.29 -61.01 -25.71
CA PRO B 308 0.21 -61.82 -24.49
C PRO B 308 0.43 -61.09 -23.16
N TRP B 309 1.55 -60.38 -23.06
CA TRP B 309 2.06 -59.92 -21.76
C TRP B 309 0.93 -59.40 -20.86
N VAL B 310 0.10 -58.49 -21.39
CA VAL B 310 -0.95 -57.88 -20.58
C VAL B 310 -1.84 -58.95 -19.97
N LYS B 311 -2.34 -59.87 -20.81
CA LYS B 311 -3.32 -60.84 -20.36
C LYS B 311 -2.83 -61.51 -19.09
N VAL B 312 -1.74 -62.25 -19.21
CA VAL B 312 -1.30 -63.08 -18.10
C VAL B 312 -0.86 -62.20 -16.94
N VAL B 313 -0.06 -61.17 -17.21
CA VAL B 313 0.50 -60.37 -16.12
C VAL B 313 -0.61 -59.78 -15.26
N PHE B 314 -1.61 -59.14 -15.88
CA PHE B 314 -2.60 -58.42 -15.08
C PHE B 314 -3.69 -59.35 -14.56
N LEU B 315 -4.25 -60.20 -15.43
CA LEU B 315 -5.24 -61.17 -14.98
C LEU B 315 -4.66 -62.17 -13.98
N GLU B 316 -3.33 -62.17 -13.76
CA GLU B 316 -2.73 -62.91 -12.67
C GLU B 316 -2.33 -62.03 -11.50
N LYS B 317 -2.12 -60.73 -11.72
CA LYS B 317 -1.86 -59.82 -10.62
C LYS B 317 -3.12 -59.59 -9.79
N LEU B 318 -4.28 -59.79 -10.41
CA LEU B 318 -5.56 -59.62 -9.70
C LEU B 318 -5.54 -60.08 -8.24
N PRO B 319 -5.10 -61.30 -7.90
CA PRO B 319 -5.26 -61.77 -6.52
C PRO B 319 -4.29 -61.10 -5.55
N ALA B 320 -3.07 -60.80 -5.99
CA ALA B 320 -2.12 -60.13 -5.11
C ALA B 320 -2.70 -58.88 -4.49
N LEU B 321 -3.68 -58.26 -5.14
CA LEU B 321 -4.39 -57.12 -4.59
C LEU B 321 -5.58 -57.54 -3.72
N LEU B 322 -5.94 -58.82 -3.72
CA LEU B 322 -7.21 -59.28 -3.20
C LEU B 322 -8.38 -58.64 -3.95
N PHE B 323 -8.11 -58.14 -5.15
CA PHE B 323 -9.09 -57.61 -6.08
C PHE B 323 -9.37 -58.69 -7.12
N MET B 324 -10.63 -58.77 -7.57
CA MET B 324 -11.17 -60.04 -8.02
C MET B 324 -11.76 -59.99 -9.43
N GLN B 325 -11.61 -61.12 -10.12
CA GLN B 325 -12.66 -61.69 -10.98
C GLN B 325 -13.09 -60.73 -12.10
N GLN B 326 -12.15 -60.53 -13.04
CA GLN B 326 -12.41 -59.76 -14.26
C GLN B 326 -13.61 -58.79 -14.33
N SER B 331 -16.24 -57.77 -26.41
CA SER B 331 -15.89 -58.16 -25.05
C SER B 331 -14.47 -57.73 -24.71
N VAL B 332 -13.66 -57.51 -25.75
CA VAL B 332 -12.27 -57.08 -25.52
C VAL B 332 -12.23 -55.74 -24.82
N SER B 333 -13.13 -54.83 -25.19
CA SER B 333 -13.19 -53.53 -24.52
C SER B 333 -13.42 -53.70 -23.02
N GLU B 334 -14.20 -54.71 -22.64
CA GLU B 334 -14.39 -54.97 -21.22
C GLU B 334 -13.08 -55.36 -20.55
N ASP B 335 -12.26 -56.16 -21.24
CA ASP B 335 -10.96 -56.51 -20.68
C ASP B 335 -10.07 -55.29 -20.55
N TRP B 336 -10.10 -54.39 -21.55
CA TRP B 336 -9.42 -53.11 -21.42
C TRP B 336 -9.83 -52.39 -20.14
N LYS B 337 -11.13 -52.18 -19.99
CA LYS B 337 -11.66 -51.47 -18.83
C LYS B 337 -11.20 -52.12 -17.54
N TYR B 338 -11.17 -53.45 -17.51
CA TYR B 338 -10.79 -54.14 -16.29
C TYR B 338 -9.30 -53.95 -15.99
N VAL B 339 -8.47 -53.99 -17.02
CA VAL B 339 -7.05 -53.69 -16.83
C VAL B 339 -6.90 -52.31 -16.20
N ALA B 340 -7.65 -51.34 -16.71
CA ALA B 340 -7.58 -49.98 -16.17
C ALA B 340 -7.97 -49.98 -14.70
N MET B 341 -9.09 -50.62 -14.36
CA MET B 341 -9.52 -50.72 -12.97
C MET B 341 -8.41 -51.29 -12.10
N VAL B 342 -7.82 -52.39 -12.53
CA VAL B 342 -6.77 -53.04 -11.75
C VAL B 342 -5.63 -52.07 -11.46
N ILE B 343 -5.09 -51.46 -12.52
CA ILE B 343 -3.91 -50.62 -12.34
C ILE B 343 -4.23 -49.43 -11.46
N ASP B 344 -5.42 -48.85 -11.62
CA ASP B 344 -5.75 -47.69 -10.80
C ASP B 344 -5.88 -48.07 -9.33
N ARG B 345 -6.42 -49.26 -9.06
CA ARG B 345 -6.52 -49.69 -7.66
C ARG B 345 -5.13 -49.92 -7.06
N LEU B 346 -4.23 -50.50 -7.83
CA LEU B 346 -2.85 -50.66 -7.35
C LEU B 346 -2.25 -49.31 -6.97
N PHE B 347 -2.39 -48.32 -7.87
CA PHE B 347 -1.86 -47.00 -7.58
C PHE B 347 -2.51 -46.39 -6.35
N LEU B 348 -3.82 -46.59 -6.19
CA LEU B 348 -4.51 -46.10 -5.01
C LEU B 348 -3.90 -46.67 -3.74
N TRP B 349 -3.62 -47.97 -3.75
CA TRP B 349 -3.02 -48.61 -2.58
C TRP B 349 -1.70 -47.95 -2.24
N ILE B 350 -0.79 -47.87 -3.22
CA ILE B 350 0.53 -47.33 -2.88
C ILE B 350 0.43 -45.86 -2.49
N PHE B 351 -0.55 -45.13 -3.03
CA PHE B 351 -0.65 -43.71 -2.71
C PHE B 351 -1.14 -43.49 -1.29
N VAL B 352 -2.15 -44.25 -0.85
CA VAL B 352 -2.58 -44.12 0.53
C VAL B 352 -1.46 -44.54 1.47
N PHE B 353 -0.69 -45.57 1.08
CA PHE B 353 0.46 -45.97 1.88
C PHE B 353 1.43 -44.79 2.03
N VAL B 354 1.75 -44.12 0.92
CA VAL B 354 2.71 -43.03 0.98
C VAL B 354 2.16 -41.84 1.75
N CYS B 355 0.85 -41.61 1.68
CA CYS B 355 0.24 -40.53 2.46
C CYS B 355 0.43 -40.78 3.94
N VAL B 356 0.12 -42.00 4.39
CA VAL B 356 0.35 -42.34 5.79
C VAL B 356 1.84 -42.22 6.13
N PHE B 357 2.70 -42.65 5.21
CA PHE B 357 4.14 -42.56 5.44
C PHE B 357 4.57 -41.12 5.68
N GLY B 358 4.06 -40.19 4.89
CA GLY B 358 4.42 -38.79 5.10
C GLY B 358 3.88 -38.24 6.39
N THR B 359 2.60 -38.52 6.68
CA THR B 359 2.03 -38.11 7.96
C THR B 359 2.88 -38.60 9.12
N ILE B 360 3.48 -39.78 8.98
CA ILE B 360 4.41 -40.26 9.99
C ILE B 360 5.69 -39.44 9.96
N GLY B 361 6.20 -39.17 8.76
CA GLY B 361 7.42 -38.42 8.59
C GLY B 361 7.37 -37.06 9.28
N MET B 362 6.16 -36.53 9.46
CA MET B 362 6.03 -35.27 10.18
C MET B 362 6.30 -35.43 11.67
N PHE B 363 5.92 -36.55 12.27
CA PHE B 363 6.16 -36.79 13.69
C PHE B 363 7.63 -37.01 13.97
N ASP C 2 36.30 20.84 36.59
CA ASP C 2 35.91 22.22 36.34
C ASP C 2 36.72 22.82 35.19
N THR C 3 37.96 22.36 35.05
CA THR C 3 38.81 22.91 33.99
C THR C 3 38.18 22.73 32.63
N GLU C 4 37.64 21.54 32.35
CA GLU C 4 36.99 21.27 31.07
C GLU C 4 36.14 22.45 30.62
N GLU C 5 35.37 23.02 31.55
CA GLU C 5 34.56 24.19 31.22
C GLU C 5 35.43 25.33 30.71
N ARG C 6 36.49 25.68 31.44
CA ARG C 6 37.34 26.78 31.04
C ARG C 6 38.00 26.52 29.70
N LEU C 7 38.54 25.32 29.53
CA LEU C 7 39.18 24.95 28.27
C LEU C 7 38.21 25.10 27.10
N VAL C 8 37.05 24.47 27.20
CA VAL C 8 36.06 24.54 26.13
C VAL C 8 35.70 25.99 25.83
N GLU C 9 35.23 26.71 26.85
CA GLU C 9 34.79 28.08 26.68
C GLU C 9 35.94 29.00 26.27
N HIS C 10 37.18 28.52 26.30
CA HIS C 10 38.30 29.23 25.69
C HIS C 10 38.49 28.86 24.23
N LEU C 11 38.22 27.60 23.86
CA LEU C 11 38.43 27.16 22.49
C LEU C 11 37.36 27.70 21.55
N LEU C 12 36.09 27.46 21.87
CA LEU C 12 34.98 27.83 21.01
C LEU C 12 34.55 29.28 21.17
N ASP C 13 35.42 30.14 21.68
CA ASP C 13 35.08 31.55 21.80
C ASP C 13 34.64 32.11 20.45
N PRO C 14 33.49 32.77 20.36
CA PRO C 14 33.03 33.25 19.05
C PRO C 14 33.99 34.22 18.39
N SER C 15 34.70 35.04 19.18
CA SER C 15 35.67 35.96 18.57
C SER C 15 36.90 35.23 18.06
N ARG C 16 37.49 34.38 18.89
CA ARG C 16 38.72 33.73 18.51
C ARG C 16 38.52 32.68 17.42
N TYR C 17 37.33 32.08 17.34
CA TYR C 17 37.07 30.96 16.46
C TYR C 17 35.81 31.25 15.65
N ASN C 18 35.93 31.22 14.33
CA ASN C 18 34.80 31.29 13.43
C ASN C 18 34.65 29.97 12.69
N LYS C 19 33.40 29.58 12.45
CA LYS C 19 33.08 28.28 11.89
C LYS C 19 32.88 28.31 10.38
N LEU C 20 32.40 29.42 9.83
CA LEU C 20 32.07 29.49 8.42
C LEU C 20 33.29 29.42 7.51
N ILE C 21 34.49 29.45 8.07
CA ILE C 21 35.71 29.38 7.28
C ILE C 21 36.41 28.06 7.58
N ARG C 22 37.48 27.79 6.83
CA ARG C 22 38.20 26.54 6.96
C ARG C 22 39.66 26.82 7.31
N PRO C 23 40.34 25.86 7.95
CA PRO C 23 41.68 26.11 8.48
C PRO C 23 42.72 26.06 7.37
N ALA C 24 43.53 27.11 7.25
CA ALA C 24 44.51 27.21 6.19
C ALA C 24 45.67 28.08 6.63
N THR C 25 46.86 27.78 6.11
CA THR C 25 48.01 28.64 6.30
C THR C 25 49.08 28.26 5.28
N ASN C 26 50.11 29.10 5.19
CA ASN C 26 51.24 28.90 4.27
C ASN C 26 50.77 28.68 2.84
N GLY C 27 49.90 29.57 2.35
CA GLY C 27 49.58 29.60 0.94
C GLY C 27 48.39 28.76 0.54
N SER C 28 47.34 28.77 1.35
CA SER C 28 46.10 28.07 1.04
C SER C 28 46.36 26.58 0.79
N GLU C 29 47.02 25.95 1.75
CA GLU C 29 47.29 24.53 1.65
C GLU C 29 46.03 23.72 1.90
N LEU C 30 45.93 22.59 1.20
CA LEU C 30 44.76 21.73 1.34
C LEU C 30 44.74 21.07 2.71
N VAL C 31 43.55 20.86 3.24
CA VAL C 31 43.34 20.10 4.47
C VAL C 31 42.90 18.70 4.08
N THR C 32 43.70 17.71 4.45
CA THR C 32 43.36 16.34 4.13
C THR C 32 42.18 15.86 4.96
N VAL C 33 41.42 14.94 4.40
CA VAL C 33 40.25 14.38 5.07
C VAL C 33 40.24 12.88 4.86
N GLN C 34 40.72 12.13 5.85
CA GLN C 34 40.82 10.69 5.75
C GLN C 34 39.51 10.09 6.26
N LEU C 35 38.73 9.50 5.36
CA LEU C 35 37.46 8.90 5.74
C LEU C 35 37.41 7.45 5.33
N MET C 36 36.83 6.63 6.20
CA MET C 36 36.56 5.23 5.89
C MET C 36 35.22 4.84 6.51
N VAL C 37 34.49 3.99 5.80
CA VAL C 37 33.14 3.61 6.18
C VAL C 37 33.16 2.29 6.91
N SER C 38 32.17 2.09 7.78
CA SER C 38 32.00 0.84 8.53
C SER C 38 30.53 0.48 8.48
N LEU C 39 30.22 -0.63 7.84
CA LEU C 39 28.85 -1.10 7.69
C LEU C 39 28.35 -1.66 9.02
N ALA C 40 27.02 -1.67 9.19
CA ALA C 40 26.43 -2.34 10.32
C ALA C 40 25.42 -3.41 9.92
N GLN C 41 24.59 -3.15 8.93
CA GLN C 41 23.73 -4.17 8.35
C GLN C 41 23.16 -3.64 7.05
N LEU C 42 22.77 -4.57 6.19
CA LEU C 42 22.20 -4.27 4.88
C LEU C 42 20.70 -4.48 5.00
N ILE C 43 19.99 -3.40 5.37
CA ILE C 43 18.58 -3.53 5.72
C ILE C 43 17.81 -4.12 4.57
N SER C 44 17.80 -3.46 3.41
CA SER C 44 16.92 -3.92 2.33
C SER C 44 17.48 -3.58 0.97
N VAL C 45 17.01 -4.34 -0.02
CA VAL C 45 17.28 -4.08 -1.43
C VAL C 45 15.94 -4.18 -2.16
N HIS C 46 15.34 -3.03 -2.44
CA HIS C 46 14.04 -2.97 -3.11
C HIS C 46 14.31 -2.93 -4.61
N GLU C 47 14.09 -4.06 -5.27
CA GLU C 47 14.34 -4.15 -6.71
C GLU C 47 13.35 -3.30 -7.49
N ARG C 48 12.05 -3.49 -7.25
CA ARG C 48 11.02 -2.82 -8.03
C ARG C 48 11.28 -1.33 -8.16
N GLU C 49 11.99 -0.73 -7.20
CA GLU C 49 12.32 0.68 -7.24
C GLU C 49 13.81 0.97 -7.37
N GLN C 50 14.64 -0.07 -7.41
CA GLN C 50 16.09 0.11 -7.53
C GLN C 50 16.64 0.97 -6.39
N ILE C 51 16.52 0.45 -5.18
CA ILE C 51 16.94 1.18 -3.98
C ILE C 51 17.59 0.20 -3.01
N MET C 52 18.51 0.72 -2.21
CA MET C 52 19.20 -0.07 -1.18
C MET C 52 19.28 0.74 0.11
N THR C 53 18.84 0.13 1.20
CA THR C 53 18.79 0.77 2.51
C THR C 53 19.81 0.09 3.42
N THR C 54 20.80 0.87 3.87
CA THR C 54 21.85 0.38 4.77
C THR C 54 22.00 1.30 5.98
N ASN C 55 22.74 0.78 6.97
CA ASN C 55 23.14 1.53 8.16
C ASN C 55 24.66 1.56 8.23
N VAL C 56 25.21 2.74 8.47
CA VAL C 56 26.60 3.04 8.19
C VAL C 56 27.16 3.97 9.25
N TRP C 57 28.43 3.77 9.61
CA TRP C 57 29.19 4.71 10.43
C TRP C 57 30.44 5.08 9.63
N LEU C 58 30.51 6.31 9.14
CA LEU C 58 31.65 6.76 8.35
C LEU C 58 32.54 7.64 9.23
N THR C 59 33.76 7.15 9.49
CA THR C 59 34.73 7.86 10.32
C THR C 59 35.53 8.79 9.45
N GLN C 60 35.48 10.09 9.77
CA GLN C 60 36.31 11.10 9.16
C GLN C 60 37.38 11.54 10.15
N GLU C 61 38.53 11.93 9.62
CA GLU C 61 39.61 12.48 10.43
C GLU C 61 40.28 13.60 9.67
N TRP C 62 40.68 14.63 10.39
CA TRP C 62 41.40 15.75 9.77
C TRP C 62 42.13 16.51 10.87
N GLU C 63 42.63 17.69 10.51
CA GLU C 63 43.52 18.46 11.37
C GLU C 63 43.14 19.93 11.34
N ASP C 64 43.13 20.55 12.50
CA ASP C 64 42.83 21.98 12.65
C ASP C 64 43.87 22.59 13.56
N TYR C 65 44.42 23.73 13.16
CA TYR C 65 45.56 24.34 13.85
C TYR C 65 45.14 25.35 14.91
N ARG C 66 43.85 25.63 15.05
CA ARG C 66 43.37 26.60 16.03
C ARG C 66 42.55 25.95 17.13
N LEU C 67 42.64 24.63 17.27
CA LEU C 67 42.00 23.89 18.34
C LEU C 67 43.04 23.16 19.18
N THR C 68 44.15 23.83 19.46
CA THR C 68 45.24 23.27 20.25
C THR C 68 45.39 24.05 21.56
N TRP C 69 46.05 23.42 22.52
CA TRP C 69 46.23 24.00 23.84
C TRP C 69 47.49 23.42 24.47
N LYS C 70 47.78 23.88 25.68
CA LYS C 70 48.91 23.38 26.45
C LYS C 70 48.40 22.40 27.50
N PRO C 71 48.68 21.11 27.39
CA PRO C 71 48.07 20.15 28.33
C PRO C 71 48.41 20.42 29.78
N GLU C 72 49.66 20.75 30.09
CA GLU C 72 50.06 20.92 31.48
C GLU C 72 49.33 22.08 32.13
N GLU C 73 49.02 23.13 31.36
CA GLU C 73 48.25 24.24 31.92
C GLU C 73 46.87 23.77 32.38
N PHE C 74 46.17 23.04 31.52
CA PHE C 74 44.80 22.61 31.81
C PHE C 74 44.80 21.22 32.45
N ASP C 75 45.56 21.13 33.55
CA ASP C 75 45.53 19.97 34.44
C ASP C 75 45.82 18.67 33.69
N ASN C 76 46.65 18.74 32.65
CA ASN C 76 47.05 17.58 31.87
C ASN C 76 45.85 16.88 31.24
N MET C 77 45.20 17.59 30.32
CA MET C 77 44.08 17.06 29.55
C MET C 77 44.53 16.91 28.10
N LYS C 78 44.66 15.66 27.65
CA LYS C 78 45.08 15.36 26.29
C LYS C 78 43.92 15.19 25.33
N LYS C 79 42.67 15.23 25.81
CA LYS C 79 41.54 14.84 24.99
C LYS C 79 40.27 15.45 25.55
N VAL C 80 39.37 15.86 24.66
CA VAL C 80 38.08 16.41 25.05
C VAL C 80 37.03 16.01 24.02
N ARG C 81 35.77 16.14 24.43
CA ARG C 81 34.62 16.03 23.56
C ARG C 81 34.14 17.42 23.19
N LEU C 82 33.49 17.52 22.04
CA LEU C 82 32.94 18.79 21.59
C LEU C 82 31.67 18.52 20.81
N PRO C 83 30.82 19.52 20.64
CA PRO C 83 29.67 19.37 19.75
C PRO C 83 30.08 19.62 18.31
N SER C 84 29.47 18.88 17.40
CA SER C 84 29.84 18.92 16.00
C SER C 84 29.01 19.91 15.19
N LYS C 85 28.28 20.80 15.84
CA LYS C 85 27.64 21.90 15.15
C LYS C 85 28.49 23.16 15.19
N HIS C 86 29.22 23.35 16.29
CA HIS C 86 29.93 24.61 16.52
C HIS C 86 31.30 24.62 15.85
N ILE C 87 31.98 23.48 15.82
CA ILE C 87 33.29 23.40 15.19
C ILE C 87 33.12 23.33 13.68
N TRP C 88 34.22 23.54 12.96
CA TRP C 88 34.21 23.31 11.53
C TRP C 88 33.99 21.84 11.23
N LEU C 89 33.57 21.55 10.02
CA LEU C 89 33.48 20.18 9.56
C LEU C 89 33.27 20.14 8.05
N PRO C 90 33.90 19.20 7.34
CA PRO C 90 33.77 19.18 5.88
C PRO C 90 32.53 18.40 5.46
N ASP C 91 31.72 19.01 4.61
CA ASP C 91 30.48 18.39 4.19
C ASP C 91 30.77 17.19 3.30
N VAL C 92 30.17 16.04 3.62
CA VAL C 92 30.42 14.81 2.89
C VAL C 92 29.16 13.95 2.86
N VAL C 93 28.63 13.70 1.66
CA VAL C 93 27.41 12.92 1.50
C VAL C 93 27.41 12.10 0.21
N LEU C 94 26.32 11.37 -0.01
CA LEU C 94 26.05 10.70 -1.27
C LEU C 94 25.82 11.71 -2.38
N TYR C 95 25.65 11.23 -3.61
CA TYR C 95 25.14 12.04 -4.70
C TYR C 95 23.99 11.32 -5.39
N ASN C 96 24.02 9.99 -5.36
CA ASN C 96 23.01 9.16 -5.99
C ASN C 96 21.83 8.90 -5.06
N ASN C 97 21.58 9.80 -4.12
CA ASN C 97 20.60 9.57 -3.07
C ASN C 97 19.19 9.82 -3.55
N ALA C 98 18.31 8.85 -3.35
CA ALA C 98 16.89 9.10 -3.35
C ALA C 98 16.47 9.63 -1.98
N ASP C 99 15.24 10.14 -1.91
CA ASP C 99 14.68 10.83 -0.76
C ASP C 99 15.21 12.26 -0.63
N GLY C 100 16.18 12.67 -1.45
CA GLY C 100 16.71 14.01 -1.34
C GLY C 100 17.34 14.30 0.00
N MET C 101 17.56 13.27 0.82
CA MET C 101 18.18 13.43 2.12
C MET C 101 19.64 13.03 2.02
N TYR C 102 20.54 14.01 2.19
CA TYR C 102 21.96 13.81 1.99
C TYR C 102 22.72 13.63 3.31
N GLU C 103 22.64 14.63 4.19
CA GLU C 103 23.49 14.68 5.36
C GLU C 103 23.11 13.59 6.36
N VAL C 104 23.91 13.49 7.42
CA VAL C 104 23.77 12.45 8.44
C VAL C 104 22.69 12.82 9.43
N SER C 105 22.32 11.88 10.29
CA SER C 105 21.16 12.04 11.17
C SER C 105 21.53 12.63 12.54
N PHE C 106 22.39 11.94 13.30
CA PHE C 106 22.54 12.27 14.71
C PHE C 106 23.41 13.50 14.97
N TYR C 107 24.46 13.71 14.18
CA TYR C 107 25.43 14.78 14.44
C TYR C 107 26.07 14.61 15.81
N SER C 108 26.82 13.51 15.95
CA SER C 108 27.38 13.10 17.22
C SER C 108 28.47 14.07 17.67
N ASN C 109 28.98 13.81 18.88
CA ASN C 109 30.09 14.57 19.42
C ASN C 109 31.34 14.33 18.58
N ALA C 110 32.38 15.09 18.89
CA ALA C 110 33.65 15.03 18.18
C ALA C 110 34.78 15.00 19.19
N VAL C 111 35.69 14.05 19.01
CA VAL C 111 36.89 13.97 19.84
C VAL C 111 37.87 15.04 19.39
N VAL C 112 38.71 15.49 20.33
CA VAL C 112 39.75 16.46 20.02
C VAL C 112 40.95 16.20 20.91
N SER C 113 42.11 16.07 20.29
CA SER C 113 43.38 15.95 21.00
C SER C 113 44.03 17.32 21.11
N TYR C 114 45.28 17.37 21.57
CA TYR C 114 45.99 18.63 21.74
C TYR C 114 46.86 18.99 20.54
N ASP C 115 47.17 18.03 19.68
CA ASP C 115 47.85 18.32 18.42
C ASP C 115 46.93 18.97 17.39
N GLY C 116 45.63 19.00 17.64
CA GLY C 116 44.68 19.60 16.72
C GLY C 116 43.91 18.62 15.89
N SER C 117 44.27 17.34 15.93
CA SER C 117 43.58 16.34 15.14
C SER C 117 42.12 16.25 15.56
N ILE C 118 41.31 15.66 14.69
CA ILE C 118 39.89 15.48 14.94
C ILE C 118 39.46 14.17 14.30
N PHE C 119 38.60 13.45 15.02
CA PHE C 119 38.15 12.10 14.67
C PHE C 119 36.66 12.04 14.96
N TRP C 120 35.84 12.04 13.91
CA TRP C 120 34.40 12.22 14.02
C TRP C 120 33.71 11.14 13.20
N LEU C 121 32.89 10.32 13.85
CA LEU C 121 32.09 9.33 13.15
C LEU C 121 30.64 9.42 13.63
N PRO C 122 29.74 9.93 12.81
CA PRO C 122 28.32 9.85 13.13
C PRO C 122 27.69 8.64 12.46
N PRO C 123 26.50 8.25 12.87
CA PRO C 123 25.81 7.15 12.20
C PRO C 123 24.95 7.66 11.05
N ALA C 124 24.33 6.74 10.32
CA ALA C 124 23.46 7.16 9.24
C ALA C 124 22.71 5.94 8.70
N ILE C 125 21.53 6.18 8.16
CA ILE C 125 20.83 5.24 7.30
C ILE C 125 20.78 5.86 5.92
N TYR C 126 21.25 5.12 4.93
CA TYR C 126 21.41 5.63 3.58
C TYR C 126 20.58 4.82 2.61
N LYS C 127 19.88 5.54 1.73
CA LYS C 127 19.05 4.98 0.68
C LYS C 127 19.74 5.26 -0.65
N SER C 128 20.63 4.36 -1.03
CA SER C 128 21.35 4.50 -2.29
C SER C 128 20.50 3.96 -3.44
N ALA C 129 20.92 4.31 -4.65
CA ALA C 129 20.23 3.90 -5.87
C ALA C 129 21.20 3.12 -6.73
N CYS C 130 21.08 1.80 -6.72
CA CYS C 130 21.92 0.92 -7.51
C CYS C 130 21.08 0.22 -8.56
N LYS C 131 21.61 0.16 -9.78
CA LYS C 131 20.87 -0.43 -10.89
C LYS C 131 20.99 -1.95 -10.85
N ILE C 132 19.87 -2.61 -11.08
CA ILE C 132 19.75 -4.05 -10.91
C ILE C 132 19.97 -4.72 -12.26
N GLU C 133 20.99 -5.59 -12.32
CA GLU C 133 21.24 -6.39 -13.52
C GLU C 133 20.51 -7.72 -13.34
N VAL C 134 19.37 -7.85 -14.01
CA VAL C 134 18.46 -8.97 -13.78
C VAL C 134 18.37 -9.85 -15.01
N LYS C 135 19.22 -10.85 -15.08
CA LYS C 135 19.12 -11.88 -16.12
C LYS C 135 19.12 -13.29 -15.54
N HIS C 136 19.95 -13.56 -14.55
CA HIS C 136 20.00 -14.87 -13.91
C HIS C 136 19.20 -14.85 -12.60
N PHE C 137 17.91 -14.65 -12.74
CA PHE C 137 17.02 -14.57 -11.59
C PHE C 137 16.60 -15.98 -11.17
N PRO C 138 16.71 -16.33 -9.86
CA PRO C 138 17.21 -15.57 -8.72
C PRO C 138 18.72 -15.66 -8.49
N PHE C 139 19.40 -16.57 -9.17
CA PHE C 139 20.83 -16.75 -8.96
C PHE C 139 21.61 -15.58 -9.56
N ASP C 140 21.49 -14.40 -8.95
CA ASP C 140 22.06 -13.18 -9.51
C ASP C 140 23.06 -12.57 -8.53
N GLN C 141 24.04 -11.86 -9.08
CA GLN C 141 25.05 -11.16 -8.32
C GLN C 141 24.86 -9.66 -8.58
N GLN C 142 24.21 -8.98 -7.65
CA GLN C 142 23.97 -7.56 -7.79
C GLN C 142 25.20 -6.76 -7.35
N ASN C 143 25.18 -5.48 -7.71
CA ASN C 143 26.36 -4.63 -7.57
C ASN C 143 25.88 -3.21 -7.28
N CYS C 144 25.95 -2.82 -6.01
CA CYS C 144 25.40 -1.54 -5.58
C CYS C 144 26.52 -0.59 -5.21
N THR C 145 26.44 0.62 -5.76
CA THR C 145 27.48 1.62 -5.65
C THR C 145 27.11 2.66 -4.60
N MET C 146 28.13 3.27 -4.01
CA MET C 146 27.93 4.33 -3.03
C MET C 146 29.00 5.40 -3.23
N LYS C 147 28.57 6.60 -3.55
CA LYS C 147 29.45 7.74 -3.74
C LYS C 147 29.72 8.45 -2.43
N PHE C 148 30.76 9.29 -2.44
CA PHE C 148 31.07 10.16 -1.31
C PHE C 148 31.91 11.30 -1.84
N ARG C 149 31.41 12.53 -1.66
CA ARG C 149 32.10 13.74 -2.07
C ARG C 149 31.37 14.93 -1.48
N SER C 150 32.13 15.98 -1.18
CA SER C 150 31.53 17.20 -0.67
C SER C 150 30.74 17.92 -1.74
N TRP C 151 29.87 18.82 -1.31
CA TRP C 151 29.05 19.61 -2.23
C TRP C 151 29.06 21.08 -1.84
N THR C 152 30.14 21.53 -1.21
CA THR C 152 30.38 22.95 -1.02
C THR C 152 31.80 23.33 -1.45
N TYR C 153 32.73 22.40 -1.29
CA TYR C 153 34.15 22.63 -1.58
C TYR C 153 34.57 21.85 -2.82
N ASP C 154 35.83 22.07 -3.22
CA ASP C 154 36.39 21.39 -4.38
C ASP C 154 37.78 20.87 -4.06
N ARG C 155 38.50 20.40 -5.08
CA ARG C 155 39.81 19.78 -4.85
C ARG C 155 40.88 20.79 -4.49
N THR C 156 40.71 22.06 -4.84
CA THR C 156 41.70 23.08 -4.51
C THR C 156 41.54 23.62 -3.10
N GLU C 157 40.68 23.01 -2.28
CA GLU C 157 40.53 23.38 -0.89
C GLU C 157 40.52 22.20 0.07
N ILE C 158 40.18 21.00 -0.40
CA ILE C 158 40.32 19.78 0.39
C ILE C 158 40.71 18.65 -0.54
N ASP C 159 41.24 17.58 0.05
CA ASP C 159 41.65 16.39 -0.69
C ASP C 159 41.28 15.18 0.14
N LEU C 160 40.32 14.39 -0.34
CA LEU C 160 39.87 13.22 0.38
C LEU C 160 40.85 12.07 0.18
N VAL C 161 40.86 11.14 1.13
CA VAL C 161 41.81 10.04 1.14
C VAL C 161 41.16 8.84 1.80
N LEU C 162 41.60 7.65 1.42
CA LEU C 162 41.17 6.41 2.04
C LEU C 162 42.20 5.96 3.07
N LYS C 163 41.72 5.22 4.07
CA LYS C 163 42.58 4.62 5.08
C LYS C 163 42.74 3.12 4.91
N SER C 164 41.67 2.43 4.52
CA SER C 164 41.70 1.02 4.21
C SER C 164 40.91 0.79 2.94
N GLU C 165 41.48 0.02 2.00
CA GLU C 165 40.83 -0.13 0.72
C GLU C 165 39.52 -0.88 0.81
N VAL C 166 39.22 -1.48 1.96
CA VAL C 166 38.06 -2.32 2.16
C VAL C 166 37.20 -1.71 3.27
N ALA C 167 35.89 -1.84 3.13
CA ALA C 167 34.96 -1.37 4.14
C ALA C 167 34.90 -2.37 5.29
N SER C 168 35.14 -1.90 6.51
CA SER C 168 35.15 -2.78 7.67
C SER C 168 33.80 -3.50 7.82
N LEU C 169 33.86 -4.72 8.34
CA LEU C 169 32.65 -5.57 8.53
C LEU C 169 32.64 -6.17 9.94
N ASP C 170 33.34 -5.53 10.89
CA ASP C 170 33.44 -6.06 12.28
C ASP C 170 32.07 -6.15 12.95
N ASP C 171 31.20 -5.17 12.70
CA ASP C 171 29.85 -5.14 13.36
C ASP C 171 28.76 -5.68 12.44
N PHE C 172 29.12 -6.28 11.30
CA PHE C 172 28.10 -6.72 10.37
C PHE C 172 27.28 -7.84 10.98
N THR C 173 26.00 -7.58 11.18
CA THR C 173 25.06 -8.62 11.56
C THR C 173 24.51 -9.28 10.31
N PRO C 174 24.50 -10.62 10.22
CA PRO C 174 24.02 -11.27 8.99
C PRO C 174 22.66 -10.73 8.55
N SER C 175 22.40 -10.79 7.25
CA SER C 175 21.21 -10.17 6.67
C SER C 175 20.11 -11.16 6.30
N GLY C 176 20.41 -12.46 6.24
CA GLY C 176 19.41 -13.43 5.83
C GLY C 176 19.42 -13.66 4.34
N GLU C 177 18.53 -12.95 3.63
CA GLU C 177 18.43 -13.06 2.19
C GLU C 177 19.76 -12.81 1.50
N TRP C 178 20.28 -11.59 1.64
CA TRP C 178 21.42 -11.14 0.86
C TRP C 178 22.72 -11.40 1.60
N ASP C 179 23.74 -11.81 0.85
CA ASP C 179 25.03 -12.19 1.39
C ASP C 179 26.13 -11.46 0.64
N ILE C 180 27.03 -10.82 1.39
CA ILE C 180 28.07 -10.01 0.77
C ILE C 180 29.19 -10.90 0.25
N VAL C 181 29.98 -10.36 -0.67
CA VAL C 181 31.13 -11.04 -1.22
C VAL C 181 32.35 -10.14 -1.08
N ALA C 182 32.23 -8.90 -1.55
CA ALA C 182 33.34 -7.97 -1.50
C ALA C 182 32.82 -6.54 -1.34
N LEU C 183 33.64 -5.71 -0.70
CA LEU C 183 33.30 -4.31 -0.42
C LEU C 183 34.49 -3.43 -0.78
N PRO C 184 34.91 -3.43 -2.04
CA PRO C 184 36.03 -2.58 -2.44
C PRO C 184 35.67 -1.10 -2.41
N GLY C 185 36.70 -0.28 -2.25
CA GLY C 185 36.55 1.15 -2.24
C GLY C 185 37.66 1.84 -2.99
N ARG C 186 37.30 2.71 -3.93
CA ARG C 186 38.25 3.30 -4.86
C ARG C 186 38.11 4.82 -4.89
N ARG C 187 39.25 5.49 -4.89
CA ARG C 187 39.28 6.93 -5.13
C ARG C 187 39.24 7.20 -6.62
N ASN C 188 38.53 8.25 -7.01
CA ASN C 188 38.35 8.59 -8.42
C ASN C 188 38.57 10.08 -8.63
N GLU C 189 39.19 10.40 -9.75
CA GLU C 189 39.57 11.76 -10.11
C GLU C 189 39.39 11.94 -11.61
N ASN C 190 39.24 13.18 -12.04
CA ASN C 190 38.99 13.50 -13.45
C ASN C 190 40.12 14.38 -13.98
N PRO C 191 40.83 13.98 -15.04
CA PRO C 191 41.88 14.85 -15.56
C PRO C 191 41.34 16.03 -16.36
N ASP C 192 40.27 15.82 -17.14
CA ASP C 192 39.72 16.89 -17.94
C ASP C 192 39.15 18.01 -17.08
N ASP C 193 38.64 17.66 -15.89
CA ASP C 193 38.00 18.61 -15.00
C ASP C 193 38.96 19.12 -13.95
N SER C 194 39.70 18.21 -13.32
CA SER C 194 40.73 18.45 -12.31
C SER C 194 40.16 19.05 -11.04
N THR C 195 38.83 19.13 -10.91
CA THR C 195 38.16 19.58 -9.70
C THR C 195 37.04 18.62 -9.33
N TYR C 196 37.32 17.32 -9.36
CA TYR C 196 36.32 16.29 -9.11
C TYR C 196 37.01 15.11 -8.41
N VAL C 197 36.93 15.12 -7.08
CA VAL C 197 37.45 14.04 -6.24
C VAL C 197 36.26 13.29 -5.66
N ASP C 198 36.29 11.97 -5.75
CA ASP C 198 35.20 11.19 -5.17
C ASP C 198 35.73 9.87 -4.63
N ILE C 199 34.96 9.29 -3.72
CA ILE C 199 35.23 7.96 -3.20
C ILE C 199 34.01 7.09 -3.50
N THR C 200 34.25 5.94 -4.13
CA THR C 200 33.18 5.05 -4.53
C THR C 200 33.40 3.69 -3.91
N TYR C 201 32.46 3.25 -3.09
CA TYR C 201 32.45 1.90 -2.54
C TYR C 201 31.47 1.05 -3.32
N ASP C 202 31.91 -0.15 -3.70
CA ASP C 202 31.16 -1.00 -4.62
C ASP C 202 30.81 -2.30 -3.92
N PHE C 203 29.67 -2.33 -3.23
CA PHE C 203 29.23 -3.55 -2.58
C PHE C 203 28.83 -4.58 -3.64
N ILE C 204 29.34 -5.79 -3.52
CA ILE C 204 28.97 -6.89 -4.40
C ILE C 204 28.15 -7.88 -3.58
N ILE C 205 26.93 -8.14 -4.01
CA ILE C 205 25.98 -8.93 -3.24
C ILE C 205 25.54 -10.13 -4.06
N ARG C 206 25.25 -11.22 -3.37
CA ARG C 206 24.66 -12.40 -3.98
C ARG C 206 23.41 -12.79 -3.20
N ARG C 207 22.36 -13.17 -3.93
CA ARG C 207 21.10 -13.56 -3.33
C ARG C 207 21.13 -15.03 -2.97
N LYS C 208 20.48 -15.37 -1.86
CA LYS C 208 20.27 -16.77 -1.50
C LYS C 208 19.00 -17.27 -2.18
N PRO C 209 19.06 -18.34 -2.97
CA PRO C 209 17.99 -18.61 -3.93
C PRO C 209 16.82 -19.42 -3.38
N LEU C 210 17.04 -20.13 -2.28
CA LEU C 210 16.10 -21.17 -1.86
C LEU C 210 14.66 -20.66 -1.85
N PHE C 211 14.41 -19.51 -1.22
CA PHE C 211 13.05 -19.06 -1.02
C PHE C 211 12.31 -18.91 -2.34
N TYR C 212 12.80 -18.04 -3.21
CA TYR C 212 12.15 -17.83 -4.50
C TYR C 212 12.16 -19.10 -5.33
N THR C 213 13.22 -19.90 -5.22
CA THR C 213 13.22 -21.19 -5.87
C THR C 213 11.96 -21.97 -5.54
N ILE C 214 11.79 -22.29 -4.26
CA ILE C 214 10.63 -23.06 -3.82
C ILE C 214 9.35 -22.40 -4.30
N ASN C 215 9.20 -21.10 -4.04
CA ASN C 215 7.89 -20.48 -4.21
C ASN C 215 7.52 -20.21 -5.65
N LEU C 216 8.48 -20.12 -6.56
CA LEU C 216 8.19 -19.80 -7.96
C LEU C 216 8.60 -20.90 -8.92
N ILE C 217 9.86 -21.35 -8.86
CA ILE C 217 10.38 -22.22 -9.90
C ILE C 217 9.64 -23.55 -9.91
N ILE C 218 9.63 -24.24 -8.77
CA ILE C 218 9.04 -25.57 -8.71
C ILE C 218 7.62 -25.59 -9.28
N PRO C 219 6.69 -24.77 -8.80
CA PRO C 219 5.37 -24.72 -9.46
C PRO C 219 5.48 -24.46 -10.96
N CYS C 220 6.37 -23.53 -11.35
CA CYS C 220 6.52 -23.09 -12.76
C CYS C 220 6.94 -24.22 -13.72
N VAL C 221 7.95 -25.00 -13.36
CA VAL C 221 8.38 -26.15 -14.16
C VAL C 221 7.37 -27.28 -14.04
N LEU C 222 6.86 -27.50 -12.82
CA LEU C 222 5.89 -28.56 -12.58
C LEU C 222 4.68 -28.40 -13.48
N ILE C 223 4.19 -27.17 -13.66
CA ILE C 223 3.02 -26.94 -14.49
C ILE C 223 3.39 -27.05 -15.97
N THR C 224 4.44 -26.34 -16.40
CA THR C 224 4.80 -26.38 -17.81
C THR C 224 5.14 -27.79 -18.27
N SER C 225 5.40 -28.71 -17.33
CA SER C 225 5.63 -30.11 -17.68
C SER C 225 4.36 -30.82 -18.15
N LEU C 226 3.23 -30.13 -18.25
CA LEU C 226 1.98 -30.73 -18.70
C LEU C 226 1.56 -30.25 -20.09
N ALA C 227 2.44 -29.52 -20.78
CA ALA C 227 2.10 -29.01 -22.11
C ALA C 227 2.34 -30.02 -23.21
N ILE C 228 3.20 -31.01 -22.97
CA ILE C 228 3.54 -32.01 -23.98
C ILE C 228 2.70 -33.28 -23.80
N LEU C 229 1.59 -33.18 -23.08
CA LEU C 229 0.87 -34.35 -22.62
C LEU C 229 -0.56 -34.43 -23.14
N VAL C 230 -1.22 -33.29 -23.38
CA VAL C 230 -2.60 -33.32 -23.84
C VAL C 230 -2.75 -34.15 -25.10
N PHE C 231 -1.67 -34.33 -25.87
CA PHE C 231 -1.76 -35.13 -27.08
C PHE C 231 -1.98 -36.61 -26.77
N TYR C 232 -1.44 -37.08 -25.65
CA TYR C 232 -1.65 -38.46 -25.23
C TYR C 232 -3.03 -38.70 -24.65
N LEU C 233 -3.90 -37.69 -24.66
CA LEU C 233 -5.27 -37.77 -24.17
C LEU C 233 -6.22 -38.11 -25.32
N PRO C 234 -7.20 -38.98 -25.11
CA PRO C 234 -8.08 -39.38 -26.21
C PRO C 234 -9.19 -38.36 -26.43
N SER C 235 -9.54 -38.16 -27.70
CA SER C 235 -10.48 -37.10 -28.07
C SER C 235 -11.92 -37.44 -27.72
N ASP C 236 -12.24 -38.69 -27.40
CA ASP C 236 -13.58 -39.04 -26.94
C ASP C 236 -13.89 -38.52 -25.55
N CYS C 237 -12.87 -38.24 -24.73
CA CYS C 237 -13.16 -37.77 -23.38
C CYS C 237 -13.80 -36.39 -23.39
N GLY C 238 -13.52 -35.59 -24.42
CA GLY C 238 -14.04 -34.24 -24.46
C GLY C 238 -13.42 -33.33 -23.42
N GLU C 239 -12.11 -33.43 -23.21
CA GLU C 239 -11.46 -32.76 -22.10
C GLU C 239 -10.16 -32.05 -22.45
N LYS C 240 -9.60 -32.24 -23.64
CA LYS C 240 -8.34 -31.60 -23.98
C LYS C 240 -8.41 -30.08 -23.76
N MET C 241 -9.52 -29.47 -24.18
CA MET C 241 -9.66 -28.02 -24.09
C MET C 241 -9.49 -27.55 -22.65
N THR C 242 -10.16 -28.23 -21.71
CA THR C 242 -10.09 -27.85 -20.31
C THR C 242 -8.65 -27.77 -19.84
N LEU C 243 -7.91 -28.87 -19.99
CA LEU C 243 -6.54 -28.93 -19.52
C LEU C 243 -5.67 -27.87 -20.17
N CYS C 244 -5.71 -27.80 -21.51
CA CYS C 244 -4.87 -26.82 -22.21
C CYS C 244 -5.17 -25.40 -21.73
N ILE C 245 -6.44 -25.05 -21.67
CA ILE C 245 -6.83 -23.70 -21.26
C ILE C 245 -6.32 -23.41 -19.86
N SER C 246 -6.54 -24.34 -18.92
CA SER C 246 -6.10 -24.12 -17.55
C SER C 246 -4.60 -23.88 -17.49
N VAL C 247 -3.84 -24.68 -18.24
CA VAL C 247 -2.39 -24.51 -18.24
C VAL C 247 -2.01 -23.13 -18.75
N LEU C 248 -2.62 -22.72 -19.88
CA LEU C 248 -2.30 -21.43 -20.46
C LEU C 248 -2.58 -20.30 -19.47
N LEU C 249 -3.71 -20.39 -18.75
CA LEU C 249 -4.08 -19.31 -17.84
C LEU C 249 -3.13 -19.26 -16.64
N ALA C 250 -2.85 -20.41 -16.03
CA ALA C 250 -1.87 -20.44 -14.95
C ALA C 250 -0.54 -19.85 -15.41
N LEU C 251 -0.17 -20.15 -16.65
CA LEU C 251 1.10 -19.66 -17.19
C LEU C 251 1.10 -18.14 -17.29
N THR C 252 0.05 -17.57 -17.89
CA THR C 252 -0.04 -16.11 -17.98
C THR C 252 0.02 -15.48 -16.59
N VAL C 253 -0.63 -16.11 -15.61
CA VAL C 253 -0.63 -15.56 -14.26
C VAL C 253 0.79 -15.50 -13.72
N PHE C 254 1.51 -16.63 -13.80
CA PHE C 254 2.88 -16.64 -13.31
C PHE C 254 3.72 -15.60 -14.02
N LEU C 255 3.46 -15.39 -15.32
CA LEU C 255 4.24 -14.41 -16.07
C LEU C 255 4.01 -13.00 -15.55
N LEU C 256 2.75 -12.60 -15.43
CA LEU C 256 2.45 -11.26 -14.89
C LEU C 256 3.09 -11.09 -13.51
N LEU C 257 3.00 -12.13 -12.68
CA LEU C 257 3.55 -12.03 -11.33
C LEU C 257 5.04 -11.79 -11.36
N ILE C 258 5.78 -12.63 -12.08
CA ILE C 258 7.24 -12.47 -12.14
C ILE C 258 7.59 -11.10 -12.72
N SER C 259 6.78 -10.58 -13.63
CA SER C 259 7.09 -9.26 -14.16
C SER C 259 6.80 -8.18 -13.12
N LYS C 260 5.91 -8.46 -12.17
CA LYS C 260 5.70 -7.53 -11.07
C LYS C 260 6.91 -7.51 -10.13
N ILE C 261 7.42 -8.70 -9.79
CA ILE C 261 8.48 -8.77 -8.79
C ILE C 261 9.76 -8.10 -9.25
N VAL C 262 10.00 -8.00 -10.55
CA VAL C 262 11.24 -7.41 -11.06
C VAL C 262 10.96 -6.00 -11.56
N PRO C 263 11.97 -5.15 -11.68
CA PRO C 263 11.72 -3.76 -12.07
C PRO C 263 11.36 -3.67 -13.55
N PRO C 264 10.73 -2.57 -13.96
CA PRO C 264 10.30 -2.41 -15.36
C PRO C 264 11.39 -1.82 -16.26
N THR C 265 12.60 -2.39 -16.17
CA THR C 265 13.71 -1.99 -17.03
C THR C 265 13.61 -2.75 -18.33
N SER C 266 13.31 -2.05 -19.42
CA SER C 266 13.24 -2.63 -20.74
C SER C 266 14.60 -2.82 -21.37
N LEU C 267 15.67 -2.65 -20.60
CA LEU C 267 17.01 -2.77 -21.15
C LEU C 267 17.40 -4.24 -21.36
N ASP C 268 17.01 -5.08 -20.40
CA ASP C 268 17.32 -6.53 -20.44
C ASP C 268 16.08 -7.32 -20.01
N VAL C 269 16.01 -8.60 -20.41
CA VAL C 269 14.87 -9.45 -20.07
C VAL C 269 15.38 -10.66 -19.31
N PRO C 270 14.71 -11.11 -18.25
CA PRO C 270 15.18 -12.29 -17.53
C PRO C 270 14.92 -13.56 -18.33
N LEU C 271 15.43 -14.66 -17.80
CA LEU C 271 15.37 -15.94 -18.48
C LEU C 271 14.02 -16.62 -18.29
N VAL C 272 13.42 -16.45 -17.11
CA VAL C 272 12.20 -17.18 -16.78
C VAL C 272 11.03 -16.70 -17.64
N GLY C 273 10.84 -15.38 -17.72
CA GLY C 273 9.79 -14.84 -18.57
C GLY C 273 9.97 -15.28 -20.02
N LYS C 274 11.22 -15.38 -20.47
CA LYS C 274 11.51 -15.80 -21.83
C LYS C 274 11.03 -17.23 -22.05
N TYR C 275 11.50 -18.16 -21.21
CA TYR C 275 11.07 -19.55 -21.30
C TYR C 275 9.55 -19.67 -21.25
N LEU C 276 8.91 -18.89 -20.38
CA LEU C 276 7.47 -18.99 -20.19
C LEU C 276 6.73 -18.51 -21.42
N MET C 277 7.15 -17.39 -21.99
CA MET C 277 6.53 -16.91 -23.22
C MET C 277 6.65 -17.95 -24.33
N PHE C 278 7.83 -18.56 -24.45
CA PHE C 278 8.01 -19.55 -25.50
C PHE C 278 7.06 -20.73 -25.32
N THR C 279 7.00 -21.29 -24.11
CA THR C 279 6.13 -22.44 -23.92
C THR C 279 4.65 -22.06 -24.02
N MET C 280 4.32 -20.80 -23.75
CA MET C 280 2.94 -20.33 -23.96
C MET C 280 2.59 -20.38 -25.45
N VAL C 281 3.49 -19.84 -26.29
CA VAL C 281 3.28 -19.95 -27.73
C VAL C 281 3.10 -21.40 -28.13
N LEU C 282 3.93 -22.27 -27.57
CA LEU C 282 3.83 -23.69 -27.86
C LEU C 282 2.43 -24.23 -27.54
N VAL C 283 1.93 -23.92 -26.35
CA VAL C 283 0.67 -24.52 -25.93
C VAL C 283 -0.51 -23.96 -26.72
N THR C 284 -0.43 -22.71 -27.21
CA THR C 284 -1.51 -22.24 -28.05
C THR C 284 -1.48 -22.92 -29.42
N PHE C 285 -0.29 -23.11 -29.98
CA PHE C 285 -0.21 -23.93 -31.18
C PHE C 285 -0.83 -25.31 -30.92
N SER C 286 -0.61 -25.84 -29.72
CA SER C 286 -1.18 -27.13 -29.35
C SER C 286 -2.70 -27.08 -29.36
N ILE C 287 -3.29 -26.02 -28.78
CA ILE C 287 -4.75 -25.96 -28.71
C ILE C 287 -5.34 -25.93 -30.11
N VAL C 288 -4.73 -25.17 -31.02
CA VAL C 288 -5.32 -25.07 -32.36
C VAL C 288 -5.19 -26.39 -33.12
N THR C 289 -4.01 -27.02 -33.06
CA THR C 289 -3.88 -28.30 -33.74
C THR C 289 -4.79 -29.36 -33.10
N SER C 290 -5.04 -29.24 -31.80
CA SER C 290 -5.89 -30.21 -31.12
C SER C 290 -7.34 -30.06 -31.53
N VAL C 291 -7.81 -28.83 -31.69
CA VAL C 291 -9.18 -28.66 -32.19
C VAL C 291 -9.30 -29.21 -33.60
N CYS C 292 -8.28 -29.01 -34.43
CA CYS C 292 -8.31 -29.61 -35.77
C CYS C 292 -8.44 -31.13 -35.67
N VAL C 293 -7.64 -31.74 -34.81
CA VAL C 293 -7.71 -33.19 -34.61
C VAL C 293 -9.11 -33.60 -34.17
N LEU C 294 -9.67 -32.89 -33.20
CA LEU C 294 -10.98 -33.23 -32.68
C LEU C 294 -12.03 -33.18 -33.79
N ASN C 295 -11.99 -32.12 -34.60
CA ASN C 295 -12.95 -32.01 -35.70
C ASN C 295 -12.81 -33.19 -36.65
N VAL C 296 -11.59 -33.51 -37.07
CA VAL C 296 -11.43 -34.62 -38.01
C VAL C 296 -11.88 -35.93 -37.37
N HIS C 297 -11.80 -36.02 -36.04
CA HIS C 297 -12.24 -37.23 -35.36
C HIS C 297 -13.77 -37.35 -35.39
N HIS C 298 -14.47 -36.26 -35.15
CA HIS C 298 -15.93 -36.30 -35.05
C HIS C 298 -16.63 -36.16 -36.41
N ARG C 299 -15.93 -36.43 -37.51
CA ARG C 299 -16.57 -36.46 -38.81
C ARG C 299 -17.27 -37.80 -39.02
N SER C 300 -18.33 -37.79 -39.83
CA SER C 300 -19.10 -38.99 -40.12
C SER C 300 -19.00 -39.34 -41.59
N PRO C 301 -19.45 -40.54 -41.99
CA PRO C 301 -19.33 -40.92 -43.41
C PRO C 301 -20.24 -40.12 -44.33
N THR C 302 -21.47 -39.85 -43.91
CA THR C 302 -22.41 -39.15 -44.78
C THR C 302 -21.92 -37.75 -45.11
N THR C 303 -21.28 -37.07 -44.16
CA THR C 303 -20.92 -35.67 -44.35
C THR C 303 -19.68 -35.50 -45.22
N HIS C 304 -18.70 -36.39 -45.09
CA HIS C 304 -17.47 -36.30 -45.86
C HIS C 304 -17.11 -37.68 -46.42
N THR C 305 -16.35 -37.68 -47.53
CA THR C 305 -15.93 -38.92 -48.16
C THR C 305 -14.48 -39.26 -47.90
N MET C 306 -13.66 -38.30 -47.46
CA MET C 306 -12.23 -38.55 -47.20
C MET C 306 -11.60 -39.34 -48.34
N ALA C 307 -11.66 -38.77 -49.54
CA ALA C 307 -11.26 -39.43 -50.77
C ALA C 307 -9.75 -39.62 -50.81
N PRO C 308 -9.18 -40.18 -51.89
CA PRO C 308 -7.98 -41.01 -51.78
C PRO C 308 -6.90 -40.53 -50.82
N TRP C 309 -6.46 -39.28 -51.00
CA TRP C 309 -5.21 -38.82 -50.40
C TRP C 309 -5.04 -39.31 -48.96
N VAL C 310 -6.07 -39.10 -48.13
CA VAL C 310 -5.97 -39.46 -46.71
C VAL C 310 -5.61 -40.94 -46.57
N LYS C 311 -6.36 -41.81 -47.24
CA LYS C 311 -6.20 -43.24 -47.06
C LYS C 311 -4.74 -43.61 -47.17
N VAL C 312 -4.19 -43.41 -48.37
CA VAL C 312 -2.84 -43.91 -48.64
C VAL C 312 -1.82 -43.14 -47.80
N VAL C 313 -1.93 -41.81 -47.75
CA VAL C 313 -0.92 -41.04 -47.06
C VAL C 313 -0.80 -41.47 -45.60
N PHE C 314 -1.92 -41.55 -44.88
CA PHE C 314 -1.83 -41.79 -43.44
C PHE C 314 -1.67 -43.27 -43.13
N LEU C 315 -2.48 -44.13 -43.75
CA LEU C 315 -2.31 -45.56 -43.54
C LEU C 315 -0.97 -46.07 -44.06
N GLU C 316 -0.19 -45.24 -44.76
CA GLU C 316 1.18 -45.56 -45.08
C GLU C 316 2.19 -44.83 -44.22
N LYS C 317 1.81 -43.69 -43.62
CA LYS C 317 2.68 -43.02 -42.67
C LYS C 317 2.78 -43.80 -41.37
N LEU C 318 1.77 -44.62 -41.07
CA LEU C 318 1.78 -45.44 -39.86
C LEU C 318 3.15 -45.98 -39.47
N PRO C 319 3.91 -46.65 -40.35
CA PRO C 319 5.14 -47.31 -39.90
C PRO C 319 6.26 -46.34 -39.60
N ALA C 320 6.36 -45.24 -40.36
CA ALA C 320 7.41 -44.26 -40.10
C ALA C 320 7.41 -43.81 -38.65
N LEU C 321 6.27 -43.90 -37.97
CA LEU C 321 6.18 -43.61 -36.54
C LEU C 321 6.49 -44.82 -35.68
N LEU C 322 6.61 -46.01 -36.28
CA LEU C 322 6.59 -47.26 -35.55
C LEU C 322 5.28 -47.45 -34.79
N PHE C 323 4.26 -46.70 -35.21
CA PHE C 323 2.90 -46.82 -34.72
C PHE C 323 2.09 -47.64 -35.73
N MET C 324 1.17 -48.46 -35.23
CA MET C 324 0.80 -49.69 -35.92
C MET C 324 -0.68 -49.83 -36.20
N GLN C 325 -0.98 -50.45 -37.34
CA GLN C 325 -2.06 -51.42 -37.47
C GLN C 325 -3.44 -50.82 -37.14
N GLN C 326 -3.88 -49.92 -38.02
CA GLN C 326 -5.23 -49.34 -37.94
C GLN C 326 -6.03 -49.40 -36.64
N SER C 331 -17.91 -48.51 -40.11
CA SER C 331 -16.48 -48.78 -39.94
C SER C 331 -15.64 -47.58 -40.37
N VAL C 332 -16.23 -46.73 -41.21
CA VAL C 332 -15.50 -45.54 -41.68
C VAL C 332 -15.16 -44.63 -40.51
N SER C 333 -16.09 -44.49 -39.56
CA SER C 333 -15.82 -43.68 -38.38
C SER C 333 -14.59 -44.18 -37.63
N GLU C 334 -14.39 -45.50 -37.62
CA GLU C 334 -13.18 -46.04 -37.00
C GLU C 334 -11.93 -45.57 -37.73
N ASP C 335 -11.99 -45.51 -39.06
CA ASP C 335 -10.85 -45.00 -39.82
C ASP C 335 -10.60 -43.52 -39.50
N TRP C 336 -11.67 -42.74 -39.39
CA TRP C 336 -11.54 -41.36 -38.93
C TRP C 336 -10.77 -41.30 -37.62
N LYS C 337 -11.27 -42.03 -36.62
CA LYS C 337 -10.66 -42.01 -35.30
C LYS C 337 -9.18 -42.41 -35.37
N TYR C 338 -8.86 -43.36 -36.23
CA TYR C 338 -7.48 -43.81 -36.31
C TYR C 338 -6.59 -42.74 -36.96
N VAL C 339 -7.10 -42.06 -37.98
CA VAL C 339 -6.36 -40.94 -38.55
C VAL C 339 -6.06 -39.91 -37.48
N ALA C 340 -7.05 -39.61 -36.64
CA ALA C 340 -6.84 -38.65 -35.56
C ALA C 340 -5.74 -39.13 -34.62
N MET C 341 -5.81 -40.39 -34.20
CA MET C 341 -4.78 -40.96 -33.34
C MET C 341 -3.40 -40.79 -33.95
N VAL C 342 -3.27 -41.14 -35.23
CA VAL C 342 -1.98 -41.05 -35.91
C VAL C 342 -1.43 -39.64 -35.84
N ILE C 343 -2.23 -38.67 -36.28
CA ILE C 343 -1.74 -37.30 -36.39
C ILE C 343 -1.38 -36.76 -35.01
N ASP C 344 -2.18 -37.09 -33.98
CA ASP C 344 -1.87 -36.57 -32.66
C ASP C 344 -0.57 -37.17 -32.13
N ARG C 345 -0.32 -38.45 -32.43
CA ARG C 345 0.94 -39.04 -31.99
C ARG C 345 2.13 -38.39 -32.67
N LEU C 346 2.01 -38.11 -33.97
CA LEU C 346 3.07 -37.39 -34.68
C LEU C 346 3.37 -36.06 -34.00
N PHE C 347 2.31 -35.29 -33.72
CA PHE C 347 2.52 -34.00 -33.07
C PHE C 347 3.16 -34.17 -31.70
N LEU C 348 2.75 -35.20 -30.95
CA LEU C 348 3.36 -35.47 -29.66
C LEU C 348 4.86 -35.68 -29.80
N TRP C 349 5.26 -36.48 -30.79
CA TRP C 349 6.68 -36.72 -31.01
C TRP C 349 7.43 -35.42 -31.23
N ILE C 350 6.97 -34.61 -32.19
CA ILE C 350 7.73 -33.41 -32.49
C ILE C 350 7.70 -32.44 -31.31
N PHE C 351 6.64 -32.46 -30.51
CA PHE C 351 6.56 -31.53 -29.39
C PHE C 351 7.52 -31.91 -28.27
N VAL C 352 7.62 -33.20 -27.94
CA VAL C 352 8.59 -33.60 -26.94
C VAL C 352 10.00 -33.32 -27.45
N PHE C 353 10.23 -33.51 -28.75
CA PHE C 353 11.53 -33.16 -29.32
C PHE C 353 11.84 -31.70 -29.10
N VAL C 354 10.88 -30.81 -29.39
CA VAL C 354 11.12 -29.38 -29.25
C VAL C 354 11.28 -28.99 -27.79
N CYS C 355 10.58 -29.67 -26.88
CA CYS C 355 10.75 -29.38 -25.46
C CYS C 355 12.17 -29.67 -25.02
N VAL C 356 12.69 -30.85 -25.39
CA VAL C 356 14.09 -31.15 -25.09
C VAL C 356 15.01 -30.15 -25.76
N PHE C 357 14.70 -29.75 -26.99
CA PHE C 357 15.52 -28.78 -27.70
C PHE C 357 15.62 -27.47 -26.94
N GLY C 358 14.50 -26.99 -26.40
CA GLY C 358 14.53 -25.75 -25.63
C GLY C 358 15.29 -25.91 -24.33
N THR C 359 15.03 -27.00 -23.61
CA THR C 359 15.79 -27.26 -22.39
C THR C 359 17.29 -27.24 -22.67
N ILE C 360 17.69 -27.71 -23.84
CA ILE C 360 19.10 -27.61 -24.24
C ILE C 360 19.46 -26.15 -24.51
N GLY C 361 18.58 -25.44 -25.22
CA GLY C 361 18.82 -24.05 -25.55
C GLY C 361 19.10 -23.20 -24.33
N MET C 362 18.60 -23.63 -23.17
CA MET C 362 18.89 -22.88 -21.95
C MET C 362 20.34 -23.05 -21.50
N PHE C 363 20.93 -24.22 -21.72
CA PHE C 363 22.32 -24.45 -21.32
C PHE C 363 23.27 -23.69 -22.23
N GLU D 5 48.50 38.20 8.99
CA GLU D 5 49.48 37.40 8.26
C GLU D 5 48.82 36.20 7.59
N THR D 6 48.20 35.35 8.40
CA THR D 6 47.56 34.16 7.87
C THR D 6 46.34 34.52 7.03
N ARG D 7 46.16 33.79 5.93
CA ARG D 7 45.00 34.00 5.08
C ARG D 7 43.71 33.95 5.89
N ALA D 8 43.64 33.07 6.89
CA ALA D 8 42.43 32.92 7.67
C ALA D 8 42.11 34.18 8.47
N HIS D 9 43.13 34.86 8.98
CA HIS D 9 42.90 36.06 9.78
C HIS D 9 42.36 37.19 8.92
N ALA D 10 42.98 37.43 7.76
CA ALA D 10 42.46 38.42 6.83
C ALA D 10 41.05 38.05 6.40
N GLU D 11 40.80 36.76 6.19
CA GLU D 11 39.45 36.31 5.83
C GLU D 11 38.45 36.68 6.91
N GLU D 12 38.80 36.48 8.18
CA GLU D 12 37.93 36.91 9.27
C GLU D 12 37.68 38.41 9.20
N ARG D 13 38.75 39.19 9.12
CA ARG D 13 38.60 40.64 9.16
C ARG D 13 37.64 41.10 8.07
N LEU D 14 37.82 40.57 6.86
CA LEU D 14 36.92 40.89 5.77
C LEU D 14 35.48 40.50 6.10
N LEU D 15 35.27 39.22 6.42
CA LEU D 15 33.92 38.73 6.69
C LEU D 15 33.24 39.54 7.79
N LYS D 16 34.02 40.02 8.76
CA LYS D 16 33.47 40.81 9.86
C LYS D 16 33.16 42.22 9.41
N LYS D 17 33.93 42.76 8.47
CA LYS D 17 33.64 44.10 7.97
C LYS D 17 32.39 44.11 7.08
N LEU D 18 32.18 43.05 6.31
CA LEU D 18 31.09 43.07 5.34
C LEU D 18 29.73 43.06 6.02
N PHE D 19 29.56 42.24 7.06
CA PHE D 19 28.26 42.00 7.68
C PHE D 19 28.05 42.85 8.92
N SER D 20 28.55 44.09 8.91
CA SER D 20 28.31 44.99 10.03
C SER D 20 26.96 45.68 9.89
N GLY D 21 26.71 46.32 8.75
CA GLY D 21 25.49 47.06 8.54
C GLY D 21 24.67 46.55 7.37
N TYR D 22 24.55 45.22 7.24
CA TYR D 22 23.83 44.61 6.13
C TYR D 22 22.43 44.21 6.58
N ASN D 23 21.47 44.31 5.67
CA ASN D 23 20.08 43.96 5.92
C ASN D 23 19.62 43.01 4.82
N LYS D 24 19.31 41.76 5.20
CA LYS D 24 18.91 40.77 4.22
C LYS D 24 17.74 41.25 3.37
N TRP D 25 16.67 41.67 4.02
CA TRP D 25 15.40 41.99 3.37
C TRP D 25 15.45 43.26 2.54
N SER D 26 16.61 43.88 2.38
CA SER D 26 16.76 45.07 1.54
C SER D 26 17.30 44.66 0.17
N ARG D 27 16.67 45.15 -0.88
CA ARG D 27 17.09 44.79 -2.22
C ARG D 27 18.46 45.40 -2.51
N PRO D 28 19.37 44.64 -3.14
CA PRO D 28 20.74 45.12 -3.38
C PRO D 28 20.90 45.95 -4.66
N VAL D 29 20.51 47.22 -4.58
CA VAL D 29 20.60 48.13 -5.72
C VAL D 29 20.85 49.53 -5.19
N ALA D 30 21.64 50.29 -5.95
CA ALA D 30 21.97 51.65 -5.53
C ALA D 30 20.91 52.66 -5.97
N ASN D 31 20.40 52.51 -7.19
CA ASN D 31 19.37 53.38 -7.72
C ASN D 31 18.10 52.59 -7.93
N ILE D 32 16.99 53.06 -7.35
CA ILE D 32 15.79 52.26 -7.24
C ILE D 32 15.31 51.77 -8.60
N SER D 33 15.46 52.59 -9.64
CA SER D 33 14.98 52.20 -10.97
C SER D 33 15.90 51.17 -11.62
N ASP D 34 17.05 50.90 -10.97
CA ASP D 34 18.03 49.90 -11.47
C ASP D 34 17.54 48.49 -11.10
N VAL D 35 17.76 47.51 -11.99
CA VAL D 35 17.34 46.15 -11.71
C VAL D 35 18.54 45.22 -11.64
N VAL D 36 18.33 44.07 -11.02
CA VAL D 36 19.31 43.00 -10.96
C VAL D 36 18.96 41.95 -12.00
N LEU D 37 19.98 41.22 -12.46
CA LEU D 37 19.82 40.21 -13.50
C LEU D 37 20.15 38.85 -12.90
N VAL D 38 19.13 38.01 -12.76
CA VAL D 38 19.26 36.72 -12.08
C VAL D 38 19.47 35.67 -13.17
N ARG D 39 20.72 35.37 -13.47
CA ARG D 39 21.00 34.29 -14.41
C ARG D 39 20.61 32.96 -13.79
N PHE D 40 19.94 32.14 -14.58
CA PHE D 40 19.20 30.98 -14.09
C PHE D 40 19.49 29.78 -14.98
N GLY D 41 19.46 28.60 -14.37
CA GLY D 41 19.66 27.37 -15.14
C GLY D 41 19.44 26.16 -14.26
N LEU D 42 19.42 25.00 -14.92
CA LEU D 42 19.21 23.72 -14.25
C LEU D 42 20.27 22.72 -14.67
N SER D 43 20.28 21.59 -13.97
CA SER D 43 21.09 20.44 -14.35
C SER D 43 20.48 19.21 -13.69
N ILE D 44 19.85 18.36 -14.50
CA ILE D 44 19.22 17.17 -13.96
C ILE D 44 20.26 16.31 -13.25
N ALA D 45 19.79 15.45 -12.34
CA ALA D 45 20.61 14.39 -11.81
C ALA D 45 19.97 13.02 -11.97
N GLN D 46 18.64 12.93 -11.93
CA GLN D 46 17.94 11.73 -12.34
C GLN D 46 16.45 12.05 -12.39
N LEU D 47 15.68 11.09 -12.89
CA LEU D 47 14.24 11.21 -13.10
C LEU D 47 13.61 10.07 -12.30
N ILE D 48 13.34 10.34 -11.02
CA ILE D 48 13.03 9.27 -10.09
C ILE D 48 11.81 8.49 -10.56
N ASP D 49 10.68 9.16 -10.75
CA ASP D 49 9.44 8.48 -11.06
C ASP D 49 8.53 9.39 -11.87
N VAL D 50 7.72 8.77 -12.72
CA VAL D 50 6.68 9.43 -13.48
C VAL D 50 5.40 8.64 -13.24
N ASP D 51 4.59 9.09 -12.29
CA ASP D 51 3.39 8.38 -11.88
C ASP D 51 2.26 8.76 -12.83
N GLU D 52 1.91 7.85 -13.74
CA GLU D 52 0.82 8.10 -14.67
C GLU D 52 -0.52 8.11 -13.96
N LYS D 53 -0.74 7.13 -13.07
CA LYS D 53 -2.05 6.98 -12.44
C LYS D 53 -2.43 8.23 -11.66
N ASN D 54 -1.46 8.96 -11.12
CA ASN D 54 -1.72 10.18 -10.38
C ASN D 54 -1.27 11.43 -11.12
N GLN D 55 -0.65 11.28 -12.30
CA GLN D 55 -0.19 12.42 -13.09
C GLN D 55 0.79 13.29 -12.30
N MET D 56 1.93 12.70 -11.98
CA MET D 56 2.98 13.40 -11.26
C MET D 56 4.34 13.03 -11.81
N MET D 57 5.33 13.87 -11.51
CA MET D 57 6.68 13.73 -12.03
C MET D 57 7.66 14.18 -10.95
N THR D 58 8.53 13.29 -10.51
CA THR D 58 9.53 13.59 -9.51
C THR D 58 10.88 13.79 -10.17
N THR D 59 11.59 14.84 -9.78
CA THR D 59 12.91 15.14 -10.32
C THR D 59 13.86 15.56 -9.22
N ASN D 60 15.11 15.13 -9.34
CA ASN D 60 16.21 15.62 -8.53
C ASN D 60 17.06 16.52 -9.40
N VAL D 61 17.15 17.79 -9.02
CA VAL D 61 17.62 18.83 -9.93
C VAL D 61 18.50 19.80 -9.16
N TRP D 62 19.57 20.25 -9.81
CA TRP D 62 20.56 21.15 -9.22
C TRP D 62 20.33 22.54 -9.78
N VAL D 63 19.45 23.30 -9.12
CA VAL D 63 19.18 24.67 -9.51
C VAL D 63 20.48 25.45 -9.55
N LYS D 64 20.56 26.44 -10.44
CA LYS D 64 21.73 27.29 -10.56
C LYS D 64 21.26 28.73 -10.73
N GLN D 65 21.67 29.60 -9.81
CA GLN D 65 21.37 31.02 -9.87
C GLN D 65 22.65 31.80 -9.70
N GLU D 66 22.68 32.99 -10.28
CA GLU D 66 23.76 33.93 -9.96
C GLU D 66 23.32 35.34 -10.26
N TRP D 67 23.80 36.27 -9.44
CA TRP D 67 23.45 37.68 -9.58
C TRP D 67 24.60 38.52 -9.06
N HIS D 68 24.34 39.80 -8.84
CA HIS D 68 25.38 40.72 -8.40
C HIS D 68 24.77 41.76 -7.48
N ASP D 69 25.43 42.01 -6.34
CA ASP D 69 25.03 43.03 -5.39
C ASP D 69 26.14 44.07 -5.27
N TYR D 70 25.78 45.22 -4.71
CA TYR D 70 26.68 46.37 -4.69
C TYR D 70 27.31 46.63 -3.33
N LYS D 71 26.97 45.85 -2.31
CA LYS D 71 27.58 46.01 -0.99
C LYS D 71 28.65 44.98 -0.71
N LEU D 72 28.56 43.80 -1.32
CA LEU D 72 29.54 42.74 -1.09
C LEU D 72 30.70 42.86 -2.07
N ARG D 73 31.37 44.01 -2.00
CA ARG D 73 32.54 44.29 -2.80
C ARG D 73 33.67 44.75 -1.89
N TRP D 74 34.91 44.54 -2.33
CA TRP D 74 36.08 44.95 -1.56
C TRP D 74 37.25 45.06 -2.51
N ASP D 75 38.45 45.16 -1.95
CA ASP D 75 39.69 45.22 -2.71
C ASP D 75 40.61 44.09 -2.26
N PRO D 76 41.18 43.31 -3.19
CA PRO D 76 41.86 42.09 -2.77
C PRO D 76 43.29 42.32 -2.30
N ALA D 77 43.94 43.35 -2.85
CA ALA D 77 45.32 43.64 -2.49
C ALA D 77 45.46 44.06 -1.03
N ASP D 78 44.37 44.55 -0.42
CA ASP D 78 44.41 44.98 0.97
C ASP D 78 44.21 43.82 1.94
N TYR D 79 43.64 42.70 1.48
CA TYR D 79 43.34 41.56 2.33
C TYR D 79 44.09 40.32 1.84
N GLU D 80 45.35 40.49 1.44
CA GLU D 80 46.24 39.38 1.14
C GLU D 80 45.77 38.59 -0.09
N ASN D 81 45.15 39.28 -1.05
CA ASN D 81 44.88 38.70 -2.37
C ASN D 81 43.83 37.59 -2.29
N VAL D 82 42.77 37.81 -1.53
CA VAL D 82 41.60 36.94 -1.52
C VAL D 82 40.52 37.60 -2.37
N THR D 83 40.00 36.88 -3.35
CA THR D 83 38.87 37.34 -4.14
C THR D 83 37.59 36.56 -3.89
N SER D 84 37.69 35.25 -3.66
CA SER D 84 36.52 34.41 -3.51
C SER D 84 36.43 33.90 -2.08
N ILE D 85 35.25 34.04 -1.47
CA ILE D 85 34.98 33.44 -0.18
C ILE D 85 33.65 32.70 -0.25
N ARG D 86 33.36 31.95 0.80
CA ARG D 86 32.18 31.09 0.85
C ARG D 86 31.44 31.33 2.15
N ILE D 87 30.17 31.69 2.04
CA ILE D 87 29.35 32.02 3.20
C ILE D 87 28.00 31.33 3.05
N PRO D 88 27.27 31.11 4.13
CA PRO D 88 25.97 30.46 4.01
C PRO D 88 24.97 31.36 3.32
N SER D 89 23.99 30.74 2.68
CA SER D 89 22.90 31.45 2.04
C SER D 89 21.84 31.87 3.04
N GLU D 90 22.21 31.83 4.33
CA GLU D 90 21.27 32.19 5.42
C GLU D 90 21.59 33.56 6.03
N LEU D 91 22.53 34.32 5.46
CA LEU D 91 22.89 35.60 6.04
C LEU D 91 22.89 36.74 5.04
N ILE D 92 22.52 36.48 3.79
CA ILE D 92 22.61 37.45 2.72
C ILE D 92 21.25 37.51 2.01
N TRP D 93 21.19 38.30 0.96
CA TRP D 93 19.98 38.35 0.15
C TRP D 93 19.85 37.07 -0.65
N ARG D 94 18.61 36.66 -0.85
CA ARG D 94 18.31 35.40 -1.51
C ARG D 94 16.94 35.51 -2.17
N PRO D 95 16.87 35.49 -3.49
CA PRO D 95 15.61 35.83 -4.15
C PRO D 95 14.57 34.74 -4.00
N ASP D 96 13.31 35.15 -4.17
CA ASP D 96 12.17 34.25 -4.07
C ASP D 96 11.91 33.66 -5.45
N ILE D 97 12.24 32.38 -5.62
CA ILE D 97 12.08 31.68 -6.89
C ILE D 97 11.20 30.47 -6.62
N VAL D 98 10.04 30.43 -7.28
CA VAL D 98 9.03 29.42 -7.01
C VAL D 98 8.60 28.78 -8.32
N LEU D 99 8.03 27.58 -8.21
CA LEU D 99 7.35 26.93 -9.31
C LEU D 99 5.87 26.87 -8.98
N TYR D 100 5.05 27.45 -9.86
CA TYR D 100 3.60 27.52 -9.67
C TYR D 100 2.91 26.18 -9.87
N ASN D 101 3.65 25.14 -10.26
CA ASN D 101 3.07 23.89 -10.71
C ASN D 101 3.30 22.74 -9.73
N ASN D 102 3.37 23.06 -8.44
CA ASN D 102 3.69 22.03 -7.46
C ASN D 102 2.50 21.13 -7.20
N ALA D 103 2.80 19.95 -6.64
CA ALA D 103 1.77 18.99 -6.25
C ALA D 103 2.39 18.11 -5.17
N ASP D 104 2.05 18.37 -3.92
CA ASP D 104 2.62 17.65 -2.78
C ASP D 104 4.13 17.91 -2.71
N GLY D 105 4.50 19.18 -2.61
CA GLY D 105 5.90 19.56 -2.58
C GLY D 105 6.20 20.69 -1.60
N ASP D 106 7.27 21.44 -1.86
CA ASP D 106 7.76 22.43 -0.93
C ASP D 106 7.87 23.84 -1.49
N PHE D 107 7.70 24.04 -2.80
CA PHE D 107 7.59 25.36 -3.41
C PHE D 107 8.91 26.11 -3.43
N ALA D 108 9.95 25.57 -2.82
CA ALA D 108 11.24 26.25 -2.77
C ALA D 108 12.28 25.29 -2.21
N VAL D 109 13.54 25.68 -2.34
CA VAL D 109 14.65 24.90 -1.81
C VAL D 109 14.74 25.12 -0.31
N THR D 110 14.95 24.03 0.44
CA THR D 110 15.19 24.12 1.88
C THR D 110 16.45 23.40 2.30
N HIS D 111 17.33 23.04 1.36
CA HIS D 111 18.62 22.49 1.73
C HIS D 111 19.61 23.57 2.07
N LEU D 112 19.54 24.71 1.38
CA LEU D 112 20.27 25.94 1.73
C LEU D 112 21.78 25.67 1.77
N THR D 113 22.31 25.33 0.60
CA THR D 113 23.74 25.19 0.41
C THR D 113 24.41 26.56 0.39
N LYS D 114 25.71 26.58 0.67
CA LYS D 114 26.45 27.81 0.79
C LYS D 114 26.54 28.52 -0.56
N ALA D 115 27.22 29.67 -0.54
CA ALA D 115 27.30 30.59 -1.67
C ALA D 115 28.72 31.13 -1.78
N HIS D 116 29.08 31.51 -2.99
CA HIS D 116 30.46 31.86 -3.35
C HIS D 116 30.50 33.31 -3.82
N LEU D 117 31.09 34.18 -3.00
CA LEU D 117 31.34 35.56 -3.39
C LEU D 117 32.63 35.64 -4.17
N PHE D 118 32.63 36.50 -5.21
CA PHE D 118 33.62 36.48 -6.27
C PHE D 118 34.40 37.78 -6.39
N HIS D 119 34.37 38.64 -5.37
CA HIS D 119 35.16 39.86 -5.22
C HIS D 119 34.63 41.03 -6.05
N ASP D 120 33.68 40.83 -6.95
CA ASP D 120 33.11 41.93 -7.72
C ASP D 120 31.62 42.08 -7.47
N GLY D 121 31.15 41.66 -6.30
CA GLY D 121 29.75 41.62 -5.99
C GLY D 121 29.01 40.43 -6.56
N ARG D 122 29.57 39.78 -7.57
CA ARG D 122 28.92 38.62 -8.14
C ARG D 122 28.80 37.52 -7.10
N VAL D 123 27.64 36.87 -7.08
CA VAL D 123 27.38 35.77 -6.17
C VAL D 123 26.68 34.66 -6.95
N GLN D 124 26.97 33.42 -6.54
CA GLN D 124 26.59 32.23 -7.28
C GLN D 124 26.07 31.20 -6.29
N TRP D 125 24.94 30.57 -6.61
CA TRP D 125 24.23 29.70 -5.69
C TRP D 125 23.73 28.49 -6.45
N THR D 126 23.85 27.31 -5.84
CA THR D 126 23.49 26.05 -6.49
C THR D 126 22.95 25.07 -5.46
N PRO D 127 21.74 25.31 -4.99
CA PRO D 127 21.11 24.39 -4.05
C PRO D 127 20.41 23.26 -4.79
N PRO D 128 20.50 22.03 -4.29
CA PRO D 128 19.76 20.93 -4.91
C PRO D 128 18.28 21.00 -4.60
N ALA D 129 17.49 20.11 -5.18
CA ALA D 129 16.08 20.11 -4.88
C ALA D 129 15.43 18.85 -5.42
N ILE D 130 14.36 18.43 -4.75
CA ILE D 130 13.49 17.37 -5.22
C ILE D 130 12.13 17.99 -5.48
N TYR D 131 11.72 17.99 -6.75
CA TYR D 131 10.52 18.69 -7.18
C TYR D 131 9.50 17.70 -7.71
N LYS D 132 8.24 17.91 -7.32
CA LYS D 132 7.11 17.09 -7.74
C LYS D 132 6.17 17.94 -8.56
N SER D 133 6.27 17.84 -9.88
CA SER D 133 5.41 18.58 -10.78
C SER D 133 4.23 17.72 -11.21
N SER D 134 3.23 18.37 -11.81
CA SER D 134 2.03 17.71 -12.32
C SER D 134 1.92 18.02 -13.80
N CYS D 135 2.17 17.01 -14.64
CA CYS D 135 2.11 17.15 -16.08
C CYS D 135 1.01 16.26 -16.64
N SER D 136 0.19 16.83 -17.52
CA SER D 136 -0.91 16.09 -18.12
C SER D 136 -0.36 14.96 -18.98
N ILE D 137 -0.93 13.77 -18.81
CA ILE D 137 -0.47 12.56 -19.48
C ILE D 137 -1.45 12.23 -20.59
N ASP D 138 -0.95 12.17 -21.83
CA ASP D 138 -1.73 11.74 -22.97
C ASP D 138 -1.37 10.30 -23.29
N VAL D 139 -2.38 9.43 -23.32
CA VAL D 139 -2.16 7.99 -23.48
C VAL D 139 -3.14 7.51 -24.56
N THR D 140 -2.67 7.45 -25.79
CA THR D 140 -3.37 6.78 -26.88
C THR D 140 -2.54 5.66 -27.49
N PHE D 141 -1.28 5.94 -27.81
CA PHE D 141 -0.39 4.96 -28.43
C PHE D 141 0.42 4.20 -27.39
N PHE D 142 -0.28 3.63 -26.43
CA PHE D 142 0.36 2.90 -25.35
C PHE D 142 0.87 1.56 -25.87
N PRO D 143 2.11 1.16 -25.52
CA PRO D 143 3.13 1.86 -24.72
C PRO D 143 4.04 2.81 -25.49
N PHE D 144 3.95 2.84 -26.82
CA PHE D 144 4.81 3.71 -27.63
C PHE D 144 4.32 5.13 -27.46
N ASP D 145 4.80 5.77 -26.40
CA ASP D 145 4.27 7.05 -25.95
C ASP D 145 5.40 8.07 -25.81
N GLN D 146 5.11 9.30 -26.22
CA GLN D 146 6.02 10.43 -26.03
C GLN D 146 5.34 11.42 -25.09
N GLN D 147 5.85 11.52 -23.87
CA GLN D 147 5.26 12.39 -22.88
C GLN D 147 5.99 13.73 -22.84
N ASN D 148 5.27 14.73 -22.30
CA ASN D 148 5.67 16.13 -22.39
C ASN D 148 5.33 16.77 -21.05
N CYS D 149 6.32 16.91 -20.17
CA CYS D 149 6.08 17.41 -18.83
C CYS D 149 6.77 18.76 -18.64
N THR D 150 6.12 19.64 -17.89
CA THR D 150 6.52 21.04 -17.79
C THR D 150 6.95 21.39 -16.38
N MET D 151 7.66 22.52 -16.29
CA MET D 151 8.01 23.09 -14.99
C MET D 151 8.12 24.60 -15.17
N LYS D 152 7.30 25.34 -14.43
CA LYS D 152 7.16 26.78 -14.60
C LYS D 152 7.76 27.50 -13.40
N PHE D 153 9.01 27.91 -13.52
CA PHE D 153 9.65 28.71 -12.50
C PHE D 153 9.36 30.18 -12.72
N GLY D 154 9.56 30.96 -11.68
CA GLY D 154 9.32 32.39 -11.75
C GLY D 154 9.34 33.00 -10.37
N SER D 155 9.28 34.32 -10.37
CA SER D 155 9.31 35.09 -9.14
C SER D 155 7.89 35.28 -8.61
N TRP D 156 7.82 35.65 -7.33
CA TRP D 156 6.55 35.77 -6.63
C TRP D 156 6.14 37.22 -6.43
N THR D 157 6.98 38.02 -5.77
CA THR D 157 6.60 39.36 -5.34
C THR D 157 7.47 40.45 -5.98
N TYR D 158 8.08 40.16 -7.11
CA TYR D 158 8.95 41.12 -7.79
C TYR D 158 8.57 41.18 -9.26
N ASP D 159 8.26 42.38 -9.73
CA ASP D 159 7.83 42.58 -11.10
C ASP D 159 9.04 42.59 -12.03
N LYS D 160 8.82 42.99 -13.28
CA LYS D 160 9.88 43.00 -14.29
C LYS D 160 10.76 44.23 -14.21
N ALA D 161 10.36 45.26 -13.46
CA ALA D 161 11.16 46.46 -13.28
C ALA D 161 12.00 46.43 -12.00
N LYS D 162 12.03 45.29 -11.33
CA LYS D 162 12.92 45.06 -10.19
C LYS D 162 13.74 43.81 -10.36
N ILE D 163 13.19 42.78 -10.99
CA ILE D 163 13.90 41.53 -11.28
C ILE D 163 13.61 41.14 -12.70
N ASP D 164 14.60 40.56 -13.37
CA ASP D 164 14.45 40.13 -14.76
C ASP D 164 15.30 38.88 -14.95
N LEU D 165 14.64 37.74 -15.18
CA LEU D 165 15.36 36.50 -15.35
C LEU D 165 16.15 36.51 -16.65
N VAL D 166 17.08 35.57 -16.75
CA VAL D 166 17.88 35.35 -17.95
C VAL D 166 18.26 33.88 -18.01
N ASN D 167 17.94 33.23 -19.11
CA ASN D 167 18.27 31.82 -19.26
C ASN D 167 19.73 31.68 -19.68
N MET D 168 20.48 30.88 -18.91
CA MET D 168 21.91 30.74 -19.15
C MET D 168 22.17 29.88 -20.39
N HIS D 169 21.74 28.63 -20.34
CA HIS D 169 21.86 27.71 -21.46
C HIS D 169 20.47 27.30 -21.91
N SER D 170 20.18 27.48 -23.20
CA SER D 170 18.87 27.18 -23.73
C SER D 170 18.51 25.70 -23.65
N ARG D 171 19.42 24.86 -23.16
CA ARG D 171 19.15 23.44 -22.98
C ARG D 171 19.52 23.03 -21.56
N VAL D 172 18.86 21.99 -21.07
CA VAL D 172 19.09 21.48 -19.73
C VAL D 172 20.32 20.59 -19.74
N ASP D 173 21.30 20.92 -18.90
CA ASP D 173 22.52 20.14 -18.83
C ASP D 173 22.21 18.71 -18.39
N GLN D 174 22.98 17.76 -18.95
CA GLN D 174 22.81 16.35 -18.63
C GLN D 174 24.17 15.68 -18.48
N LEU D 175 25.10 16.33 -17.79
CA LEU D 175 26.43 15.76 -17.64
C LEU D 175 26.49 14.69 -16.56
N ASP D 176 25.64 14.79 -15.54
CA ASP D 176 25.57 13.80 -14.47
C ASP D 176 24.23 13.07 -14.46
N PHE D 177 23.49 13.12 -15.56
CA PHE D 177 22.24 12.36 -15.65
C PHE D 177 22.49 10.90 -15.32
N TRP D 178 21.52 10.30 -14.65
CA TRP D 178 21.59 8.91 -14.21
C TRP D 178 20.48 8.14 -14.92
N GLU D 179 20.86 7.28 -15.85
CA GLU D 179 19.90 6.58 -16.70
C GLU D 179 18.89 5.81 -15.86
N SER D 180 17.62 6.22 -15.90
CA SER D 180 16.61 5.56 -15.08
C SER D 180 16.30 4.16 -15.61
N GLY D 181 16.37 3.96 -16.92
CA GLY D 181 16.17 2.65 -17.50
C GLY D 181 14.95 2.55 -18.39
N GLU D 182 13.84 3.15 -17.97
CA GLU D 182 12.59 3.07 -18.71
C GLU D 182 12.30 4.31 -19.55
N TRP D 183 12.63 5.49 -19.05
CA TRP D 183 12.34 6.74 -19.73
C TRP D 183 13.63 7.39 -20.19
N VAL D 184 13.63 7.89 -21.42
CA VAL D 184 14.77 8.61 -21.97
C VAL D 184 14.33 10.00 -22.37
N ILE D 185 15.23 10.96 -22.19
CA ILE D 185 14.94 12.35 -22.46
C ILE D 185 15.37 12.64 -23.90
N VAL D 186 14.38 12.75 -24.79
CA VAL D 186 14.69 13.18 -26.16
C VAL D 186 15.30 14.57 -26.13
N ASP D 187 14.54 15.54 -25.65
CA ASP D 187 15.03 16.91 -25.53
C ASP D 187 14.33 17.64 -24.39
N ALA D 188 14.95 18.74 -23.97
CA ALA D 188 14.54 19.51 -22.80
C ALA D 188 14.90 20.96 -23.07
N VAL D 189 13.90 21.78 -23.36
CA VAL D 189 14.13 23.17 -23.74
C VAL D 189 13.65 24.08 -22.63
N GLY D 190 14.15 25.31 -22.64
CA GLY D 190 13.78 26.30 -21.66
C GLY D 190 13.37 27.62 -22.29
N THR D 191 12.11 28.00 -22.11
CA THR D 191 11.54 29.18 -22.70
C THR D 191 11.39 30.30 -21.69
N TYR D 192 11.48 31.53 -22.17
CA TYR D 192 11.19 32.73 -21.39
C TYR D 192 9.81 33.25 -21.77
N ASN D 193 9.14 33.88 -20.81
CA ASN D 193 7.79 34.36 -21.07
C ASN D 193 7.43 35.43 -20.05
N THR D 194 6.38 36.17 -20.36
CA THR D 194 5.80 37.15 -19.46
C THR D 194 4.30 36.90 -19.35
N ARG D 195 3.69 37.47 -18.32
CA ARG D 195 2.25 37.36 -18.17
C ARG D 195 1.76 38.50 -17.28
N LYS D 196 0.44 38.67 -17.25
CA LYS D 196 -0.22 39.60 -16.36
C LYS D 196 -1.35 38.88 -15.65
N TYR D 197 -1.45 39.12 -14.34
CA TYR D 197 -2.40 38.42 -13.49
C TYR D 197 -3.46 39.39 -12.98
N GLU D 198 -4.53 38.82 -12.42
CA GLU D 198 -5.66 39.62 -11.97
C GLU D 198 -5.35 40.40 -10.71
N CYS D 199 -4.51 39.85 -9.83
CA CYS D 199 -4.19 40.52 -8.58
C CYS D 199 -3.80 41.97 -8.81
N CYS D 200 -2.98 42.21 -9.82
CA CYS D 200 -2.14 43.40 -9.87
C CYS D 200 -2.15 43.96 -11.28
N ALA D 201 -1.37 45.02 -11.48
CA ALA D 201 -1.27 45.71 -12.75
C ALA D 201 0.04 45.43 -13.48
N GLU D 202 1.15 45.37 -12.75
CA GLU D 202 2.43 45.11 -13.36
C GLU D 202 2.44 43.73 -14.02
N ILE D 203 3.44 43.51 -14.87
CA ILE D 203 3.62 42.23 -15.52
C ILE D 203 4.70 41.45 -14.78
N TYR D 204 4.57 40.12 -14.79
CA TYR D 204 5.52 39.27 -14.13
C TYR D 204 6.12 38.28 -15.12
N PRO D 205 7.43 38.06 -15.07
CA PRO D 205 8.06 37.12 -16.00
C PRO D 205 7.90 35.68 -15.50
N ASP D 206 8.48 34.76 -16.26
CA ASP D 206 8.46 33.36 -15.90
C ASP D 206 9.31 32.59 -16.91
N ILE D 207 9.73 31.41 -16.50
CA ILE D 207 10.51 30.51 -17.33
C ILE D 207 9.84 29.15 -17.32
N THR D 208 9.83 28.50 -18.48
CA THR D 208 9.08 27.27 -18.67
C THR D 208 10.01 26.23 -19.27
N TYR D 209 10.34 25.20 -18.50
CA TYR D 209 11.17 24.11 -18.96
C TYR D 209 10.29 22.95 -19.36
N ALA D 210 10.48 22.46 -20.58
CA ALA D 210 9.67 21.40 -21.15
C ALA D 210 10.56 20.20 -21.44
N PHE D 211 10.21 19.06 -20.86
CA PHE D 211 10.90 17.80 -21.07
C PHE D 211 10.04 16.93 -21.97
N VAL D 212 10.56 16.58 -23.15
CA VAL D 212 9.95 15.63 -24.05
C VAL D 212 10.73 14.33 -23.93
N ILE D 213 10.03 13.27 -23.50
CA ILE D 213 10.65 12.00 -23.14
C ILE D 213 9.90 10.85 -23.77
N ARG D 214 10.61 9.74 -23.94
CA ARG D 214 10.08 8.54 -24.56
C ARG D 214 10.17 7.36 -23.60
N ARG D 215 9.35 6.35 -23.88
CA ARG D 215 9.28 5.13 -23.08
C ARG D 215 9.86 3.97 -23.88
N LEU D 216 10.74 3.22 -23.25
CA LEU D 216 11.27 2.00 -23.87
C LEU D 216 10.21 0.91 -23.80
N PRO D 217 9.68 0.44 -24.94
CA PRO D 217 8.47 -0.38 -24.94
C PRO D 217 8.69 -1.89 -24.78
N LEU D 218 9.88 -2.36 -24.47
CA LEU D 218 10.12 -3.80 -24.46
C LEU D 218 9.32 -4.48 -23.35
N PHE D 219 9.26 -3.88 -22.17
CA PHE D 219 8.67 -4.57 -21.02
C PHE D 219 7.19 -4.85 -21.24
N TYR D 220 6.41 -3.80 -21.47
CA TYR D 220 4.97 -3.99 -21.66
C TYR D 220 4.68 -4.72 -22.95
N THR D 221 5.60 -4.68 -23.91
CA THR D 221 5.42 -5.47 -25.13
C THR D 221 5.64 -6.95 -24.87
N ILE D 222 6.47 -7.28 -23.87
CA ILE D 222 6.81 -8.71 -23.59
C ILE D 222 6.05 -9.28 -22.38
N ASN D 223 5.26 -8.48 -21.67
CA ASN D 223 4.52 -8.99 -20.53
C ASN D 223 3.04 -8.68 -20.56
N LEU D 224 2.57 -7.78 -21.42
CA LEU D 224 1.19 -7.34 -21.38
C LEU D 224 0.44 -7.55 -22.68
N ILE D 225 1.00 -7.14 -23.82
CA ILE D 225 0.23 -7.18 -25.06
C ILE D 225 0.38 -8.52 -25.79
N ILE D 226 1.54 -9.18 -25.68
CA ILE D 226 1.73 -10.45 -26.39
C ILE D 226 0.73 -11.49 -25.94
N PRO D 227 0.35 -11.59 -24.65
CA PRO D 227 -0.61 -12.62 -24.25
C PRO D 227 -2.04 -12.26 -24.65
N CYS D 228 -2.38 -10.98 -24.57
CA CYS D 228 -3.71 -10.55 -25.00
C CYS D 228 -3.87 -10.69 -26.50
N LEU D 229 -2.76 -10.60 -27.24
CA LEU D 229 -2.77 -10.84 -28.67
C LEU D 229 -2.74 -12.34 -28.98
N LEU D 230 -2.19 -13.12 -28.07
CA LEU D 230 -2.05 -14.56 -28.26
C LEU D 230 -3.33 -15.30 -27.91
N ILE D 231 -4.15 -14.77 -27.01
CA ILE D 231 -5.46 -15.35 -26.71
C ILE D 231 -6.57 -14.66 -27.48
N SER D 232 -6.25 -13.87 -28.50
CA SER D 232 -7.27 -13.38 -29.42
C SER D 232 -7.36 -14.19 -30.69
N CYS D 233 -6.30 -14.94 -31.05
CA CYS D 233 -6.42 -15.91 -32.14
C CYS D 233 -7.53 -16.92 -31.87
N LEU D 234 -7.82 -17.18 -30.60
CA LEU D 234 -8.81 -18.17 -30.19
C LEU D 234 -10.21 -17.60 -30.08
N THR D 235 -10.45 -16.39 -30.60
CA THR D 235 -11.78 -15.81 -30.53
C THR D 235 -12.71 -16.37 -31.59
N VAL D 236 -12.19 -16.60 -32.80
CA VAL D 236 -12.98 -17.06 -33.92
C VAL D 236 -12.94 -18.56 -34.10
N LEU D 237 -12.08 -19.25 -33.36
CA LEU D 237 -11.77 -20.63 -33.65
C LEU D 237 -12.82 -21.61 -33.16
N VAL D 238 -13.57 -21.26 -32.11
CA VAL D 238 -14.52 -22.20 -31.51
C VAL D 238 -15.47 -22.76 -32.57
N PHE D 239 -15.68 -22.03 -33.65
CA PHE D 239 -16.64 -22.49 -34.65
C PHE D 239 -16.13 -23.71 -35.40
N TYR D 240 -14.84 -23.81 -35.62
CA TYR D 240 -14.27 -25.00 -36.22
C TYR D 240 -14.26 -26.18 -35.27
N LEU D 241 -14.86 -26.02 -34.09
CA LEU D 241 -15.00 -27.07 -33.10
C LEU D 241 -16.40 -27.65 -33.16
N PRO D 242 -16.56 -28.97 -33.22
CA PRO D 242 -17.90 -29.55 -33.40
C PRO D 242 -18.78 -29.40 -32.16
N SER D 243 -19.99 -29.97 -32.23
CA SER D 243 -20.95 -29.87 -31.15
C SER D 243 -21.08 -31.16 -30.34
N GLU D 244 -20.59 -32.28 -30.87
CA GLU D 244 -20.68 -33.54 -30.14
C GLU D 244 -19.72 -33.59 -28.95
N CYS D 245 -18.70 -32.73 -28.93
CA CYS D 245 -17.70 -32.78 -27.89
C CYS D 245 -18.25 -32.24 -26.57
N GLY D 246 -18.64 -30.98 -26.56
CA GLY D 246 -19.06 -30.30 -25.36
C GLY D 246 -18.03 -29.38 -24.75
N GLU D 247 -17.13 -28.81 -25.57
CA GLU D 247 -16.07 -27.96 -25.07
C GLU D 247 -16.02 -26.61 -25.81
N LYS D 248 -17.15 -26.17 -26.35
CA LYS D 248 -17.19 -24.90 -27.06
C LYS D 248 -17.33 -23.74 -26.09
N ILE D 249 -18.40 -23.73 -25.32
CA ILE D 249 -18.65 -22.63 -24.40
C ILE D 249 -17.57 -22.54 -23.34
N THR D 250 -16.96 -23.66 -22.98
CA THR D 250 -15.83 -23.63 -22.07
C THR D 250 -14.74 -22.72 -22.60
N LEU D 251 -14.28 -22.99 -23.82
CA LEU D 251 -13.27 -22.16 -24.48
C LEU D 251 -13.72 -20.71 -24.55
N CYS D 252 -14.96 -20.48 -24.99
CA CYS D 252 -15.45 -19.12 -25.16
C CYS D 252 -15.43 -18.35 -23.83
N ILE D 253 -15.98 -18.96 -22.78
CA ILE D 253 -16.04 -18.33 -21.48
C ILE D 253 -14.64 -18.04 -20.97
N SER D 254 -13.73 -18.99 -21.12
CA SER D 254 -12.36 -18.77 -20.67
C SER D 254 -11.77 -17.54 -21.34
N VAL D 255 -11.90 -17.46 -22.67
CA VAL D 255 -11.33 -16.33 -23.40
C VAL D 255 -11.97 -15.02 -22.93
N LEU D 256 -13.29 -15.02 -22.78
CA LEU D 256 -13.98 -13.80 -22.38
C LEU D 256 -13.47 -13.32 -21.02
N LEU D 257 -13.43 -14.22 -20.04
CA LEU D 257 -13.00 -13.82 -18.71
C LEU D 257 -11.56 -13.37 -18.71
N SER D 258 -10.70 -14.03 -19.49
CA SER D 258 -9.30 -13.64 -19.54
C SER D 258 -9.15 -12.22 -20.09
N LEU D 259 -9.84 -11.92 -21.19
CA LEU D 259 -9.75 -10.58 -21.76
C LEU D 259 -10.31 -9.54 -20.79
N THR D 260 -11.42 -9.85 -20.13
CA THR D 260 -11.96 -8.93 -19.15
C THR D 260 -10.95 -8.65 -18.05
N VAL D 261 -10.23 -9.69 -17.61
CA VAL D 261 -9.21 -9.49 -16.57
C VAL D 261 -8.11 -8.59 -17.08
N PHE D 262 -7.64 -8.82 -18.31
CA PHE D 262 -6.53 -8.02 -18.81
C PHE D 262 -6.92 -6.55 -18.93
N LEU D 263 -8.16 -6.28 -19.35
CA LEU D 263 -8.62 -4.90 -19.43
C LEU D 263 -8.74 -4.29 -18.04
N LEU D 264 -9.41 -4.99 -17.13
CA LEU D 264 -9.59 -4.55 -15.76
C LEU D 264 -8.27 -4.44 -15.00
N LEU D 265 -7.20 -5.00 -15.56
CA LEU D 265 -5.87 -4.89 -14.99
C LEU D 265 -5.08 -3.74 -15.58
N ILE D 266 -5.22 -3.50 -16.88
CA ILE D 266 -4.54 -2.37 -17.49
C ILE D 266 -5.14 -1.06 -17.03
N THR D 267 -6.42 -1.06 -16.65
CA THR D 267 -7.00 0.17 -16.13
C THR D 267 -6.30 0.66 -14.87
N GLU D 268 -5.40 -0.14 -14.30
CA GLU D 268 -4.65 0.26 -13.12
C GLU D 268 -3.40 1.07 -13.47
N ILE D 269 -2.89 0.93 -14.69
CA ILE D 269 -1.63 1.56 -15.06
C ILE D 269 -1.82 2.90 -15.75
N ILE D 270 -3.00 3.18 -16.27
CA ILE D 270 -3.25 4.43 -17.00
C ILE D 270 -4.15 5.32 -16.15
N PRO D 271 -4.12 6.64 -16.35
CA PRO D 271 -4.99 7.51 -15.57
C PRO D 271 -6.46 7.31 -15.91
N SER D 272 -7.33 8.05 -15.25
CA SER D 272 -8.77 7.96 -15.49
C SER D 272 -9.28 9.15 -16.31
N THR D 273 -8.39 9.78 -17.08
CA THR D 273 -8.81 10.86 -17.96
C THR D 273 -9.81 10.33 -18.98
N SER D 274 -10.81 11.15 -19.29
CA SER D 274 -11.85 10.77 -20.22
C SER D 274 -11.74 11.48 -21.56
N LEU D 275 -10.91 12.51 -21.67
CA LEU D 275 -10.70 13.18 -22.94
C LEU D 275 -10.39 12.17 -24.04
N VAL D 276 -9.45 11.26 -23.78
CA VAL D 276 -9.00 10.29 -24.77
C VAL D 276 -9.17 8.89 -24.24
N ILE D 277 -8.82 7.90 -25.06
CA ILE D 277 -8.84 6.50 -24.64
C ILE D 277 -7.64 5.81 -25.27
N PRO D 278 -7.01 4.84 -24.61
CA PRO D 278 -5.90 4.13 -25.24
C PRO D 278 -6.36 3.38 -26.47
N LEU D 279 -5.41 2.75 -27.16
CA LEU D 279 -5.72 1.93 -28.33
C LEU D 279 -5.86 0.46 -27.99
N ILE D 280 -5.41 0.06 -26.79
CA ILE D 280 -5.49 -1.34 -26.38
C ILE D 280 -6.84 -1.63 -25.76
N GLY D 281 -7.28 -0.76 -24.85
CA GLY D 281 -8.59 -0.96 -24.23
C GLY D 281 -9.71 -1.08 -25.25
N GLU D 282 -9.66 -0.25 -26.29
CA GLU D 282 -10.70 -0.26 -27.31
C GLU D 282 -10.71 -1.59 -28.07
N TYR D 283 -9.52 -2.08 -28.45
CA TYR D 283 -9.44 -3.35 -29.15
C TYR D 283 -9.93 -4.49 -28.28
N LEU D 284 -9.51 -4.52 -27.02
CA LEU D 284 -9.98 -5.55 -26.11
C LEU D 284 -11.49 -5.49 -25.95
N LEU D 285 -12.06 -4.29 -25.93
CA LEU D 285 -13.49 -4.15 -25.79
C LEU D 285 -14.22 -4.73 -27.00
N PHE D 286 -13.78 -4.37 -28.20
CA PHE D 286 -14.38 -4.95 -29.40
C PHE D 286 -14.28 -6.47 -29.38
N THR D 287 -13.14 -6.99 -28.94
CA THR D 287 -12.96 -8.43 -28.90
C THR D 287 -13.95 -9.09 -27.94
N MET D 288 -14.11 -8.51 -26.75
CA MET D 288 -15.06 -9.05 -25.79
C MET D 288 -16.48 -9.03 -26.35
N ILE D 289 -16.83 -7.94 -27.02
CA ILE D 289 -18.14 -7.84 -27.67
C ILE D 289 -18.34 -9.02 -28.61
N PHE D 290 -17.40 -9.22 -29.53
CA PHE D 290 -17.59 -10.25 -30.54
C PHE D 290 -17.57 -11.65 -29.93
N VAL D 291 -16.83 -11.85 -28.84
CA VAL D 291 -16.80 -13.20 -28.27
C VAL D 291 -18.08 -13.50 -27.50
N THR D 292 -18.70 -12.51 -26.84
CA THR D 292 -19.99 -12.81 -26.22
C THR D 292 -21.06 -13.03 -27.29
N LEU D 293 -20.99 -12.29 -28.39
CA LEU D 293 -21.88 -12.60 -29.50
C LEU D 293 -21.64 -14.04 -29.98
N SER D 294 -20.38 -14.47 -29.97
CA SER D 294 -20.07 -15.84 -30.39
C SER D 294 -20.70 -16.86 -29.44
N ILE D 295 -20.66 -16.60 -28.14
CA ILE D 295 -21.26 -17.56 -27.22
C ILE D 295 -22.75 -17.64 -27.46
N VAL D 296 -23.39 -16.50 -27.75
CA VAL D 296 -24.82 -16.51 -28.06
C VAL D 296 -25.10 -17.38 -29.28
N ILE D 297 -24.37 -17.13 -30.37
CA ILE D 297 -24.67 -17.86 -31.59
C ILE D 297 -24.36 -19.34 -31.43
N THR D 298 -23.34 -19.69 -30.65
CA THR D 298 -23.00 -21.11 -30.52
C THR D 298 -23.96 -21.84 -29.59
N VAL D 299 -24.55 -21.15 -28.61
CA VAL D 299 -25.62 -21.81 -27.86
C VAL D 299 -26.82 -22.04 -28.77
N PHE D 300 -27.15 -21.08 -29.62
CA PHE D 300 -28.22 -21.31 -30.58
C PHE D 300 -27.92 -22.56 -31.42
N VAL D 301 -26.69 -22.65 -31.92
CA VAL D 301 -26.28 -23.83 -32.68
C VAL D 301 -26.51 -25.09 -31.85
N LEU D 302 -25.84 -25.18 -30.70
CA LEU D 302 -25.97 -26.35 -29.84
C LEU D 302 -27.43 -26.76 -29.66
N ASN D 303 -28.32 -25.79 -29.53
CA ASN D 303 -29.74 -26.12 -29.43
C ASN D 303 -30.23 -26.75 -30.73
N VAL D 304 -29.83 -26.20 -31.87
CA VAL D 304 -30.25 -26.76 -33.15
C VAL D 304 -29.81 -28.21 -33.27
N HIS D 305 -28.52 -28.46 -33.06
CA HIS D 305 -27.96 -29.79 -33.28
C HIS D 305 -28.70 -30.85 -32.47
N HIS D 306 -28.82 -30.64 -31.17
CA HIS D 306 -29.42 -31.64 -30.29
C HIS D 306 -30.93 -31.77 -30.47
N ARG D 307 -31.54 -31.13 -31.46
CA ARG D 307 -32.97 -31.31 -31.67
C ARG D 307 -33.25 -32.70 -32.24
N SER D 308 -34.52 -32.97 -32.48
CA SER D 308 -34.98 -34.30 -32.87
C SER D 308 -36.30 -34.14 -33.62
N PRO D 309 -36.60 -35.06 -34.53
CA PRO D 309 -37.81 -34.84 -35.37
C PRO D 309 -39.10 -34.95 -34.60
N ARG D 310 -39.17 -35.83 -33.59
CA ARG D 310 -40.39 -35.96 -32.81
C ARG D 310 -40.63 -34.72 -31.96
N THR D 311 -39.63 -34.32 -31.17
CA THR D 311 -39.77 -33.14 -30.33
C THR D 311 -40.00 -31.89 -31.17
N HIS D 312 -39.14 -31.65 -32.15
CA HIS D 312 -39.15 -30.43 -32.94
C HIS D 312 -39.35 -30.75 -34.41
N THR D 313 -39.78 -29.72 -35.14
CA THR D 313 -40.19 -29.87 -36.54
C THR D 313 -39.93 -28.58 -37.30
N MET D 314 -40.68 -28.39 -38.39
CA MET D 314 -40.67 -27.22 -39.27
C MET D 314 -39.33 -27.06 -39.99
N PRO D 315 -38.82 -28.10 -40.65
CA PRO D 315 -37.81 -27.93 -41.70
C PRO D 315 -38.46 -27.73 -43.07
N THR D 316 -39.36 -26.76 -43.15
CA THR D 316 -40.19 -26.60 -44.34
C THR D 316 -39.37 -26.07 -45.52
N TRP D 317 -38.82 -24.87 -45.37
CA TRP D 317 -38.05 -24.24 -46.43
C TRP D 317 -36.54 -24.38 -46.24
N VAL D 318 -36.09 -24.61 -45.01
CA VAL D 318 -34.65 -24.70 -44.74
C VAL D 318 -33.99 -25.75 -45.62
N ARG D 319 -34.74 -26.78 -46.01
CA ARG D 319 -34.17 -27.80 -46.89
C ARG D 319 -33.59 -27.17 -48.14
N ARG D 320 -34.44 -26.49 -48.92
CA ARG D 320 -33.97 -25.86 -50.14
C ARG D 320 -32.86 -24.87 -49.85
N VAL D 321 -33.04 -24.02 -48.84
CA VAL D 321 -32.11 -22.93 -48.61
C VAL D 321 -30.72 -23.48 -48.31
N PHE D 322 -30.63 -24.45 -47.41
CA PHE D 322 -29.32 -24.92 -46.99
C PHE D 322 -28.71 -25.90 -47.98
N LEU D 323 -29.53 -26.67 -48.70
CA LEU D 323 -28.99 -27.51 -49.76
C LEU D 323 -28.58 -26.68 -50.97
N ASP D 324 -29.04 -25.44 -51.06
CA ASP D 324 -28.55 -24.49 -52.05
C ASP D 324 -27.35 -23.69 -51.55
N ILE D 325 -27.21 -23.56 -50.24
CA ILE D 325 -26.06 -22.85 -49.67
C ILE D 325 -24.83 -23.74 -49.66
N VAL D 326 -25.00 -25.03 -49.34
CA VAL D 326 -23.83 -25.90 -49.13
C VAL D 326 -22.92 -25.94 -50.35
N PRO D 327 -23.41 -25.87 -51.60
CA PRO D 327 -22.46 -25.92 -52.73
C PRO D 327 -21.61 -24.68 -52.82
N ARG D 328 -22.20 -23.48 -52.67
CA ARG D 328 -21.41 -22.26 -52.69
C ARG D 328 -20.29 -22.33 -51.65
N LEU D 329 -20.59 -22.94 -50.52
CA LEU D 329 -19.65 -23.07 -49.39
C LEU D 329 -18.60 -24.13 -49.72
N LEU D 330 -18.75 -24.79 -50.88
CA LEU D 330 -17.85 -25.88 -51.37
C LEU D 330 -17.84 -27.02 -50.36
N LEU D 331 -19.03 -27.35 -49.82
CA LEU D 331 -19.20 -28.45 -48.85
C LEU D 331 -20.36 -29.32 -49.31
N MET D 332 -20.17 -29.99 -50.45
CA MET D 332 -21.15 -30.92 -51.01
C MET D 332 -22.47 -30.23 -51.37
N GLU D 449 -34.50 -33.61 -43.10
CA GLU D 449 -34.42 -34.97 -42.50
C GLU D 449 -33.44 -34.95 -41.32
N ASP D 450 -32.17 -34.60 -41.59
CA ASP D 450 -31.13 -34.54 -40.53
C ASP D 450 -30.71 -33.07 -40.33
N TRP D 451 -30.95 -32.59 -39.11
CA TRP D 451 -30.68 -31.24 -38.55
C TRP D 451 -29.18 -30.97 -38.41
N LYS D 452 -28.41 -32.00 -38.04
CA LYS D 452 -26.96 -31.87 -37.72
C LYS D 452 -26.19 -31.26 -38.90
N TYR D 453 -26.52 -31.65 -40.13
CA TYR D 453 -25.81 -31.08 -41.30
C TYR D 453 -26.00 -29.55 -41.35
N VAL D 454 -27.21 -29.08 -41.03
CA VAL D 454 -27.50 -27.64 -41.09
C VAL D 454 -26.76 -26.91 -39.99
N ALA D 455 -26.56 -27.55 -38.83
CA ALA D 455 -25.74 -26.95 -37.78
C ALA D 455 -24.32 -26.72 -38.28
N MET D 456 -23.72 -27.76 -38.85
CA MET D 456 -22.39 -27.62 -39.44
C MET D 456 -22.35 -26.45 -40.42
N VAL D 457 -23.38 -26.36 -41.27
CA VAL D 457 -23.41 -25.33 -42.31
C VAL D 457 -23.41 -23.94 -41.68
N ILE D 458 -24.35 -23.70 -40.78
CA ILE D 458 -24.49 -22.38 -40.18
C ILE D 458 -23.21 -22.02 -39.41
N ASP D 459 -22.61 -23.01 -38.76
CA ASP D 459 -21.34 -22.79 -38.08
C ASP D 459 -20.28 -22.28 -39.03
N ARG D 460 -20.11 -22.97 -40.16
CA ARG D 460 -19.09 -22.57 -41.13
C ARG D 460 -19.35 -21.16 -41.65
N ILE D 461 -20.60 -20.86 -41.98
CA ILE D 461 -20.88 -19.55 -42.58
C ILE D 461 -20.65 -18.43 -41.57
N PHE D 462 -20.87 -18.70 -40.28
CA PHE D 462 -20.53 -17.67 -39.30
C PHE D 462 -19.03 -17.59 -39.07
N LEU D 463 -18.32 -18.71 -39.16
CA LEU D 463 -16.88 -18.71 -38.99
C LEU D 463 -16.22 -17.79 -40.02
N TRP D 464 -16.62 -17.92 -41.28
CA TRP D 464 -16.02 -17.09 -42.32
C TRP D 464 -16.22 -15.61 -42.01
N MET D 465 -17.46 -15.23 -41.68
CA MET D 465 -17.75 -13.83 -41.43
C MET D 465 -16.97 -13.31 -40.23
N PHE D 466 -16.80 -14.14 -39.19
CA PHE D 466 -16.13 -13.65 -37.99
C PHE D 466 -14.63 -13.52 -38.21
N ILE D 467 -14.02 -14.45 -38.96
CA ILE D 467 -12.61 -14.27 -39.28
C ILE D 467 -12.45 -12.99 -40.09
N ILE D 468 -13.35 -12.76 -41.06
CA ILE D 468 -13.29 -11.52 -41.83
C ILE D 468 -13.37 -10.31 -40.91
N VAL D 469 -14.29 -10.35 -39.93
CA VAL D 469 -14.54 -9.17 -39.11
C VAL D 469 -13.36 -8.90 -38.18
N CYS D 470 -12.86 -9.94 -37.51
CA CYS D 470 -11.70 -9.77 -36.65
C CYS D 470 -10.52 -9.24 -37.45
N LEU D 471 -10.24 -9.87 -38.59
CA LEU D 471 -9.21 -9.37 -39.50
C LEU D 471 -9.40 -7.87 -39.77
N LEU D 472 -10.58 -7.50 -40.27
CA LEU D 472 -10.81 -6.14 -40.72
C LEU D 472 -10.73 -5.15 -39.58
N GLY D 473 -11.17 -5.53 -38.38
CA GLY D 473 -11.11 -4.59 -37.27
C GLY D 473 -9.69 -4.42 -36.74
N THR D 474 -9.05 -5.53 -36.35
CA THR D 474 -7.66 -5.47 -35.95
C THR D 474 -6.85 -4.69 -36.97
N VAL D 475 -7.23 -4.78 -38.24
CA VAL D 475 -6.50 -4.04 -39.26
C VAL D 475 -6.90 -2.57 -39.19
N GLY D 476 -8.10 -2.22 -39.62
CA GLY D 476 -8.49 -0.84 -39.78
C GLY D 476 -8.38 -0.01 -38.52
N LEU D 477 -8.06 -0.61 -37.37
CA LEU D 477 -7.85 0.18 -36.17
C LEU D 477 -6.45 0.75 -36.07
N PHE D 478 -5.42 -0.04 -36.40
CA PHE D 478 -4.03 0.36 -36.17
C PHE D 478 -3.38 1.05 -37.37
N LEU D 479 -4.12 1.33 -38.45
CA LEU D 479 -3.48 1.80 -39.68
C LEU D 479 -3.18 3.29 -39.67
N PRO D 480 -4.13 4.15 -39.33
CA PRO D 480 -3.90 5.60 -39.44
C PRO D 480 -2.64 6.02 -38.70
N PRO D 481 -2.38 5.45 -37.51
CA PRO D 481 -1.14 5.81 -36.79
C PRO D 481 0.12 5.59 -37.62
N TRP D 482 0.34 4.36 -38.07
CA TRP D 482 1.55 4.04 -38.83
C TRP D 482 1.49 4.64 -40.23
N ASP E 2 19.46 52.63 -0.84
CA ASP E 2 19.95 52.55 0.53
C ASP E 2 18.87 52.92 1.53
N THR E 3 17.98 53.83 1.12
CA THR E 3 16.93 54.28 2.02
C THR E 3 16.09 53.10 2.50
N GLU E 4 15.70 52.22 1.60
CA GLU E 4 14.91 51.04 1.96
C GLU E 4 15.40 50.42 3.27
N GLU E 5 16.72 50.29 3.40
CA GLU E 5 17.29 49.75 4.64
C GLU E 5 16.86 50.59 5.84
N ARG E 6 17.05 51.90 5.76
CA ARG E 6 16.72 52.77 6.88
C ARG E 6 15.24 52.71 7.21
N LEU E 7 14.40 52.81 6.18
CA LEU E 7 12.96 52.74 6.38
C LEU E 7 12.56 51.45 7.08
N VAL E 8 12.98 50.31 6.54
CA VAL E 8 12.63 49.02 7.14
C VAL E 8 13.11 48.97 8.58
N GLU E 9 14.41 49.17 8.79
CA GLU E 9 14.98 49.08 10.12
C GLU E 9 14.44 50.14 11.07
N HIS E 10 13.68 51.11 10.56
CA HIS E 10 12.91 52.00 11.40
C HIS E 10 11.52 51.48 11.71
N LEU E 11 10.91 50.76 10.77
CA LEU E 11 9.54 50.25 10.97
C LEU E 11 9.53 49.07 11.92
N LEU E 12 10.32 48.04 11.64
CA LEU E 12 10.31 46.80 12.41
C LEU E 12 11.17 46.88 13.66
N ASP E 13 11.45 48.07 14.16
CA ASP E 13 12.24 48.20 15.38
C ASP E 13 11.59 47.40 16.50
N PRO E 14 12.32 46.53 17.19
CA PRO E 14 11.68 45.70 18.24
C PRO E 14 11.04 46.52 19.35
N SER E 15 11.62 47.68 19.70
CA SER E 15 11.00 48.51 20.72
C SER E 15 9.73 49.19 20.23
N ARG E 16 9.78 49.81 19.07
CA ARG E 16 8.64 50.56 18.58
C ARG E 16 7.50 49.66 18.16
N TYR E 17 7.80 48.44 17.72
CA TYR E 17 6.81 47.55 17.12
C TYR E 17 6.89 46.19 17.80
N ASN E 18 5.78 45.74 18.36
CA ASN E 18 5.64 44.39 18.89
C ASN E 18 4.66 43.61 18.04
N LYS E 19 4.93 42.32 17.87
CA LYS E 19 4.17 41.46 16.98
C LYS E 19 3.08 40.67 17.68
N LEU E 20 3.29 40.32 18.95
CA LEU E 20 2.35 39.45 19.67
C LEU E 20 1.01 40.12 19.93
N ILE E 21 0.88 41.41 19.65
CA ILE E 21 -0.37 42.12 19.86
C ILE E 21 -0.96 42.51 18.52
N ARG E 22 -2.17 43.06 18.55
CA ARG E 22 -2.88 43.43 17.34
C ARG E 22 -3.21 44.91 17.34
N PRO E 23 -3.38 45.52 16.17
CA PRO E 23 -3.52 46.98 16.09
C PRO E 23 -4.94 47.40 16.47
N ALA E 24 -5.04 48.32 17.42
CA ALA E 24 -6.33 48.77 17.93
C ALA E 24 -6.22 50.19 18.44
N THR E 25 -7.33 50.93 18.35
CA THR E 25 -7.42 52.24 18.97
C THR E 25 -8.90 52.64 19.04
N ASN E 26 -9.17 53.72 19.76
CA ASN E 26 -10.51 54.26 19.93
C ASN E 26 -11.50 53.20 20.39
N GLY E 27 -11.14 52.48 21.45
CA GLY E 27 -12.09 51.61 22.13
C GLY E 27 -12.14 50.19 21.61
N SER E 28 -10.97 49.61 21.32
CA SER E 28 -10.87 48.22 20.90
C SER E 28 -11.74 47.97 19.67
N GLU E 29 -11.52 48.77 18.64
CA GLU E 29 -12.26 48.60 17.40
C GLU E 29 -11.74 47.39 16.64
N LEU E 30 -12.65 46.71 15.94
CA LEU E 30 -12.29 45.53 15.18
C LEU E 30 -11.44 45.92 13.97
N VAL E 31 -10.50 45.04 13.62
CA VAL E 31 -9.70 45.17 12.41
C VAL E 31 -10.31 44.26 11.36
N THR E 32 -10.76 44.85 10.26
CA THR E 32 -11.36 44.07 9.19
C THR E 32 -10.30 43.27 8.46
N VAL E 33 -10.71 42.12 7.93
CA VAL E 33 -9.81 41.24 7.19
C VAL E 33 -10.51 40.75 5.95
N GLN E 34 -10.24 41.40 4.82
CA GLN E 34 -10.89 41.06 3.56
C GLN E 34 -10.07 39.97 2.87
N LEU E 35 -10.62 38.77 2.78
CA LEU E 35 -9.92 37.67 2.15
C LEU E 35 -10.74 37.07 1.03
N MET E 36 -10.06 36.70 -0.05
CA MET E 36 -10.69 35.98 -1.15
C MET E 36 -9.69 34.97 -1.70
N VAL E 37 -10.20 33.83 -2.11
CA VAL E 37 -9.38 32.71 -2.53
C VAL E 37 -9.29 32.68 -4.05
N SER E 38 -8.19 32.13 -4.55
CA SER E 38 -7.97 31.97 -5.99
C SER E 38 -7.42 30.57 -6.22
N LEU E 39 -8.19 29.74 -6.90
CA LEU E 39 -7.80 28.37 -7.19
C LEU E 39 -6.71 28.34 -8.25
N ALA E 40 -5.94 27.25 -8.26
CA ALA E 40 -4.98 27.03 -9.33
C ALA E 40 -5.19 25.72 -10.06
N GLN E 41 -5.49 24.65 -9.33
CA GLN E 41 -5.89 23.39 -9.93
C GLN E 41 -6.46 22.48 -8.85
N LEU E 42 -7.29 21.55 -9.29
CA LEU E 42 -7.94 20.58 -8.40
C LEU E 42 -7.18 19.27 -8.56
N ILE E 43 -6.16 19.09 -7.72
CA ILE E 43 -5.24 17.97 -7.91
C ILE E 43 -5.99 16.65 -7.89
N SER E 44 -6.66 16.34 -6.78
CA SER E 44 -7.24 15.02 -6.67
C SER E 44 -8.48 15.02 -5.79
N VAL E 45 -9.31 14.00 -5.99
CA VAL E 45 -10.47 13.71 -5.16
C VAL E 45 -10.43 12.22 -4.85
N HIS E 46 -9.92 11.87 -3.66
CA HIS E 46 -9.80 10.49 -3.23
C HIS E 46 -11.11 10.10 -2.54
N GLU E 47 -11.94 9.34 -3.24
CA GLU E 47 -13.24 8.93 -2.71
C GLU E 47 -13.06 7.97 -1.55
N ARG E 48 -12.31 6.90 -1.76
CA ARG E 48 -12.17 5.84 -0.76
C ARG E 48 -11.85 6.40 0.63
N GLU E 49 -11.24 7.58 0.69
CA GLU E 49 -10.90 8.21 1.97
C GLU E 49 -11.63 9.52 2.19
N GLN E 50 -12.45 9.97 1.24
CA GLN E 50 -13.19 11.22 1.37
C GLN E 50 -12.24 12.40 1.60
N ILE E 51 -11.41 12.67 0.60
CA ILE E 51 -10.41 13.73 0.70
C ILE E 51 -10.30 14.45 -0.64
N MET E 52 -9.93 15.72 -0.58
CA MET E 52 -9.74 16.53 -1.78
C MET E 52 -8.46 17.34 -1.64
N THR E 53 -7.61 17.27 -2.65
CA THR E 53 -6.32 17.94 -2.66
C THR E 53 -6.33 19.03 -3.72
N THR E 54 -6.18 20.28 -3.28
CA THR E 54 -6.16 21.44 -4.17
C THR E 54 -4.94 22.32 -3.92
N ASN E 55 -4.70 23.23 -4.84
CA ASN E 55 -3.69 24.28 -4.73
C ASN E 55 -4.36 25.63 -4.81
N VAL E 56 -4.01 26.53 -3.89
CA VAL E 56 -4.80 27.69 -3.58
C VAL E 56 -3.89 28.87 -3.25
N TRP E 57 -4.30 30.07 -3.66
CA TRP E 57 -3.70 31.33 -3.23
C TRP E 57 -4.79 32.18 -2.61
N LEU E 58 -4.76 32.35 -1.29
CA LEU E 58 -5.78 33.13 -0.60
C LEU E 58 -5.20 34.51 -0.26
N THR E 59 -5.76 35.54 -0.88
CA THR E 59 -5.33 36.92 -0.67
C THR E 59 -6.07 37.50 0.51
N GLN E 60 -5.32 37.93 1.53
CA GLN E 60 -5.84 38.67 2.66
C GLN E 60 -5.40 40.11 2.55
N GLU E 61 -6.25 41.00 3.08
CA GLU E 61 -5.94 42.42 3.14
C GLU E 61 -6.47 42.98 4.44
N TRP E 62 -5.71 43.90 5.02
CA TRP E 62 -6.14 44.55 6.26
C TRP E 62 -5.36 45.85 6.42
N GLU E 63 -5.45 46.45 7.60
CA GLU E 63 -4.92 47.78 7.85
C GLU E 63 -4.24 47.81 9.20
N ASP E 64 -3.07 48.45 9.25
CA ASP E 64 -2.30 48.63 10.47
C ASP E 64 -1.85 50.07 10.56
N TYR E 65 -2.03 50.69 11.73
CA TYR E 65 -1.81 52.12 11.89
C TYR E 65 -0.40 52.47 12.34
N ARG E 66 0.44 51.47 12.61
CA ARG E 66 1.81 51.71 13.07
C ARG E 66 2.85 51.30 12.04
N LEU E 67 2.43 51.08 10.79
CA LEU E 67 3.32 50.78 9.69
C LEU E 67 3.21 51.84 8.61
N THR E 68 3.14 53.10 9.02
CA THR E 68 3.03 54.23 8.11
C THR E 68 4.28 55.11 8.21
N TRP E 69 4.48 55.93 7.19
CA TRP E 69 5.65 56.78 7.12
C TRP E 69 5.32 57.99 6.24
N LYS E 70 6.31 58.87 6.10
CA LYS E 70 6.19 60.05 5.25
C LYS E 70 6.91 59.78 3.94
N PRO E 71 6.21 59.64 2.81
CA PRO E 71 6.91 59.25 1.57
C PRO E 71 8.00 60.22 1.14
N GLU E 72 7.73 61.53 1.24
CA GLU E 72 8.71 62.50 0.75
C GLU E 72 10.01 62.44 1.54
N GLU E 73 9.94 62.11 2.84
CA GLU E 73 11.16 61.96 3.61
C GLU E 73 12.02 60.84 3.07
N PHE E 74 11.42 59.68 2.84
CA PHE E 74 12.16 58.49 2.40
C PHE E 74 12.17 58.40 0.88
N ASP E 75 12.63 59.49 0.26
CA ASP E 75 12.93 59.54 -1.17
C ASP E 75 11.71 59.14 -2.01
N ASN E 76 10.51 59.45 -1.53
CA ASN E 76 9.28 59.17 -2.25
C ASN E 76 9.11 57.67 -2.52
N MET E 77 8.95 56.92 -1.44
CA MET E 77 8.70 55.48 -1.51
C MET E 77 7.28 55.23 -1.03
N LYS E 78 6.40 54.83 -1.95
CA LYS E 78 5.01 54.54 -1.64
C LYS E 78 4.75 53.08 -1.29
N LYS E 79 5.76 52.22 -1.41
CA LYS E 79 5.52 50.79 -1.33
C LYS E 79 6.80 50.08 -0.96
N VAL E 80 6.69 49.03 -0.16
CA VAL E 80 7.82 48.21 0.23
C VAL E 80 7.39 46.77 0.39
N ARG E 81 8.37 45.87 0.39
CA ARG E 81 8.20 44.48 0.76
C ARG E 81 8.65 44.27 2.19
N LEU E 82 8.09 43.25 2.82
CA LEU E 82 8.47 42.91 4.19
C LEU E 82 8.36 41.41 4.37
N PRO E 83 9.02 40.86 5.38
CA PRO E 83 8.81 39.45 5.70
C PRO E 83 7.57 39.27 6.54
N SER E 84 6.87 38.17 6.32
CA SER E 84 5.59 37.92 6.96
C SER E 84 5.72 37.11 8.24
N LYS E 85 6.93 36.98 8.79
CA LYS E 85 7.09 36.42 10.13
C LYS E 85 7.16 37.51 11.18
N HIS E 86 7.75 38.66 10.83
CA HIS E 86 8.03 39.70 11.81
C HIS E 86 6.85 40.61 12.04
N ILE E 87 6.07 40.90 11.00
CA ILE E 87 4.90 41.76 11.14
C ILE E 87 3.77 40.95 11.75
N TRP E 88 2.73 41.66 12.20
CA TRP E 88 1.52 41.01 12.64
C TRP E 88 0.86 40.30 11.46
N LEU E 89 -0.01 39.36 11.77
CA LEU E 89 -0.83 38.72 10.75
C LEU E 89 -1.94 37.91 11.39
N PRO E 90 -3.14 37.92 10.85
CA PRO E 90 -4.24 37.19 11.47
C PRO E 90 -4.27 35.74 11.04
N ASP E 91 -4.31 34.84 12.00
CA ASP E 91 -4.26 33.41 11.71
C ASP E 91 -5.56 32.98 11.02
N VAL E 92 -5.42 32.31 9.87
CA VAL E 92 -6.58 31.88 9.09
C VAL E 92 -6.30 30.55 8.41
N VAL E 93 -7.08 29.52 8.75
CA VAL E 93 -6.89 28.19 8.18
C VAL E 93 -8.21 27.44 8.02
N LEU E 94 -8.12 26.21 7.53
CA LEU E 94 -9.23 25.27 7.50
C LEU E 94 -9.63 24.87 8.91
N TYR E 95 -10.70 24.09 9.04
CA TYR E 95 -11.01 23.40 10.28
C TYR E 95 -11.26 21.92 10.01
N ASN E 96 -11.75 21.62 8.80
CA ASN E 96 -12.05 20.25 8.39
C ASN E 96 -10.83 19.55 7.81
N ASN E 97 -9.63 19.96 8.22
CA ASN E 97 -8.41 19.49 7.59
C ASN E 97 -8.01 18.12 8.11
N ALA E 98 -7.78 17.19 7.20
CA ALA E 98 -6.99 16.01 7.51
C ALA E 98 -5.51 16.35 7.39
N ASP E 99 -4.67 15.45 7.88
CA ASP E 99 -3.22 15.63 8.02
C ASP E 99 -2.86 16.51 9.21
N GLY E 100 -3.83 17.11 9.89
CA GLY E 100 -3.52 17.97 11.00
C GLY E 100 -2.66 19.16 10.64
N MET E 101 -2.49 19.42 9.34
CA MET E 101 -1.71 20.55 8.86
C MET E 101 -2.65 21.68 8.47
N TYR E 102 -2.60 22.78 9.22
CA TYR E 102 -3.52 23.89 9.04
C TYR E 102 -2.91 25.05 8.27
N GLU E 103 -1.81 25.61 8.77
CA GLU E 103 -1.29 26.85 8.25
C GLU E 103 -0.69 26.65 6.85
N VAL E 104 -0.28 27.77 6.24
CA VAL E 104 0.21 27.79 4.86
C VAL E 104 1.67 27.36 4.82
N SER E 105 2.18 27.15 3.61
CA SER E 105 3.50 26.56 3.44
C SER E 105 4.62 27.59 3.32
N PHE E 106 4.56 28.48 2.33
CA PHE E 106 5.72 29.29 2.00
C PHE E 106 5.94 30.47 2.93
N TYR E 107 4.88 31.12 3.40
CA TYR E 107 5.00 32.34 4.20
C TYR E 107 5.72 33.43 3.40
N SER E 108 5.06 33.85 2.32
CA SER E 108 5.64 34.76 1.36
C SER E 108 5.83 36.15 1.96
N ASN E 109 6.45 37.03 1.16
CA ASN E 109 6.60 38.42 1.54
C ASN E 109 5.24 39.10 1.62
N ALA E 110 5.25 40.34 2.11
CA ALA E 110 4.04 41.12 2.30
C ALA E 110 4.28 42.52 1.77
N VAL E 111 3.34 42.99 0.94
CA VAL E 111 3.39 44.36 0.44
C VAL E 111 2.95 45.31 1.54
N VAL E 112 3.44 46.54 1.48
CA VAL E 112 3.04 47.58 2.43
C VAL E 112 3.07 48.93 1.73
N SER E 113 1.96 49.65 1.83
CA SER E 113 1.86 51.01 1.33
C SER E 113 2.13 51.99 2.49
N TYR E 114 1.91 53.28 2.25
CA TYR E 114 2.15 54.29 3.27
C TYR E 114 0.90 54.64 4.07
N ASP E 115 -0.29 54.31 3.57
CA ASP E 115 -1.50 54.45 4.37
C ASP E 115 -1.63 53.39 5.44
N GLY E 116 -0.78 52.37 5.44
CA GLY E 116 -0.83 51.32 6.43
C GLY E 116 -1.49 50.04 5.97
N SER E 117 -2.08 50.04 4.79
CA SER E 117 -2.73 48.85 4.28
C SER E 117 -1.73 47.73 4.10
N ILE E 118 -2.24 46.51 3.99
CA ILE E 118 -1.41 45.33 3.80
C ILE E 118 -2.19 44.34 2.94
N PHE E 119 -1.46 43.70 2.02
CA PHE E 119 -2.01 42.82 1.00
C PHE E 119 -1.07 41.63 0.88
N TRP E 120 -1.50 40.48 1.41
CA TRP E 120 -0.65 39.32 1.60
C TRP E 120 -1.35 38.10 1.03
N LEU E 121 -0.73 37.43 0.06
CA LEU E 121 -1.25 36.18 -0.47
C LEU E 121 -0.14 35.15 -0.52
N PRO E 122 -0.15 34.15 0.35
CA PRO E 122 0.76 33.04 0.21
C PRO E 122 0.09 31.90 -0.53
N PRO E 123 0.86 30.93 -1.01
CA PRO E 123 0.27 29.76 -1.65
C PRO E 123 -0.04 28.66 -0.64
N ALA E 124 -0.65 27.58 -1.09
CA ALA E 124 -0.93 26.47 -0.21
C ALA E 124 -1.44 25.29 -1.00
N ILE E 125 -1.19 24.09 -0.49
CA ILE E 125 -1.88 22.88 -0.90
C ILE E 125 -2.73 22.43 0.26
N TYR E 126 -4.01 22.22 0.02
CA TYR E 126 -4.97 21.94 1.07
C TYR E 126 -5.63 20.60 0.82
N LYS E 127 -5.72 19.81 1.90
CA LYS E 127 -6.35 18.50 1.91
C LYS E 127 -7.64 18.62 2.72
N SER E 128 -8.71 19.01 2.04
CA SER E 128 -10.00 19.14 2.67
C SER E 128 -10.70 17.78 2.75
N ALA E 129 -11.73 17.72 3.57
CA ALA E 129 -12.51 16.51 3.80
C ALA E 129 -13.96 16.80 3.43
N CYS E 130 -14.37 16.35 2.25
CA CYS E 130 -15.73 16.52 1.77
C CYS E 130 -16.41 15.18 1.65
N LYS E 131 -17.65 15.10 2.11
CA LYS E 131 -18.39 13.85 2.12
C LYS E 131 -18.97 13.58 0.74
N ILE E 132 -18.85 12.32 0.30
CA ILE E 132 -19.17 11.91 -1.05
C ILE E 132 -20.60 11.38 -1.07
N GLU E 133 -21.46 12.00 -1.86
CA GLU E 133 -22.83 11.52 -2.05
C GLU E 133 -22.80 10.62 -3.28
N VAL E 134 -22.84 9.31 -3.04
CA VAL E 134 -22.61 8.33 -4.10
C VAL E 134 -23.86 7.49 -4.34
N LYS E 135 -24.70 7.94 -5.25
CA LYS E 135 -25.85 7.16 -5.69
C LYS E 135 -25.90 7.02 -7.20
N HIS E 136 -25.62 8.09 -7.94
CA HIS E 136 -25.61 8.06 -9.40
C HIS E 136 -24.18 7.92 -9.92
N PHE E 137 -23.59 6.78 -9.60
CA PHE E 137 -22.22 6.51 -10.00
C PHE E 137 -22.19 5.96 -11.42
N PRO E 138 -21.35 6.51 -12.32
CA PRO E 138 -20.39 7.62 -12.18
C PRO E 138 -20.97 9.00 -12.45
N PHE E 139 -22.19 9.07 -12.98
CA PHE E 139 -22.79 10.36 -13.32
C PHE E 139 -23.22 11.09 -12.05
N ASP E 140 -22.25 11.55 -11.26
CA ASP E 140 -22.52 12.14 -9.96
C ASP E 140 -22.02 13.57 -9.90
N GLN E 141 -22.67 14.37 -9.07
CA GLN E 141 -22.30 15.77 -8.83
C GLN E 141 -21.87 15.88 -7.38
N GLN E 142 -20.56 15.88 -7.15
CA GLN E 142 -20.05 15.98 -5.80
C GLN E 142 -20.01 17.43 -5.35
N ASN E 143 -19.82 17.61 -4.04
CA ASN E 143 -19.97 18.92 -3.41
C ASN E 143 -18.98 18.99 -2.25
N CYS E 144 -17.88 19.68 -2.46
CA CYS E 144 -16.80 19.71 -1.49
C CYS E 144 -16.71 21.10 -0.86
N THR E 145 -16.66 21.11 0.47
CA THR E 145 -16.72 22.33 1.26
C THR E 145 -15.31 22.71 1.74
N MET E 146 -15.13 24.00 1.97
CA MET E 146 -13.87 24.51 2.49
C MET E 146 -14.17 25.64 3.47
N LYS E 147 -13.77 25.44 4.72
CA LYS E 147 -13.93 26.43 5.77
C LYS E 147 -12.76 27.40 5.81
N PHE E 148 -12.98 28.52 6.50
CA PHE E 148 -11.92 29.48 6.77
C PHE E 148 -12.33 30.30 7.97
N ARG E 149 -11.51 30.26 9.02
CA ARG E 149 -11.72 31.00 10.24
C ARG E 149 -10.46 30.92 11.08
N SER E 150 -10.21 31.98 11.86
CA SER E 150 -9.06 32.00 12.74
C SER E 150 -9.28 31.04 13.90
N TRP E 151 -8.17 30.70 14.57
CA TRP E 151 -8.21 29.81 15.72
C TRP E 151 -7.37 30.36 16.87
N THR E 152 -7.24 31.68 16.94
CA THR E 152 -6.68 32.34 18.11
C THR E 152 -7.58 33.50 18.56
N TYR E 153 -8.26 34.13 17.61
CA TYR E 153 -9.08 35.31 17.87
C TYR E 153 -10.56 34.95 17.69
N ASP E 154 -11.41 35.93 18.00
CA ASP E 154 -12.85 35.77 17.88
C ASP E 154 -13.47 36.98 17.20
N ARG E 155 -14.81 37.06 17.19
CA ARG E 155 -15.48 38.13 16.45
C ARG E 155 -15.36 39.48 17.14
N THR E 156 -15.08 39.52 18.44
CA THR E 156 -14.94 40.78 19.15
C THR E 156 -13.54 41.37 19.02
N GLU E 157 -12.70 40.80 18.16
CA GLU E 157 -11.38 41.36 17.88
C GLU E 157 -11.05 41.42 16.40
N ILE E 158 -11.69 40.62 15.54
CA ILE E 158 -11.58 40.75 14.10
C ILE E 158 -12.92 40.41 13.48
N ASP E 159 -13.10 40.85 12.24
CA ASP E 159 -14.32 40.59 11.48
C ASP E 159 -13.93 40.29 10.04
N LEU E 160 -14.12 39.05 9.61
CA LEU E 160 -13.77 38.66 8.26
C LEU E 160 -14.83 39.13 7.27
N VAL E 161 -14.40 39.29 6.02
CA VAL E 161 -15.26 39.83 4.98
C VAL E 161 -14.85 39.22 3.65
N LEU E 162 -15.82 39.14 2.74
CA LEU E 162 -15.57 38.70 1.38
C LEU E 162 -15.41 39.90 0.45
N LYS E 163 -14.66 39.71 -0.63
CA LYS E 163 -14.49 40.73 -1.66
C LYS E 163 -15.26 40.40 -2.93
N SER E 164 -15.29 39.13 -3.31
CA SER E 164 -16.07 38.67 -4.46
C SER E 164 -16.77 37.38 -4.04
N GLU E 165 -18.07 37.29 -4.35
CA GLU E 165 -18.84 36.14 -3.87
C GLU E 165 -18.39 34.84 -4.51
N VAL E 166 -17.55 34.92 -5.54
CA VAL E 166 -17.12 33.75 -6.31
C VAL E 166 -15.61 33.63 -6.22
N ALA E 167 -15.12 32.40 -6.21
CA ALA E 167 -13.69 32.13 -6.18
C ALA E 167 -13.13 32.30 -7.59
N SER E 168 -12.11 33.13 -7.72
CA SER E 168 -11.51 33.40 -9.03
C SER E 168 -11.00 32.11 -9.65
N LEU E 169 -11.02 32.06 -10.99
CA LEU E 169 -10.54 30.86 -11.74
C LEU E 169 -9.64 31.28 -12.90
N ASP E 170 -9.09 32.50 -12.85
CA ASP E 170 -8.26 33.04 -13.96
C ASP E 170 -6.99 32.21 -14.21
N ASP E 171 -6.33 31.73 -13.15
CA ASP E 171 -5.06 30.97 -13.30
C ASP E 171 -5.32 29.45 -13.35
N PHE E 172 -6.60 29.05 -13.29
CA PHE E 172 -6.95 27.60 -13.27
C PHE E 172 -6.54 26.87 -14.55
N THR E 173 -6.01 25.66 -14.38
CA THR E 173 -5.63 24.72 -15.43
C THR E 173 -6.60 23.54 -15.43
N PRO E 174 -7.15 23.14 -16.58
CA PRO E 174 -8.12 22.04 -16.58
C PRO E 174 -7.61 20.83 -15.84
N SER E 175 -8.54 20.03 -15.30
CA SER E 175 -8.19 18.92 -14.42
C SER E 175 -8.30 17.56 -15.08
N GLY E 176 -8.98 17.45 -16.22
CA GLY E 176 -9.16 16.16 -16.86
C GLY E 176 -10.43 15.49 -16.39
N GLU E 177 -10.30 14.59 -15.41
CA GLU E 177 -11.43 13.88 -14.85
C GLU E 177 -12.54 14.82 -14.40
N TRP E 178 -12.24 15.63 -13.40
CA TRP E 178 -13.25 16.43 -12.71
C TRP E 178 -13.40 17.80 -13.35
N ASP E 179 -14.63 18.27 -13.43
CA ASP E 179 -14.97 19.53 -14.09
C ASP E 179 -15.84 20.36 -13.16
N ILE E 180 -15.45 21.63 -12.97
CA ILE E 180 -16.16 22.48 -12.03
C ILE E 180 -17.44 23.01 -12.66
N VAL E 181 -18.36 23.45 -11.80
CA VAL E 181 -19.61 24.05 -12.23
C VAL E 181 -19.76 25.40 -11.56
N ALA E 182 -19.63 25.42 -10.24
CA ALA E 182 -19.78 26.66 -9.48
C ALA E 182 -18.88 26.64 -8.25
N LEU E 183 -18.48 27.83 -7.83
CA LEU E 183 -17.58 28.03 -6.69
C LEU E 183 -18.12 29.14 -5.80
N PRO E 184 -19.33 28.98 -5.27
CA PRO E 184 -19.89 30.01 -4.39
C PRO E 184 -19.14 30.09 -3.07
N GLY E 185 -19.22 31.28 -2.46
CA GLY E 185 -18.61 31.52 -1.18
C GLY E 185 -19.50 32.35 -0.28
N ARG E 186 -19.76 31.87 0.93
CA ARG E 186 -20.74 32.47 1.82
C ARG E 186 -20.14 32.73 3.19
N ARG E 187 -20.46 33.89 3.74
CA ARG E 187 -20.14 34.20 5.12
C ARG E 187 -21.20 33.61 6.04
N ASN E 188 -20.78 33.12 7.20
CA ASN E 188 -21.67 32.46 8.12
C ASN E 188 -21.41 32.94 9.55
N GLU E 189 -22.49 33.10 10.29
CA GLU E 189 -22.46 33.64 11.64
C GLU E 189 -23.50 32.91 12.47
N ASN E 190 -23.31 32.91 13.79
CA ASN E 190 -24.19 32.20 14.72
C ASN E 190 -24.84 33.19 15.68
N PRO E 191 -26.17 33.26 15.74
CA PRO E 191 -26.79 34.18 16.71
C PRO E 191 -26.73 33.68 18.14
N ASP E 192 -26.91 32.38 18.36
CA ASP E 192 -26.87 31.83 19.71
C ASP E 192 -25.50 32.00 20.35
N ASP E 193 -24.44 31.95 19.55
CA ASP E 193 -23.07 32.01 20.03
C ASP E 193 -22.51 33.43 19.97
N SER E 194 -22.71 34.09 18.83
CA SER E 194 -22.34 35.47 18.55
C SER E 194 -20.82 35.66 18.55
N THR E 195 -20.05 34.58 18.63
CA THR E 195 -18.59 34.61 18.53
C THR E 195 -18.11 33.55 17.57
N TYR E 196 -18.74 33.44 16.40
CA TYR E 196 -18.43 32.40 15.42
C TYR E 196 -18.63 32.99 14.03
N VAL E 197 -17.55 33.48 13.44
CA VAL E 197 -17.52 33.99 12.07
C VAL E 197 -16.76 33.02 11.21
N ASP E 198 -17.33 32.64 10.07
CA ASP E 198 -16.61 31.74 9.18
C ASP E 198 -16.93 32.08 7.73
N ILE E 199 -16.04 31.64 6.84
CA ILE E 199 -16.24 31.74 5.41
C ILE E 199 -16.21 30.34 4.84
N THR E 200 -17.24 29.98 4.08
CA THR E 200 -17.37 28.64 3.51
C THR E 200 -17.48 28.74 2.00
N TYR E 201 -16.52 28.14 1.30
CA TYR E 201 -16.57 28.03 -0.14
C TYR E 201 -17.03 26.62 -0.51
N ASP E 202 -17.98 26.52 -1.43
CA ASP E 202 -18.65 25.27 -1.75
C ASP E 202 -18.41 24.92 -3.21
N PHE E 203 -17.32 24.20 -3.47
CA PHE E 203 -17.03 23.78 -4.83
C PHE E 203 -18.03 22.71 -5.25
N ILE E 204 -18.64 22.90 -6.42
CA ILE E 204 -19.55 21.91 -6.98
C ILE E 204 -18.87 21.30 -8.18
N ILE E 205 -18.71 19.98 -8.17
CA ILE E 205 -17.92 19.26 -9.16
C ILE E 205 -18.79 18.22 -9.84
N ARG E 206 -18.50 17.98 -11.12
CA ARG E 206 -19.13 16.90 -11.86
C ARG E 206 -18.04 16.04 -12.48
N ARG E 207 -18.24 14.72 -12.44
CA ARG E 207 -17.29 13.78 -12.99
C ARG E 207 -17.56 13.57 -14.47
N LYS E 208 -16.49 13.37 -15.23
CA LYS E 208 -16.61 12.98 -16.62
C LYS E 208 -16.71 11.46 -16.70
N PRO E 209 -17.76 10.91 -17.31
CA PRO E 209 -18.10 9.49 -17.07
C PRO E 209 -17.38 8.50 -17.97
N LEU E 210 -16.88 8.96 -19.11
CA LEU E 210 -16.46 8.05 -20.17
C LEU E 210 -15.55 6.94 -19.65
N PHE E 211 -14.53 7.28 -18.89
CA PHE E 211 -13.53 6.29 -18.48
C PHE E 211 -14.17 5.13 -17.73
N TYR E 212 -14.78 5.44 -16.59
CA TYR E 212 -15.40 4.38 -15.80
C TYR E 212 -16.52 3.71 -16.56
N THR E 213 -17.25 4.47 -17.38
CA THR E 213 -18.25 3.87 -18.25
C THR E 213 -17.65 2.70 -19.02
N ILE E 214 -16.66 3.01 -19.87
CA ILE E 214 -16.02 1.98 -20.69
C ILE E 214 -15.54 0.82 -19.82
N ASN E 215 -14.79 1.14 -18.76
CA ASN E 215 -14.06 0.11 -18.06
C ASN E 215 -14.92 -0.76 -17.15
N LEU E 216 -16.09 -0.27 -16.72
CA LEU E 216 -16.92 -1.02 -15.79
C LEU E 216 -18.29 -1.35 -16.38
N ILE E 217 -19.02 -0.35 -16.87
CA ILE E 217 -20.43 -0.56 -17.22
C ILE E 217 -20.55 -1.55 -18.36
N ILE E 218 -19.89 -1.26 -19.49
CA ILE E 218 -20.04 -2.11 -20.68
C ILE E 218 -19.81 -3.58 -20.36
N PRO E 219 -18.66 -3.98 -19.79
CA PRO E 219 -18.54 -5.39 -19.38
C PRO E 219 -19.67 -5.86 -18.48
N CYS E 220 -20.10 -5.00 -17.55
CA CYS E 220 -21.12 -5.39 -16.58
C CYS E 220 -22.43 -5.77 -17.27
N VAL E 221 -22.99 -4.84 -18.04
CA VAL E 221 -24.25 -5.10 -18.73
C VAL E 221 -24.06 -6.23 -19.74
N LEU E 222 -22.94 -6.22 -20.44
CA LEU E 222 -22.66 -7.24 -21.44
C LEU E 222 -22.72 -8.64 -20.84
N ILE E 223 -22.18 -8.81 -19.63
CA ILE E 223 -22.20 -10.11 -19.00
C ILE E 223 -23.57 -10.43 -18.46
N THR E 224 -24.16 -9.52 -17.69
CA THR E 224 -25.48 -9.80 -17.12
C THR E 224 -26.52 -10.06 -18.19
N SER E 225 -26.24 -9.69 -19.44
CA SER E 225 -27.13 -10.00 -20.55
C SER E 225 -27.15 -11.48 -20.91
N LEU E 226 -26.42 -12.33 -20.18
CA LEU E 226 -26.39 -13.77 -20.44
C LEU E 226 -27.11 -14.57 -19.38
N ALA E 227 -27.82 -13.92 -18.46
CA ALA E 227 -28.52 -14.63 -17.40
C ALA E 227 -29.89 -15.14 -17.82
N ILE E 228 -30.48 -14.56 -18.87
CA ILE E 228 -31.80 -14.94 -19.33
C ILE E 228 -31.71 -15.92 -20.50
N LEU E 229 -30.57 -16.56 -20.67
CA LEU E 229 -30.26 -17.31 -21.88
C LEU E 229 -30.02 -18.79 -21.64
N VAL E 230 -29.47 -19.17 -20.49
CA VAL E 230 -29.18 -20.57 -20.23
C VAL E 230 -30.40 -21.45 -20.40
N PHE E 231 -31.60 -20.87 -20.28
CA PHE E 231 -32.81 -21.66 -20.45
C PHE E 231 -32.99 -22.10 -21.90
N TYR E 232 -32.54 -21.29 -22.85
CA TYR E 232 -32.60 -21.66 -24.26
C TYR E 232 -31.56 -22.69 -24.65
N LEU E 233 -30.77 -23.18 -23.69
CA LEU E 233 -29.75 -24.19 -23.91
C LEU E 233 -30.32 -25.59 -23.65
N PRO E 234 -29.99 -26.58 -24.47
CA PRO E 234 -30.58 -27.91 -24.29
C PRO E 234 -29.83 -28.70 -23.22
N SER E 235 -30.60 -29.47 -22.44
CA SER E 235 -30.06 -30.18 -21.30
C SER E 235 -29.20 -31.38 -21.67
N ASP E 236 -29.24 -31.84 -22.92
CA ASP E 236 -28.35 -32.91 -23.35
C ASP E 236 -26.90 -32.46 -23.49
N CYS E 237 -26.64 -31.17 -23.67
CA CYS E 237 -25.27 -30.73 -23.83
C CYS E 237 -24.46 -30.94 -22.56
N GLY E 238 -25.12 -30.90 -21.40
CA GLY E 238 -24.40 -31.02 -20.14
C GLY E 238 -23.55 -29.82 -19.83
N GLU E 239 -24.07 -28.61 -20.09
CA GLU E 239 -23.25 -27.41 -20.01
C GLU E 239 -23.90 -26.24 -19.30
N LYS E 240 -25.19 -26.30 -18.97
CA LYS E 240 -25.85 -25.17 -18.31
C LYS E 240 -25.09 -24.75 -17.05
N MET E 241 -24.66 -25.73 -16.26
CA MET E 241 -23.98 -25.43 -15.00
C MET E 241 -22.75 -24.57 -15.23
N THR E 242 -21.93 -24.94 -16.21
CA THR E 242 -20.72 -24.19 -16.50
C THR E 242 -21.02 -22.71 -16.72
N LEU E 243 -21.91 -22.43 -17.67
CA LEU E 243 -22.22 -21.04 -18.02
C LEU E 243 -22.78 -20.29 -16.82
N CYS E 244 -23.79 -20.86 -16.16
CA CYS E 244 -24.40 -20.17 -15.02
C CYS E 244 -23.36 -19.86 -13.95
N ILE E 245 -22.55 -20.85 -13.58
CA ILE E 245 -21.54 -20.67 -12.55
C ILE E 245 -20.57 -19.55 -12.94
N SER E 246 -20.07 -19.61 -14.17
CA SER E 246 -19.12 -18.59 -14.61
C SER E 246 -19.72 -17.21 -14.51
N VAL E 247 -20.98 -17.05 -14.93
CA VAL E 247 -21.63 -15.75 -14.86
C VAL E 247 -21.71 -15.28 -13.42
N LEU E 248 -22.16 -16.17 -12.52
CA LEU E 248 -22.29 -15.79 -11.12
C LEU E 248 -20.96 -15.33 -10.54
N LEU E 249 -19.88 -16.04 -10.87
CA LEU E 249 -18.58 -15.69 -10.29
C LEU E 249 -18.07 -14.36 -10.83
N ALA E 250 -18.15 -14.16 -12.14
CA ALA E 250 -17.79 -12.87 -12.72
C ALA E 250 -18.58 -11.74 -12.06
N LEU E 251 -19.86 -12.01 -11.79
CA LEU E 251 -20.72 -11.01 -11.18
C LEU E 251 -20.26 -10.65 -9.78
N THR E 252 -20.01 -11.67 -8.95
CA THR E 252 -19.50 -11.41 -7.60
C THR E 252 -18.21 -10.61 -7.65
N VAL E 253 -17.33 -10.94 -8.61
CA VAL E 253 -16.07 -10.22 -8.72
C VAL E 253 -16.31 -8.75 -8.99
N PHE E 254 -17.12 -8.45 -10.00
CA PHE E 254 -17.42 -7.06 -10.31
C PHE E 254 -18.02 -6.35 -9.10
N LEU E 255 -18.83 -7.05 -8.33
CA LEU E 255 -19.46 -6.44 -7.16
C LEU E 255 -18.41 -6.05 -6.13
N LEU E 256 -17.56 -7.00 -5.73
CA LEU E 256 -16.50 -6.68 -4.78
C LEU E 256 -15.67 -5.52 -5.27
N LEU E 257 -15.34 -5.50 -6.56
CA LEU E 257 -14.50 -4.44 -7.10
C LEU E 257 -15.16 -3.09 -6.96
N ILE E 258 -16.40 -2.97 -7.43
CA ILE E 258 -17.10 -1.69 -7.34
C ILE E 258 -17.23 -1.26 -5.88
N SER E 259 -17.38 -2.21 -4.96
CA SER E 259 -17.45 -1.82 -3.55
C SER E 259 -16.10 -1.36 -3.04
N LYS E 260 -15.02 -1.81 -3.67
CA LYS E 260 -13.70 -1.28 -3.31
C LYS E 260 -13.54 0.15 -3.78
N ILE E 261 -13.95 0.43 -5.02
CA ILE E 261 -13.70 1.76 -5.59
C ILE E 261 -14.45 2.86 -4.85
N VAL E 262 -15.56 2.55 -4.20
CA VAL E 262 -16.36 3.57 -3.52
C VAL E 262 -16.11 3.49 -2.02
N PRO E 263 -16.39 4.54 -1.26
CA PRO E 263 -16.07 4.53 0.17
C PRO E 263 -17.02 3.62 0.92
N PRO E 264 -16.64 3.18 2.13
CA PRO E 264 -17.48 2.27 2.93
C PRO E 264 -18.52 3.00 3.78
N THR E 265 -19.24 3.92 3.17
CA THR E 265 -20.32 4.65 3.85
C THR E 265 -21.59 3.83 3.76
N SER E 266 -22.04 3.29 4.88
CA SER E 266 -23.26 2.52 4.96
C SER E 266 -24.51 3.40 4.99
N LEU E 267 -24.30 4.70 4.86
CA LEU E 267 -25.39 5.70 4.85
C LEU E 267 -26.26 5.51 3.61
N ASP E 268 -25.63 5.28 2.45
CA ASP E 268 -26.38 5.11 1.17
C ASP E 268 -25.70 4.02 0.33
N VAL E 269 -26.47 3.40 -0.59
CA VAL E 269 -25.95 2.32 -1.48
C VAL E 269 -26.13 2.77 -2.94
N PRO E 270 -25.10 2.63 -3.81
CA PRO E 270 -25.19 3.02 -5.22
C PRO E 270 -26.17 2.14 -5.97
N LEU E 271 -26.39 2.53 -7.23
CA LEU E 271 -27.37 1.85 -8.07
C LEU E 271 -26.80 0.57 -8.68
N VAL E 272 -25.52 0.58 -9.02
CA VAL E 272 -24.92 -0.53 -9.75
C VAL E 272 -24.86 -1.78 -8.87
N GLY E 273 -24.34 -1.63 -7.65
CA GLY E 273 -24.32 -2.77 -6.74
C GLY E 273 -25.70 -3.33 -6.49
N LYS E 274 -26.70 -2.45 -6.44
CA LYS E 274 -28.08 -2.87 -6.24
C LYS E 274 -28.55 -3.76 -7.39
N TYR E 275 -28.45 -3.25 -8.62
CA TYR E 275 -28.82 -4.02 -9.80
C TYR E 275 -28.08 -5.35 -9.84
N LEU E 276 -26.79 -5.33 -9.50
CA LEU E 276 -25.98 -6.53 -9.60
C LEU E 276 -26.40 -7.58 -8.58
N MET E 277 -26.66 -7.15 -7.34
CA MET E 277 -27.16 -8.08 -6.33
C MET E 277 -28.47 -8.70 -6.77
N PHE E 278 -29.37 -7.89 -7.34
CA PHE E 278 -30.66 -8.42 -7.77
C PHE E 278 -30.47 -9.49 -8.85
N THR E 279 -29.68 -9.18 -9.88
CA THR E 279 -29.53 -10.16 -10.95
C THR E 279 -28.75 -11.39 -10.48
N MET E 280 -27.90 -11.24 -9.46
CA MET E 280 -27.24 -12.40 -8.86
C MET E 280 -28.26 -13.35 -8.23
N VAL E 281 -29.17 -12.78 -7.43
CA VAL E 281 -30.25 -13.58 -6.86
C VAL E 281 -31.01 -14.28 -7.98
N LEU E 282 -31.29 -13.55 -9.05
CA LEU E 282 -32.00 -14.14 -10.19
C LEU E 282 -31.26 -15.35 -10.73
N VAL E 283 -29.95 -15.22 -10.95
CA VAL E 283 -29.21 -16.30 -11.61
C VAL E 283 -29.06 -17.51 -10.70
N THR E 284 -29.03 -17.30 -9.37
CA THR E 284 -28.99 -18.48 -8.51
C THR E 284 -30.34 -19.21 -8.51
N PHE E 285 -31.45 -18.46 -8.50
CA PHE E 285 -32.74 -19.10 -8.70
C PHE E 285 -32.72 -19.89 -10.01
N SER E 286 -32.08 -19.33 -11.03
CA SER E 286 -31.97 -20.01 -12.31
C SER E 286 -31.22 -21.33 -12.18
N ILE E 287 -30.09 -21.32 -11.47
CA ILE E 287 -29.30 -22.55 -11.36
C ILE E 287 -30.10 -23.64 -10.69
N VAL E 288 -30.85 -23.29 -9.63
CA VAL E 288 -31.58 -24.34 -8.91
C VAL E 288 -32.73 -24.88 -9.77
N THR E 289 -33.49 -23.99 -10.41
CA THR E 289 -34.56 -24.51 -11.26
C THR E 289 -34.00 -25.30 -12.45
N SER E 290 -32.79 -24.95 -12.91
CA SER E 290 -32.19 -25.65 -14.02
C SER E 290 -31.76 -27.06 -13.63
N VAL E 291 -31.21 -27.22 -12.43
CA VAL E 291 -30.87 -28.55 -11.98
C VAL E 291 -32.13 -29.40 -11.84
N CYS E 292 -33.22 -28.80 -11.36
CA CYS E 292 -34.48 -29.54 -11.29
C CYS E 292 -34.89 -30.02 -12.68
N VAL E 293 -34.82 -29.12 -13.66
CA VAL E 293 -35.16 -29.47 -15.04
C VAL E 293 -34.28 -30.61 -15.53
N LEU E 294 -32.98 -30.51 -15.29
CA LEU E 294 -32.05 -31.54 -15.76
C LEU E 294 -32.40 -32.89 -15.16
N ASN E 295 -32.68 -32.92 -13.85
CA ASN E 295 -33.03 -34.18 -13.22
C ASN E 295 -34.28 -34.77 -13.86
N VAL E 296 -35.33 -33.96 -14.01
CA VAL E 296 -36.55 -34.50 -14.60
C VAL E 296 -36.30 -34.97 -16.03
N HIS E 297 -35.33 -34.37 -16.71
CA HIS E 297 -35.02 -34.80 -18.07
C HIS E 297 -34.34 -36.16 -18.09
N HIS E 298 -33.40 -36.39 -17.17
CA HIS E 298 -32.61 -37.65 -17.20
C HIS E 298 -33.40 -38.88 -16.71
N ARG E 299 -34.62 -38.68 -16.21
CA ARG E 299 -35.35 -39.80 -15.61
C ARG E 299 -35.67 -40.84 -16.67
N SER E 300 -35.79 -42.09 -16.24
CA SER E 300 -36.07 -43.20 -17.16
C SER E 300 -37.43 -43.83 -16.82
N PRO E 301 -37.95 -44.69 -17.68
CA PRO E 301 -39.28 -45.28 -17.40
C PRO E 301 -39.26 -46.24 -16.23
N THR E 302 -38.22 -47.06 -16.10
CA THR E 302 -38.21 -48.07 -15.03
C THR E 302 -38.21 -47.40 -13.66
N THR E 303 -37.52 -46.28 -13.52
CA THR E 303 -37.32 -45.68 -12.20
C THR E 303 -38.56 -44.93 -11.73
N HIS E 304 -39.26 -44.25 -12.63
CA HIS E 304 -40.44 -43.47 -12.28
C HIS E 304 -41.56 -43.75 -13.27
N THR E 305 -42.81 -43.56 -12.83
CA THR E 305 -43.97 -43.77 -13.68
C THR E 305 -44.60 -42.49 -14.18
N MET E 306 -44.30 -41.35 -13.56
CA MET E 306 -44.89 -40.05 -13.98
C MET E 306 -46.38 -40.19 -14.21
N ALA E 307 -47.10 -40.59 -13.17
CA ALA E 307 -48.51 -40.94 -13.23
C ALA E 307 -49.34 -39.68 -13.47
N PRO E 308 -50.69 -39.78 -13.51
CA PRO E 308 -51.49 -38.90 -14.38
C PRO E 308 -51.09 -37.44 -14.43
N TRP E 309 -50.98 -36.81 -13.26
CA TRP E 309 -50.95 -35.34 -13.19
C TRP E 309 -50.07 -34.73 -14.27
N VAL E 310 -48.83 -35.22 -14.39
CA VAL E 310 -47.89 -34.64 -15.35
C VAL E 310 -48.48 -34.65 -16.76
N LYS E 311 -48.98 -35.81 -17.19
CA LYS E 311 -49.43 -35.97 -18.57
C LYS E 311 -50.37 -34.84 -18.92
N VAL E 312 -51.52 -34.81 -18.25
CA VAL E 312 -52.57 -33.88 -18.65
C VAL E 312 -52.12 -32.45 -18.40
N VAL E 313 -51.54 -32.18 -17.22
CA VAL E 313 -51.22 -30.79 -16.88
C VAL E 313 -50.27 -30.19 -17.92
N PHE E 314 -49.19 -30.89 -18.25
CA PHE E 314 -48.18 -30.27 -19.11
C PHE E 314 -48.55 -30.40 -20.59
N LEU E 315 -48.96 -31.58 -21.04
CA LEU E 315 -49.38 -31.73 -22.42
C LEU E 315 -50.64 -30.90 -22.72
N GLU E 316 -51.27 -30.31 -21.71
CA GLU E 316 -52.32 -29.33 -21.92
C GLU E 316 -51.85 -27.90 -21.71
N LYS E 317 -50.79 -27.69 -20.94
CA LYS E 317 -50.21 -26.35 -20.80
C LYS E 317 -49.52 -25.93 -22.09
N LEU E 318 -49.08 -26.89 -22.90
CA LEU E 318 -48.42 -26.59 -24.17
C LEU E 318 -49.00 -25.38 -24.90
N PRO E 319 -50.31 -25.27 -25.15
CA PRO E 319 -50.78 -24.17 -26.01
C PRO E 319 -50.74 -22.82 -25.34
N ALA E 320 -50.99 -22.77 -24.03
CA ALA E 320 -50.93 -21.49 -23.32
C ALA E 320 -49.63 -20.76 -23.56
N LEU E 321 -48.56 -21.49 -23.88
CA LEU E 321 -47.28 -20.91 -24.25
C LEU E 321 -47.19 -20.59 -25.74
N LEU E 322 -48.16 -21.04 -26.53
CA LEU E 322 -48.03 -21.09 -27.99
C LEU E 322 -46.86 -21.96 -28.42
N PHE E 323 -46.41 -22.83 -27.51
CA PHE E 323 -45.40 -23.85 -27.75
C PHE E 323 -46.11 -25.17 -28.00
N MET E 324 -45.56 -25.99 -28.90
CA MET E 324 -46.38 -26.91 -29.67
C MET E 324 -45.92 -28.36 -29.59
N GLN E 325 -46.91 -29.26 -29.62
CA GLN E 325 -46.84 -30.50 -30.37
C GLN E 325 -45.69 -31.41 -29.91
N GLN E 326 -45.83 -31.93 -28.69
CA GLN E 326 -44.91 -32.91 -28.12
C GLN E 326 -43.51 -33.08 -28.72
N SER E 331 -40.13 -44.64 -25.72
CA SER E 331 -40.79 -43.41 -26.13
C SER E 331 -41.10 -42.54 -24.91
N VAL E 332 -41.17 -43.16 -23.74
CA VAL E 332 -41.46 -42.44 -22.51
C VAL E 332 -40.36 -41.41 -22.24
N SER E 333 -39.10 -41.78 -22.48
CA SER E 333 -38.01 -40.85 -22.29
C SER E 333 -38.19 -39.60 -23.13
N GLU E 334 -38.77 -39.76 -24.33
CA GLU E 334 -39.06 -38.59 -25.16
C GLU E 334 -40.08 -37.68 -24.48
N ASP E 335 -41.09 -38.26 -23.83
CA ASP E 335 -42.05 -37.45 -23.11
C ASP E 335 -41.40 -36.72 -21.95
N TRP E 336 -40.50 -37.40 -21.23
CA TRP E 336 -39.69 -36.75 -20.21
C TRP E 336 -39.01 -35.50 -20.78
N LYS E 337 -38.23 -35.71 -21.84
CA LYS E 337 -37.49 -34.63 -22.46
C LYS E 337 -38.40 -33.48 -22.85
N TYR E 338 -39.59 -33.80 -23.35
CA TYR E 338 -40.50 -32.75 -23.78
C TYR E 338 -41.05 -31.97 -22.60
N VAL E 339 -41.36 -32.66 -21.50
CA VAL E 339 -41.77 -31.97 -20.29
C VAL E 339 -40.69 -30.98 -19.87
N ALA E 340 -39.44 -31.43 -19.91
CA ALA E 340 -38.33 -30.54 -19.55
C ALA E 340 -38.30 -29.31 -20.44
N MET E 341 -38.38 -29.53 -21.76
CA MET E 341 -38.41 -28.42 -22.71
C MET E 341 -39.51 -27.42 -22.35
N VAL E 342 -40.72 -27.94 -22.11
CA VAL E 342 -41.86 -27.08 -21.81
C VAL E 342 -41.56 -26.20 -20.59
N ILE E 343 -41.16 -26.84 -19.49
CA ILE E 343 -40.98 -26.10 -18.25
C ILE E 343 -39.88 -25.06 -18.40
N ASP E 344 -38.80 -25.41 -19.11
CA ASP E 344 -37.70 -24.46 -19.25
C ASP E 344 -38.14 -23.26 -20.09
N ARG E 345 -38.97 -23.50 -21.12
CA ARG E 345 -39.45 -22.37 -21.91
C ARG E 345 -40.34 -21.46 -21.09
N LEU E 346 -41.19 -22.04 -20.25
CA LEU E 346 -42.02 -21.21 -19.36
C LEU E 346 -41.14 -20.33 -18.48
N PHE E 347 -40.11 -20.92 -17.86
CA PHE E 347 -39.24 -20.14 -17.01
C PHE E 347 -38.53 -19.05 -17.81
N LEU E 348 -38.11 -19.37 -19.04
CA LEU E 348 -37.48 -18.37 -19.90
C LEU E 348 -38.40 -17.17 -20.09
N TRP E 349 -39.66 -17.44 -20.39
CA TRP E 349 -40.64 -16.37 -20.59
C TRP E 349 -40.69 -15.46 -19.36
N ILE E 350 -40.94 -16.05 -18.19
CA ILE E 350 -41.11 -15.20 -17.02
C ILE E 350 -39.80 -14.48 -16.68
N PHE E 351 -38.66 -15.08 -17.00
CA PHE E 351 -37.39 -14.44 -16.66
C PHE E 351 -37.12 -13.24 -17.55
N VAL E 352 -37.37 -13.35 -18.85
CA VAL E 352 -37.21 -12.18 -19.71
C VAL E 352 -38.18 -11.10 -19.31
N PHE E 353 -39.41 -11.50 -18.92
CA PHE E 353 -40.37 -10.51 -18.42
C PHE E 353 -39.80 -9.76 -17.22
N VAL E 354 -39.23 -10.49 -16.26
CA VAL E 354 -38.72 -9.85 -15.05
C VAL E 354 -37.50 -8.99 -15.36
N CYS E 355 -36.69 -9.41 -16.33
CA CYS E 355 -35.54 -8.59 -16.71
C CYS E 355 -36.00 -7.25 -17.25
N VAL E 356 -36.98 -7.26 -18.16
CA VAL E 356 -37.53 -6.00 -18.64
C VAL E 356 -38.14 -5.20 -17.51
N PHE E 357 -38.82 -5.89 -16.59
CA PHE E 357 -39.43 -5.22 -15.45
C PHE E 357 -38.40 -4.47 -14.62
N GLY E 358 -37.25 -5.10 -14.37
CA GLY E 358 -36.21 -4.43 -13.60
C GLY E 358 -35.60 -3.26 -14.37
N THR E 359 -35.30 -3.48 -15.65
CA THR E 359 -34.80 -2.37 -16.47
C THR E 359 -35.74 -1.18 -16.40
N ILE E 360 -37.04 -1.44 -16.32
CA ILE E 360 -38.01 -0.35 -16.13
C ILE E 360 -37.87 0.22 -14.73
N GLY E 361 -37.74 -0.65 -13.73
CA GLY E 361 -37.62 -0.21 -12.35
C GLY E 361 -36.48 0.76 -12.15
N MET E 362 -35.47 0.70 -13.02
CA MET E 362 -34.37 1.66 -12.91
C MET E 362 -34.78 3.06 -13.34
N PHE E 363 -35.67 3.17 -14.32
CA PHE E 363 -36.12 4.49 -14.78
C PHE E 363 -37.03 5.14 -13.75
#